data_4U1D
#
_entry.id   4U1D
#
_cell.length_a   242.530
_cell.length_b   158.270
_cell.length_c   93.740
_cell.angle_alpha   90.00
_cell.angle_beta   104.21
_cell.angle_gamma   90.00
#
_symmetry.space_group_name_H-M   'C 1 2 1'
#
_entity_poly.entity_id   1
_entity_poly.type   'polypeptide(L)'
_entity_poly.pdbx_seq_one_letter_code
;SNAMAPPPFRPENAIKRADELISVGEKQAALQSLHDFITARRIRWATPSTVEPVVFKFLEIGVELKKGKLLKDGLHQYKK
LIQGSTEGLVSVGAVARKFIDLVESKIASEQTRADELQKQEIDDDLEGGVTPENLLISVYESDQSVAGFNDEAITSWLRF
TWESYRAVLDLLRNNALLEITYSGVVKKTMHFCLKYQRKNEFKRLAEMLRQHLDAANYQQSKSGNNLVDLSDADTLQRYL
DQRFQQVDVSVKLELWHEAYRSIEDVFHLMKISKRAPKPSTLANYYENLVKVFFVSGDPLLHTTAWKKFYKLYSTNPRAT
EEEFKTYSSTIFLSAISTQLDEIPSIGYDPHLRMYRLLNLDAKPTRKEMLQSIIEDESIYGKVDEELKELYDIIEVNFDV
DTVKQQLENLLVKLSSKTYFSQYIAPLRDVIMRRVFVAASQKFTTVSQSELYKLATLPAPLDLSAWDIEKSLLQAAVEDY
VSITIDHESAKVTFAKD
;
_entity_poly.pdbx_strand_id   C,B,A
#
# COMPACT_ATOMS: atom_id res chain seq x y z
N PHE A 9 17.36 58.44 -25.40
CA PHE A 9 17.79 58.99 -26.68
C PHE A 9 17.03 58.40 -27.85
N ARG A 10 17.78 57.81 -28.77
CA ARG A 10 17.21 57.25 -30.00
C ARG A 10 17.49 55.75 -30.12
N PRO A 11 16.54 54.99 -30.70
CA PRO A 11 16.70 53.54 -30.88
C PRO A 11 17.78 53.22 -31.93
N GLU A 12 17.85 54.02 -32.98
CA GLU A 12 18.85 53.83 -34.03
C GLU A 12 20.24 53.91 -33.41
N ASN A 13 20.44 54.92 -32.57
CA ASN A 13 21.70 55.12 -31.87
C ASN A 13 22.05 53.92 -31.00
N ALA A 14 21.04 53.34 -30.37
CA ALA A 14 21.22 52.18 -29.50
C ALA A 14 21.70 50.97 -30.29
N ILE A 15 21.02 50.71 -31.41
CA ILE A 15 21.38 49.60 -32.28
C ILE A 15 22.79 49.79 -32.83
N LYS A 16 23.09 51.01 -33.28
CA LYS A 16 24.42 51.33 -33.79
C LYS A 16 25.49 51.04 -32.74
N ARG A 17 25.29 51.55 -31.52
CA ARG A 17 26.28 51.33 -30.47
C ARG A 17 26.46 49.84 -30.17
N ALA A 18 25.38 49.07 -30.29
CA ALA A 18 25.48 47.62 -30.12
C ALA A 18 26.35 46.96 -31.20
N ASP A 19 26.00 47.25 -32.45
CA ASP A 19 26.73 46.73 -33.61
C ASP A 19 28.20 47.11 -33.56
N GLU A 20 28.50 48.31 -33.06
CA GLU A 20 29.87 48.74 -32.90
C GLU A 20 30.57 47.95 -31.80
N LEU A 21 29.87 47.73 -30.68
CA LEU A 21 30.45 46.98 -29.57
C LEU A 21 30.71 45.51 -29.87
N ILE A 22 30.00 44.95 -30.85
CA ILE A 22 30.28 43.56 -31.19
C ILE A 22 31.54 43.45 -32.05
N SER A 23 31.80 44.50 -32.82
CA SER A 23 32.98 44.53 -33.68
C SER A 23 34.29 44.57 -32.88
N VAL A 24 34.24 45.14 -31.68
CA VAL A 24 35.40 45.21 -30.80
C VAL A 24 35.49 43.93 -29.96
N GLY A 25 34.50 43.04 -30.13
CA GLY A 25 34.53 41.76 -29.44
C GLY A 25 33.90 41.88 -28.08
N GLU A 26 33.33 43.05 -27.80
CA GLU A 26 32.63 43.30 -26.56
C GLU A 26 31.18 42.87 -26.67
N LYS A 27 30.97 41.60 -27.01
CA LYS A 27 29.63 41.06 -27.20
C LYS A 27 28.79 41.24 -25.94
N GLN A 28 29.34 40.85 -24.81
CA GLN A 28 28.62 40.96 -23.53
C GLN A 28 28.30 42.40 -23.17
N ALA A 29 29.23 43.31 -23.50
CA ALA A 29 29.00 44.74 -23.25
C ALA A 29 27.91 45.30 -24.16
N ALA A 30 27.78 44.71 -25.35
CA ALA A 30 26.73 45.09 -26.28
C ALA A 30 25.35 44.66 -25.80
N LEU A 31 25.26 43.41 -25.34
CA LEU A 31 24.02 42.89 -24.78
C LEU A 31 23.63 43.74 -23.57
N GLN A 32 24.61 43.99 -22.71
CA GLN A 32 24.37 44.78 -21.51
C GLN A 32 23.98 46.21 -21.85
N SER A 33 24.46 46.71 -22.98
CA SER A 33 24.12 48.07 -23.40
C SER A 33 22.65 48.16 -23.79
N LEU A 34 22.18 47.15 -24.54
CA LEU A 34 20.79 47.12 -24.97
C LEU A 34 19.84 46.90 -23.80
N HIS A 35 20.25 46.05 -22.86
CA HIS A 35 19.48 45.82 -21.65
C HIS A 35 19.18 47.12 -20.94
N ASP A 36 20.22 47.94 -20.80
CA ASP A 36 20.11 49.24 -20.14
C ASP A 36 19.07 50.15 -20.82
N PHE A 37 19.05 50.10 -22.14
CA PHE A 37 18.18 50.97 -22.92
C PHE A 37 16.70 50.60 -22.76
N ILE A 38 16.39 49.32 -22.89
CA ILE A 38 15.02 48.84 -22.85
C ILE A 38 14.44 48.70 -21.45
N THR A 39 15.28 48.72 -20.42
CA THR A 39 14.78 48.69 -19.05
C THR A 39 14.89 50.07 -18.40
N ALA A 40 15.13 51.09 -19.23
CA ALA A 40 15.25 52.47 -18.77
C ALA A 40 13.93 53.01 -18.27
N ARG A 41 13.99 53.95 -17.33
CA ARG A 41 12.77 54.49 -16.74
C ARG A 41 11.94 55.27 -17.76
N ARG A 42 12.60 55.76 -18.79
CA ARG A 42 11.92 56.55 -19.82
C ARG A 42 11.06 55.67 -20.75
N ILE A 43 11.18 54.36 -20.65
CA ILE A 43 10.49 53.47 -21.57
C ILE A 43 9.00 53.40 -21.28
N ARG A 44 8.59 53.80 -20.08
CA ARG A 44 7.18 53.73 -19.69
C ARG A 44 6.31 54.64 -20.55
N TRP A 45 6.91 55.67 -21.12
CA TRP A 45 6.15 56.65 -21.89
C TRP A 45 6.41 56.53 -23.37
N ALA A 46 7.52 55.87 -23.71
CA ALA A 46 7.87 55.67 -25.12
C ALA A 46 6.81 54.84 -25.82
N THR A 47 6.66 55.07 -27.12
CA THR A 47 5.74 54.28 -27.93
C THR A 47 6.31 52.87 -28.03
N PRO A 48 5.53 51.86 -27.64
CA PRO A 48 6.04 50.48 -27.62
C PRO A 48 6.54 50.09 -29.01
N SER A 49 5.82 50.56 -30.02
CA SER A 49 6.14 50.26 -31.40
C SER A 49 7.56 50.65 -31.78
N THR A 50 8.03 51.78 -31.24
CA THR A 50 9.30 52.34 -31.67
C THR A 50 10.48 52.01 -30.76
N VAL A 51 10.27 51.13 -29.80
CA VAL A 51 11.33 50.65 -28.92
C VAL A 51 11.50 49.15 -29.10
N GLU A 52 10.39 48.51 -29.46
CA GLU A 52 10.36 47.06 -29.76
C GLU A 52 11.50 46.53 -30.64
N PRO A 53 11.91 47.29 -31.70
CA PRO A 53 13.05 46.80 -32.48
C PRO A 53 14.34 46.67 -31.67
N VAL A 54 14.53 47.55 -30.69
CA VAL A 54 15.69 47.44 -29.83
C VAL A 54 15.58 46.19 -28.97
N VAL A 55 14.36 45.86 -28.54
CA VAL A 55 14.12 44.67 -27.73
C VAL A 55 14.38 43.42 -28.58
N PHE A 56 14.01 43.49 -29.85
CA PHE A 56 14.33 42.44 -30.81
C PHE A 56 15.83 42.23 -30.92
N LYS A 57 16.58 43.32 -31.04
CA LYS A 57 18.04 43.26 -31.15
C LYS A 57 18.62 42.68 -29.86
N PHE A 58 18.07 43.09 -28.73
CA PHE A 58 18.46 42.60 -27.42
C PHE A 58 18.26 41.09 -27.34
N LEU A 59 17.16 40.61 -27.93
CA LEU A 59 16.87 39.18 -27.93
C LEU A 59 17.81 38.43 -28.86
N GLU A 60 18.11 39.01 -30.02
CA GLU A 60 18.99 38.37 -30.98
C GLU A 60 20.36 38.08 -30.35
N ILE A 61 20.97 39.12 -29.78
CA ILE A 61 22.26 38.98 -29.11
C ILE A 61 22.20 38.07 -27.88
N GLY A 62 21.17 38.24 -27.05
CA GLY A 62 21.04 37.46 -25.83
C GLY A 62 20.94 35.97 -26.05
N VAL A 63 20.31 35.58 -27.16
CA VAL A 63 20.22 34.17 -27.52
C VAL A 63 21.56 33.59 -27.96
N GLU A 64 22.28 34.33 -28.79
CA GLU A 64 23.60 33.87 -29.23
C GLU A 64 24.55 33.68 -28.06
N LEU A 65 24.55 34.62 -27.13
CA LEU A 65 25.46 34.52 -25.98
C LEU A 65 24.91 33.61 -24.88
N LYS A 66 23.73 33.04 -25.11
CA LYS A 66 23.05 32.16 -24.15
C LYS A 66 22.91 32.75 -22.75
N LYS A 67 22.68 34.06 -22.69
CA LYS A 67 22.48 34.77 -21.42
C LYS A 67 21.03 34.72 -20.96
N GLY A 68 20.57 33.53 -20.57
CA GLY A 68 19.18 33.32 -20.20
C GLY A 68 18.62 34.20 -19.09
N LYS A 69 19.41 34.45 -18.05
CA LYS A 69 18.97 35.31 -16.95
C LYS A 69 18.72 36.75 -17.40
N LEU A 70 19.69 37.31 -18.11
CA LEU A 70 19.60 38.68 -18.57
C LEU A 70 18.41 38.85 -19.53
N LEU A 71 18.17 37.84 -20.38
CA LEU A 71 17.02 37.86 -21.26
C LEU A 71 15.71 37.93 -20.47
N LYS A 72 15.59 37.06 -19.47
CA LYS A 72 14.40 36.98 -18.63
C LYS A 72 14.20 38.31 -17.91
N ASP A 73 15.29 38.84 -17.37
CA ASP A 73 15.23 40.09 -16.62
C ASP A 73 14.89 41.24 -17.54
N GLY A 74 15.43 41.20 -18.76
CA GLY A 74 15.10 42.19 -19.77
C GLY A 74 13.61 42.22 -20.06
N LEU A 75 13.04 41.06 -20.39
CA LEU A 75 11.64 40.96 -20.73
C LEU A 75 10.72 41.39 -19.61
N HIS A 76 10.93 40.82 -18.42
CA HIS A 76 10.10 41.13 -17.27
C HIS A 76 10.15 42.61 -16.92
N GLN A 77 11.36 43.16 -16.86
CA GLN A 77 11.53 44.57 -16.51
C GLN A 77 10.92 45.47 -17.59
N TYR A 78 11.05 45.08 -18.85
CA TYR A 78 10.48 45.82 -19.96
C TYR A 78 8.96 45.80 -19.95
N LYS A 79 8.40 44.63 -19.69
CA LYS A 79 6.96 44.46 -19.63
C LYS A 79 6.36 45.33 -18.53
N LYS A 80 7.01 45.37 -17.38
CA LYS A 80 6.52 46.17 -16.26
C LYS A 80 6.44 47.63 -16.64
N LEU A 81 7.31 48.06 -17.54
CA LEU A 81 7.35 49.45 -17.99
C LEU A 81 6.29 49.73 -19.05
N ILE A 82 5.98 48.71 -19.83
CA ILE A 82 5.25 48.91 -21.07
C ILE A 82 3.78 48.46 -21.01
N GLN A 83 3.46 47.62 -20.03
CA GLN A 83 2.13 46.98 -19.94
C GLN A 83 0.96 47.91 -19.64
N GLY A 84 1.22 49.22 -19.63
CA GLY A 84 0.18 50.19 -19.32
C GLY A 84 -0.83 50.35 -20.44
N SER A 85 -0.36 50.30 -21.68
CA SER A 85 -1.22 50.51 -22.83
C SER A 85 -1.59 49.17 -23.48
N THR A 86 -2.57 49.21 -24.38
CA THR A 86 -2.94 48.01 -25.13
C THR A 86 -1.79 47.69 -26.08
N GLU A 87 -1.29 48.72 -26.75
CA GLU A 87 -0.14 48.59 -27.62
C GLU A 87 1.06 48.05 -26.85
N GLY A 88 1.11 48.39 -25.57
CA GLY A 88 2.13 47.87 -24.68
C GLY A 88 2.06 46.37 -24.54
N LEU A 89 0.90 45.85 -24.17
CA LEU A 89 0.73 44.41 -24.03
C LEU A 89 0.95 43.69 -25.35
N VAL A 90 0.52 44.32 -26.44
CA VAL A 90 0.77 43.78 -27.77
C VAL A 90 2.26 43.61 -28.02
N SER A 91 3.02 44.66 -27.74
CA SER A 91 4.47 44.61 -27.88
C SER A 91 5.09 43.53 -27.00
N VAL A 92 4.57 43.37 -25.78
CA VAL A 92 5.02 42.30 -24.91
C VAL A 92 4.85 40.94 -25.57
N GLY A 93 3.63 40.63 -25.99
CA GLY A 93 3.37 39.35 -26.64
C GLY A 93 4.21 39.13 -27.88
N ALA A 94 4.45 40.20 -28.62
CA ALA A 94 5.18 40.13 -29.89
C ALA A 94 6.64 39.84 -29.63
N VAL A 95 7.13 40.41 -28.53
CA VAL A 95 8.52 40.21 -28.15
C VAL A 95 8.73 38.82 -27.55
N ALA A 96 7.68 38.31 -26.91
CA ALA A 96 7.70 36.93 -26.42
C ALA A 96 7.82 35.99 -27.62
N ARG A 97 6.95 36.19 -28.60
CA ARG A 97 6.99 35.40 -29.82
C ARG A 97 8.35 35.46 -30.52
N LYS A 98 8.91 36.66 -30.63
CA LYS A 98 10.24 36.83 -31.22
C LYS A 98 11.27 35.97 -30.50
N PHE A 99 11.30 36.07 -29.18
CA PHE A 99 12.22 35.27 -28.34
C PHE A 99 12.09 33.78 -28.66
N ILE A 100 10.86 33.28 -28.57
CA ILE A 100 10.61 31.86 -28.86
C ILE A 100 11.07 31.47 -30.27
N ASP A 101 10.80 32.32 -31.26
CA ASP A 101 11.17 32.00 -32.64
C ASP A 101 12.69 31.97 -32.80
N LEU A 102 13.37 32.82 -32.04
CA LEU A 102 14.83 32.85 -32.05
C LEU A 102 15.44 31.57 -31.47
N VAL A 103 15.01 31.17 -30.29
CA VAL A 103 15.58 29.97 -29.68
C VAL A 103 15.18 28.72 -30.50
N GLU A 104 13.96 28.75 -31.04
CA GLU A 104 13.47 27.65 -31.87
C GLU A 104 14.24 27.53 -33.18
N SER A 105 14.83 28.64 -33.64
CA SER A 105 15.71 28.57 -34.80
C SER A 105 17.06 28.01 -34.38
N LYS A 106 17.49 28.34 -33.17
CA LYS A 106 18.76 27.77 -32.67
C LYS A 106 18.74 26.25 -32.50
N ILE A 107 17.64 25.68 -32.02
CA ILE A 107 17.55 24.21 -32.02
C ILE A 107 17.65 23.66 -33.45
N ALA A 108 17.00 24.32 -34.40
CA ALA A 108 17.07 23.91 -35.80
C ALA A 108 18.52 23.90 -36.31
N SER A 109 19.26 24.97 -36.02
CA SER A 109 20.66 25.03 -36.45
C SER A 109 21.52 23.96 -35.78
N GLU A 110 21.44 23.85 -34.44
CA GLU A 110 22.22 22.87 -33.68
C GLU A 110 21.81 21.41 -33.94
N ILE A 154 25.00 21.05 -27.35
CA ILE A 154 23.62 20.91 -27.77
C ILE A 154 22.73 20.52 -26.59
N THR A 155 23.32 19.86 -25.59
CA THR A 155 22.60 19.56 -24.33
C THR A 155 22.19 20.84 -23.62
N SER A 156 23.17 21.73 -23.45
CA SER A 156 22.95 23.02 -22.83
C SER A 156 22.04 23.88 -23.71
N TRP A 157 21.98 23.54 -25.00
CA TRP A 157 21.07 24.20 -25.93
C TRP A 157 19.62 23.74 -25.76
N LEU A 158 19.42 22.44 -25.54
CA LEU A 158 18.10 21.95 -25.16
C LEU A 158 17.65 22.55 -23.83
N ARG A 159 18.52 22.52 -22.82
CA ARG A 159 18.18 23.12 -21.53
C ARG A 159 17.90 24.61 -21.66
N PHE A 160 18.67 25.28 -22.52
CA PHE A 160 18.45 26.69 -22.80
C PHE A 160 17.06 26.90 -23.38
N THR A 161 16.71 26.05 -24.35
CA THR A 161 15.40 26.09 -24.97
C THR A 161 14.26 25.88 -23.96
N TRP A 162 14.44 24.88 -23.11
CA TRP A 162 13.45 24.62 -22.06
C TRP A 162 13.29 25.84 -21.18
N GLU A 163 14.42 26.37 -20.70
CA GLU A 163 14.40 27.53 -19.83
C GLU A 163 13.73 28.73 -20.49
N SER A 164 13.86 28.80 -21.82
CA SER A 164 13.27 29.86 -22.61
C SER A 164 11.75 29.72 -22.71
N TYR A 165 11.29 28.53 -23.11
CA TYR A 165 9.87 28.20 -23.09
C TYR A 165 9.25 28.49 -21.73
N ARG A 166 9.92 27.99 -20.69
CA ARG A 166 9.48 28.13 -19.31
C ARG A 166 9.35 29.60 -18.95
N ALA A 167 10.39 30.37 -19.25
CA ALA A 167 10.42 31.79 -18.93
C ALA A 167 9.30 32.56 -19.61
N VAL A 168 9.09 32.29 -20.90
CA VAL A 168 8.05 32.96 -21.65
C VAL A 168 6.67 32.62 -21.09
N LEU A 169 6.45 31.35 -20.75
CA LEU A 169 5.17 30.96 -20.14
C LEU A 169 4.93 31.64 -18.80
N ASP A 170 5.99 31.77 -18.00
CA ASP A 170 5.89 32.37 -16.68
C ASP A 170 5.75 33.90 -16.82
N LEU A 171 6.06 34.41 -18.01
CA LEU A 171 5.97 35.84 -18.30
C LEU A 171 4.57 36.22 -18.77
N LEU A 172 4.00 35.35 -19.59
CA LEU A 172 2.67 35.56 -20.17
C LEU A 172 1.51 35.07 -19.29
N ARG A 173 1.83 34.48 -18.15
CA ARG A 173 0.81 33.85 -17.29
C ARG A 173 -0.31 34.80 -16.85
N ASN A 174 -1.54 34.30 -16.91
CA ASN A 174 -2.71 34.99 -16.39
C ASN A 174 -2.88 36.45 -16.83
N ASN A 175 -2.89 36.65 -18.14
CA ASN A 175 -3.12 37.96 -18.73
C ASN A 175 -4.06 37.83 -19.92
N ALA A 176 -5.24 38.44 -19.78
CA ALA A 176 -6.29 38.41 -20.80
C ALA A 176 -5.83 38.73 -22.21
N LEU A 177 -4.93 39.70 -22.35
CA LEU A 177 -4.45 40.11 -23.66
C LEU A 177 -3.36 39.20 -24.21
N LEU A 178 -2.75 38.41 -23.33
CA LEU A 178 -1.67 37.53 -23.73
C LEU A 178 -2.10 36.07 -23.76
N GLU A 179 -3.39 35.81 -23.60
CA GLU A 179 -3.91 34.45 -23.50
C GLU A 179 -3.60 33.68 -24.77
N ILE A 180 -3.72 34.35 -25.91
CA ILE A 180 -3.49 33.68 -27.19
C ILE A 180 -2.03 33.28 -27.38
N THR A 181 -1.11 34.19 -27.08
CA THR A 181 0.31 33.90 -27.22
C THR A 181 0.75 32.83 -26.21
N TYR A 182 0.27 32.92 -24.98
CA TYR A 182 0.56 31.92 -23.96
C TYR A 182 0.08 30.54 -24.38
N SER A 183 -1.14 30.46 -24.86
CA SER A 183 -1.71 29.19 -25.31
C SER A 183 -0.89 28.63 -26.46
N GLY A 184 -0.32 29.52 -27.26
CA GLY A 184 0.56 29.12 -28.35
C GLY A 184 1.85 28.51 -27.83
N VAL A 185 2.48 29.19 -26.88
CA VAL A 185 3.75 28.73 -26.29
C VAL A 185 3.58 27.44 -25.52
N VAL A 186 2.44 27.27 -24.85
CA VAL A 186 2.14 26.02 -24.16
C VAL A 186 2.16 24.85 -25.13
N LYS A 187 1.47 25.02 -26.27
CA LYS A 187 1.42 23.97 -27.28
C LYS A 187 2.81 23.69 -27.84
N LYS A 188 3.59 24.75 -28.08
CA LYS A 188 4.94 24.60 -28.59
C LYS A 188 5.84 23.90 -27.57
N THR A 189 5.66 24.22 -26.30
CA THR A 189 6.46 23.62 -25.25
C THR A 189 6.13 22.14 -25.09
N MET A 190 4.84 21.79 -25.21
CA MET A 190 4.48 20.38 -25.09
C MET A 190 4.95 19.58 -26.29
N HIS A 191 4.94 20.19 -27.48
CA HIS A 191 5.44 19.52 -28.66
C HIS A 191 6.94 19.30 -28.54
N PHE A 192 7.62 20.22 -27.87
CA PHE A 192 9.06 20.15 -27.66
C PHE A 192 9.44 19.00 -26.73
N CYS A 193 8.70 18.85 -25.63
CA CYS A 193 8.96 17.78 -24.67
C CYS A 193 8.76 16.40 -25.28
N LEU A 194 7.73 16.27 -26.11
CA LEU A 194 7.44 14.99 -26.75
C LEU A 194 8.48 14.71 -27.82
N LYS A 195 8.89 15.75 -28.54
CA LYS A 195 9.81 15.63 -29.67
C LYS A 195 11.22 15.27 -29.21
N TYR A 196 11.55 15.65 -27.97
CA TYR A 196 12.88 15.38 -27.44
C TYR A 196 12.84 14.53 -26.16
N GLN A 197 11.69 13.87 -25.94
CA GLN A 197 11.49 12.93 -24.83
C GLN A 197 11.99 13.44 -23.47
N ARG A 198 11.83 14.73 -23.26
CA ARG A 198 12.28 15.41 -22.05
C ARG A 198 11.26 15.23 -20.93
N LYS A 199 11.19 14.02 -20.39
CA LYS A 199 10.16 13.66 -19.43
C LYS A 199 10.20 14.46 -18.13
N ASN A 200 11.39 14.67 -17.57
CA ASN A 200 11.52 15.43 -16.33
C ASN A 200 11.02 16.86 -16.42
N GLU A 201 11.36 17.51 -17.53
CA GLU A 201 10.97 18.89 -17.74
C GLU A 201 9.47 18.97 -17.98
N PHE A 202 8.93 17.97 -18.69
CA PHE A 202 7.50 17.90 -18.92
C PHE A 202 6.71 17.85 -17.61
N LYS A 203 7.15 17.00 -16.69
CA LYS A 203 6.49 16.88 -15.39
C LYS A 203 6.43 18.22 -14.68
N ARG A 204 7.51 19.00 -14.79
CA ARG A 204 7.58 20.32 -14.17
C ARG A 204 6.72 21.35 -14.91
N LEU A 205 6.65 21.22 -16.22
CA LEU A 205 5.78 22.06 -17.05
C LEU A 205 4.34 21.89 -16.60
N ALA A 206 3.93 20.63 -16.46
CA ALA A 206 2.57 20.29 -16.07
C ALA A 206 2.25 20.92 -14.73
N GLU A 207 3.20 20.87 -13.81
CA GLU A 207 3.02 21.45 -12.49
C GLU A 207 2.88 22.96 -12.60
N MET A 208 3.64 23.57 -13.50
CA MET A 208 3.58 25.01 -13.69
C MET A 208 2.22 25.45 -14.17
N LEU A 209 1.68 24.70 -15.12
CA LEU A 209 0.37 25.01 -15.67
C LEU A 209 -0.71 24.88 -14.59
N ARG A 210 -0.50 23.96 -13.66
CA ARG A 210 -1.43 23.81 -12.55
C ARG A 210 -1.41 25.03 -11.64
N GLN A 211 -0.22 25.49 -11.29
CA GLN A 211 -0.08 26.65 -10.42
C GLN A 211 -0.65 27.90 -11.08
N HIS A 212 -0.49 27.98 -12.40
CA HIS A 212 -1.03 29.09 -13.16
C HIS A 212 -2.55 29.17 -13.02
N LEU A 213 -3.20 28.02 -13.14
CA LEU A 213 -4.65 27.96 -13.10
C LEU A 213 -5.16 28.22 -11.70
N ASP A 214 -4.38 27.81 -10.70
CA ASP A 214 -4.72 28.07 -9.31
C ASP A 214 -4.75 29.56 -9.00
N ALA A 215 -3.83 30.29 -9.62
CA ALA A 215 -3.77 31.74 -9.48
C ALA A 215 -4.92 32.41 -10.22
N ALA A 216 -5.29 31.85 -11.36
CA ALA A 216 -6.40 32.38 -12.13
C ALA A 216 -7.67 32.28 -11.29
N ASN A 217 -7.89 31.11 -10.70
CA ASN A 217 -9.05 30.90 -9.86
C ASN A 217 -9.09 31.84 -8.66
N TYR A 218 -7.93 32.16 -8.10
CA TYR A 218 -7.91 33.03 -6.93
C TYR A 218 -8.22 34.46 -7.36
N GLN A 219 -7.87 34.78 -8.60
CA GLN A 219 -8.02 36.14 -9.08
C GLN A 219 -9.39 36.38 -9.71
N GLN A 220 -10.17 35.32 -9.86
CA GLN A 220 -11.50 35.42 -10.47
C GLN A 220 -12.38 36.43 -9.74
N SER A 221 -12.35 36.35 -8.42
CA SER A 221 -13.13 37.26 -7.60
C SER A 221 -12.32 38.50 -7.24
N LYS A 222 -11.81 39.20 -8.25
CA LYS A 222 -11.00 40.39 -7.99
C LYS A 222 -11.33 41.53 -8.94
N SER A 223 -12.00 41.19 -10.05
CA SER A 223 -12.53 42.15 -11.03
C SER A 223 -11.50 43.17 -11.56
N GLY A 224 -10.22 42.83 -11.46
CA GLY A 224 -9.16 43.66 -12.01
C GLY A 224 -9.10 43.60 -13.52
N ASN A 225 -8.59 44.66 -14.13
CA ASN A 225 -8.47 44.70 -15.59
C ASN A 225 -7.34 43.81 -16.09
N ASN A 226 -7.50 43.31 -17.31
CA ASN A 226 -6.55 42.40 -17.94
C ASN A 226 -6.36 41.09 -17.20
N LEU A 227 -7.34 40.73 -16.36
CA LEU A 227 -7.30 39.46 -15.66
C LEU A 227 -8.03 38.40 -16.46
N VAL A 228 -7.57 37.17 -16.34
CA VAL A 228 -8.20 36.06 -17.04
C VAL A 228 -9.63 35.83 -16.54
N ASP A 229 -10.57 35.69 -17.48
CA ASP A 229 -11.95 35.43 -17.11
C ASP A 229 -12.30 33.98 -17.38
N LEU A 230 -12.26 33.16 -16.33
CA LEU A 230 -12.56 31.74 -16.45
C LEU A 230 -14.04 31.47 -16.71
N SER A 231 -14.82 32.55 -16.75
CA SER A 231 -16.22 32.47 -17.12
C SER A 231 -16.39 32.39 -18.63
N ASP A 232 -15.49 33.03 -19.37
CA ASP A 232 -15.54 33.04 -20.82
C ASP A 232 -15.17 31.69 -21.46
N ALA A 233 -15.97 31.26 -22.44
CA ALA A 233 -15.79 29.94 -23.05
C ALA A 233 -14.54 29.88 -23.91
N ASP A 234 -14.20 30.99 -24.56
CA ASP A 234 -12.99 31.04 -25.41
C ASP A 234 -11.74 30.86 -24.57
N THR A 235 -11.67 31.54 -23.43
CA THR A 235 -10.56 31.37 -22.51
C THR A 235 -10.47 29.90 -22.09
N LEU A 236 -11.61 29.29 -21.77
CA LEU A 236 -11.65 27.90 -21.35
C LEU A 236 -11.30 26.95 -22.49
N GLN A 237 -11.78 27.26 -23.69
CA GLN A 237 -11.55 26.40 -24.84
C GLN A 237 -10.04 26.22 -25.04
N ARG A 238 -9.28 27.28 -24.79
CA ARG A 238 -7.84 27.21 -24.89
C ARG A 238 -7.20 26.43 -23.75
N TYR A 239 -7.58 26.78 -22.52
CA TYR A 239 -7.08 26.10 -21.33
C TYR A 239 -7.37 24.61 -21.38
N LEU A 240 -8.59 24.26 -21.77
CA LEU A 240 -8.98 22.86 -21.85
C LEU A 240 -8.18 22.15 -22.93
N ASP A 241 -7.96 22.84 -24.04
CA ASP A 241 -7.19 22.28 -25.14
C ASP A 241 -5.77 21.96 -24.68
N GLN A 242 -5.22 22.83 -23.83
CA GLN A 242 -3.86 22.62 -23.32
C GLN A 242 -3.83 21.39 -22.43
N ARG A 243 -4.80 21.29 -21.51
CA ARG A 243 -4.89 20.15 -20.62
C ARG A 243 -5.16 18.87 -21.40
N PHE A 244 -5.98 18.94 -22.44
CA PHE A 244 -6.20 17.78 -23.30
C PHE A 244 -4.90 17.28 -23.90
N GLN A 245 -4.05 18.22 -24.28
CA GLN A 245 -2.78 17.91 -24.91
C GLN A 245 -1.80 17.43 -23.86
N GLN A 246 -1.91 17.96 -22.65
CA GLN A 246 -1.10 17.53 -21.52
C GLN A 246 -1.27 16.03 -21.30
N VAL A 247 -2.51 15.54 -21.39
CA VAL A 247 -2.80 14.10 -21.29
C VAL A 247 -2.17 13.30 -22.44
N ASP A 248 -2.26 13.82 -23.66
CA ASP A 248 -1.72 13.10 -24.82
C ASP A 248 -0.22 12.86 -24.70
N VAL A 249 0.52 13.91 -24.40
CA VAL A 249 1.98 13.80 -24.25
C VAL A 249 2.32 12.87 -23.10
N SER A 250 1.57 12.98 -22.01
CA SER A 250 1.76 12.11 -20.85
C SER A 250 1.69 10.65 -21.24
N VAL A 251 0.68 10.31 -22.04
CA VAL A 251 0.47 8.95 -22.50
C VAL A 251 1.56 8.49 -23.48
N LYS A 252 1.98 9.41 -24.35
CA LYS A 252 2.99 9.09 -25.35
C LYS A 252 4.38 8.94 -24.73
N LEU A 253 4.61 9.65 -23.63
CA LEU A 253 5.87 9.54 -22.91
C LEU A 253 5.80 8.47 -21.83
N GLU A 254 4.66 7.77 -21.79
CA GLU A 254 4.46 6.67 -20.85
C GLU A 254 4.65 7.06 -19.39
N LEU A 255 4.41 8.33 -19.07
CA LEU A 255 4.39 8.81 -17.69
C LEU A 255 2.98 8.62 -17.14
N TRP A 256 2.64 7.39 -16.79
CA TRP A 256 1.27 7.05 -16.42
C TRP A 256 0.78 7.75 -15.17
N HIS A 257 1.67 7.95 -14.22
CA HIS A 257 1.29 8.66 -13.00
C HIS A 257 0.90 10.09 -13.33
N GLU A 258 1.65 10.70 -14.24
CA GLU A 258 1.36 12.07 -14.66
C GLU A 258 0.12 12.11 -15.54
N ALA A 259 -0.04 11.10 -16.41
CA ALA A 259 -1.24 10.98 -17.23
C ALA A 259 -2.46 10.96 -16.33
N TYR A 260 -2.38 10.13 -15.31
CA TYR A 260 -3.44 9.95 -14.33
C TYR A 260 -3.78 11.25 -13.58
N ARG A 261 -2.77 12.03 -13.22
CA ARG A 261 -3.00 13.32 -12.57
C ARG A 261 -3.67 14.31 -13.53
N SER A 262 -3.31 14.24 -14.81
CA SER A 262 -3.82 15.17 -15.82
C SER A 262 -5.27 14.89 -16.18
N ILE A 263 -5.72 13.68 -15.90
CA ILE A 263 -7.11 13.33 -16.13
C ILE A 263 -7.98 14.15 -15.19
N GLU A 264 -7.51 14.31 -13.95
CA GLU A 264 -8.20 15.16 -13.00
C GLU A 264 -8.14 16.63 -13.43
N ASP A 265 -7.00 17.03 -13.98
CA ASP A 265 -6.85 18.38 -14.51
C ASP A 265 -7.86 18.67 -15.61
N VAL A 266 -7.97 17.75 -16.56
CA VAL A 266 -8.92 17.89 -17.67
C VAL A 266 -10.35 17.90 -17.18
N PHE A 267 -10.69 16.99 -16.27
CA PHE A 267 -12.05 16.88 -15.80
C PHE A 267 -12.57 18.20 -15.23
N HIS A 268 -11.77 18.82 -14.38
CA HIS A 268 -12.16 20.07 -13.74
C HIS A 268 -12.44 21.18 -14.74
N LEU A 269 -11.75 21.15 -15.88
CA LEU A 269 -12.00 22.12 -16.92
C LEU A 269 -13.24 21.78 -17.72
N MET A 270 -13.48 20.48 -17.92
CA MET A 270 -14.70 20.05 -18.60
C MET A 270 -15.95 20.40 -17.79
N LYS A 271 -15.81 20.45 -16.47
CA LYS A 271 -16.94 20.78 -15.61
C LYS A 271 -17.37 22.22 -15.81
N ILE A 272 -16.41 23.13 -15.73
CA ILE A 272 -16.63 24.56 -15.88
C ILE A 272 -16.99 24.92 -17.31
N SER A 273 -16.51 24.12 -18.25
CA SER A 273 -16.72 24.41 -19.66
C SER A 273 -18.18 24.21 -20.01
N LYS A 274 -18.77 25.24 -20.64
CA LYS A 274 -20.15 25.20 -21.12
C LYS A 274 -20.14 24.73 -22.57
N ARG A 275 -19.20 25.29 -23.33
CA ARG A 275 -18.99 24.98 -24.72
C ARG A 275 -18.33 23.60 -24.89
N ALA A 276 -18.88 22.77 -25.77
CA ALA A 276 -18.33 21.43 -26.00
C ALA A 276 -17.01 21.52 -26.78
N PRO A 277 -16.11 20.55 -26.59
CA PRO A 277 -14.82 20.54 -27.30
C PRO A 277 -14.95 19.93 -28.70
N LYS A 278 -13.90 20.06 -29.51
CA LYS A 278 -13.91 19.49 -30.85
C LYS A 278 -14.03 17.99 -30.70
N PRO A 279 -14.96 17.38 -31.47
CA PRO A 279 -15.17 15.93 -31.35
C PRO A 279 -13.90 15.15 -31.71
N SER A 280 -13.07 15.74 -32.56
CA SER A 280 -11.79 15.14 -32.89
C SER A 280 -10.90 15.04 -31.67
N THR A 281 -10.67 16.17 -31.01
CA THR A 281 -9.73 16.21 -29.90
C THR A 281 -10.29 15.47 -28.67
N LEU A 282 -11.60 15.38 -28.58
CA LEU A 282 -12.23 14.67 -27.47
C LEU A 282 -12.15 13.16 -27.69
N ALA A 283 -12.34 12.75 -28.94
CA ALA A 283 -12.22 11.35 -29.31
C ALA A 283 -10.80 10.84 -29.05
N ASN A 284 -9.81 11.70 -29.28
CA ASN A 284 -8.43 11.37 -28.98
C ASN A 284 -8.26 11.20 -27.48
N TYR A 285 -8.85 12.10 -26.71
CA TYR A 285 -8.82 12.04 -25.26
C TYR A 285 -9.30 10.69 -24.71
N TYR A 286 -10.47 10.26 -25.16
CA TYR A 286 -11.05 9.00 -24.70
C TYR A 286 -10.15 7.85 -25.11
N GLU A 287 -9.55 7.97 -26.29
CA GLU A 287 -8.67 6.94 -26.81
C GLU A 287 -7.39 6.84 -25.99
N ASN A 288 -7.05 7.93 -25.30
CA ASN A 288 -5.92 7.95 -24.39
C ASN A 288 -6.29 7.30 -23.08
N LEU A 289 -7.53 7.52 -22.64
CA LEU A 289 -8.00 6.93 -21.40
C LEU A 289 -8.07 5.41 -21.51
N VAL A 290 -8.38 4.89 -22.69
CA VAL A 290 -8.42 3.44 -22.87
C VAL A 290 -7.03 2.85 -22.67
N LYS A 291 -6.02 3.63 -23.05
CA LYS A 291 -4.62 3.23 -22.92
C LYS A 291 -4.23 3.26 -21.46
N VAL A 292 -4.53 4.40 -20.83
CA VAL A 292 -4.21 4.63 -19.42
C VAL A 292 -4.79 3.56 -18.50
N PHE A 293 -6.06 3.27 -18.65
CA PHE A 293 -6.75 2.35 -17.75
C PHE A 293 -6.36 0.90 -18.01
N PHE A 294 -5.83 0.63 -19.20
CA PHE A 294 -5.36 -0.73 -19.48
C PHE A 294 -4.04 -0.94 -18.74
N VAL A 295 -3.18 0.06 -18.80
CA VAL A 295 -1.89 0.01 -18.11
C VAL A 295 -2.13 0.01 -16.61
N SER A 296 -3.20 0.67 -16.20
CA SER A 296 -3.53 0.91 -14.81
C SER A 296 -4.12 -0.30 -14.12
N GLY A 297 -4.71 -1.20 -14.90
CA GLY A 297 -5.38 -2.35 -14.31
C GLY A 297 -6.79 -2.05 -13.81
N ASP A 298 -7.37 -0.93 -14.24
CA ASP A 298 -8.78 -0.64 -13.93
C ASP A 298 -9.65 -0.98 -15.14
N PRO A 299 -10.17 -2.21 -15.19
CA PRO A 299 -10.81 -2.72 -16.40
C PRO A 299 -12.19 -2.16 -16.65
N LEU A 300 -12.88 -1.75 -15.59
CA LEU A 300 -14.21 -1.18 -15.73
C LEU A 300 -14.07 0.21 -16.33
N LEU A 301 -13.05 0.94 -15.89
CA LEU A 301 -12.79 2.27 -16.42
C LEU A 301 -12.36 2.16 -17.87
N HIS A 302 -11.56 1.14 -18.17
CA HIS A 302 -11.09 0.86 -19.52
C HIS A 302 -12.27 0.69 -20.48
N THR A 303 -13.24 -0.12 -20.09
CA THR A 303 -14.41 -0.36 -20.92
C THR A 303 -15.18 0.93 -21.12
N THR A 304 -15.29 1.69 -20.04
CA THR A 304 -16.02 2.96 -20.05
C THR A 304 -15.41 3.96 -21.04
N ALA A 305 -14.10 4.12 -20.99
CA ALA A 305 -13.42 5.01 -21.92
C ALA A 305 -13.69 4.58 -23.35
N TRP A 306 -13.67 3.27 -23.59
CA TRP A 306 -14.01 2.71 -24.89
C TRP A 306 -15.44 3.06 -25.30
N LYS A 307 -16.37 2.96 -24.34
CA LYS A 307 -17.77 3.21 -24.67
C LYS A 307 -17.95 4.69 -24.96
N LYS A 308 -17.30 5.54 -24.17
CA LYS A 308 -17.36 6.97 -24.39
C LYS A 308 -16.80 7.32 -25.77
N PHE A 309 -15.80 6.56 -26.19
CA PHE A 309 -15.19 6.75 -27.49
C PHE A 309 -16.07 6.19 -28.60
N TYR A 310 -16.71 5.06 -28.34
CA TYR A 310 -17.55 4.43 -29.35
C TYR A 310 -18.77 5.30 -29.63
N LYS A 311 -19.38 5.80 -28.55
CA LYS A 311 -20.56 6.65 -28.64
C LYS A 311 -20.25 7.92 -29.43
N LEU A 312 -19.00 8.36 -29.37
CA LEU A 312 -18.59 9.59 -30.04
C LEU A 312 -18.12 9.33 -31.47
N TYR A 313 -17.64 8.13 -31.73
CA TYR A 313 -17.14 7.79 -33.06
C TYR A 313 -18.25 7.32 -33.99
N SER A 314 -19.40 6.99 -33.42
CA SER A 314 -20.55 6.57 -34.22
C SER A 314 -21.30 7.79 -34.73
N THR A 315 -20.70 8.97 -34.54
CA THR A 315 -21.24 10.21 -35.05
C THR A 315 -20.18 10.89 -35.92
N ASN A 316 -19.32 10.08 -36.52
CA ASN A 316 -18.33 10.57 -37.47
C ASN A 316 -18.74 10.23 -38.89
N PRO A 317 -18.53 11.17 -39.80
CA PRO A 317 -18.91 10.91 -41.20
C PRO A 317 -17.93 9.95 -41.88
N ARG A 318 -16.70 9.85 -41.38
CA ARG A 318 -15.70 8.99 -42.00
C ARG A 318 -15.37 7.79 -41.13
N ALA A 319 -16.37 6.97 -40.85
CA ALA A 319 -16.23 5.83 -39.96
C ALA A 319 -16.66 4.52 -40.63
N THR A 320 -15.68 3.71 -41.05
CA THR A 320 -15.99 2.48 -41.77
C THR A 320 -16.72 1.45 -40.90
N GLU A 321 -17.49 0.58 -41.55
CA GLU A 321 -18.20 -0.51 -40.87
C GLU A 321 -17.23 -1.55 -40.31
N GLU A 322 -16.07 -1.66 -40.95
CA GLU A 322 -15.06 -2.62 -40.49
C GLU A 322 -14.54 -2.21 -39.12
N GLU A 323 -14.56 -0.91 -38.86
CA GLU A 323 -14.13 -0.39 -37.56
C GLU A 323 -15.20 -0.63 -36.49
N PHE A 324 -16.44 -0.28 -36.81
CA PHE A 324 -17.56 -0.62 -35.92
C PHE A 324 -17.59 -2.11 -35.58
N LYS A 325 -17.20 -2.95 -36.53
CA LYS A 325 -17.09 -4.38 -36.26
C LYS A 325 -16.10 -4.62 -35.13
N THR A 326 -14.85 -4.22 -35.34
CA THR A 326 -13.77 -4.50 -34.40
C THR A 326 -13.87 -3.75 -33.05
N TYR A 327 -14.32 -2.50 -33.07
CA TYR A 327 -14.46 -1.73 -31.82
C TYR A 327 -15.51 -2.34 -30.90
N SER A 328 -16.68 -2.64 -31.46
CA SER A 328 -17.76 -3.23 -30.68
C SER A 328 -17.30 -4.51 -30.02
N SER A 329 -16.54 -5.28 -30.78
CA SER A 329 -16.00 -6.54 -30.29
C SER A 329 -15.07 -6.31 -29.11
N THR A 330 -14.09 -5.42 -29.28
CA THR A 330 -13.17 -5.04 -28.21
C THR A 330 -13.91 -4.70 -26.91
N ILE A 331 -14.88 -3.80 -27.00
CA ILE A 331 -15.67 -3.37 -25.85
C ILE A 331 -16.33 -4.53 -25.12
N PHE A 332 -16.93 -5.45 -25.88
CA PHE A 332 -17.63 -6.58 -25.27
C PHE A 332 -16.67 -7.55 -24.62
N LEU A 333 -15.58 -7.87 -25.32
CA LEU A 333 -14.59 -8.80 -24.78
C LEU A 333 -13.96 -8.28 -23.50
N SER A 334 -13.66 -6.98 -23.46
CA SER A 334 -13.02 -6.39 -22.28
C SER A 334 -13.98 -6.41 -21.08
N ALA A 335 -15.27 -6.52 -21.35
CA ALA A 335 -16.26 -6.55 -20.28
C ALA A 335 -16.46 -7.96 -19.75
N ILE A 336 -16.28 -8.96 -20.62
CA ILE A 336 -16.34 -10.36 -20.18
C ILE A 336 -15.03 -10.66 -19.48
N SER A 337 -13.98 -9.99 -19.92
CA SER A 337 -12.63 -10.25 -19.48
C SER A 337 -12.33 -9.61 -18.13
N THR A 338 -13.32 -8.92 -17.57
CA THR A 338 -13.16 -8.22 -16.30
C THR A 338 -13.23 -9.16 -15.10
N GLN A 339 -12.35 -8.91 -14.13
CA GLN A 339 -12.34 -9.67 -12.88
C GLN A 339 -13.73 -9.80 -12.27
N LEU A 340 -14.04 -10.99 -11.80
CA LEU A 340 -15.31 -11.24 -11.14
C LEU A 340 -15.39 -10.41 -9.87
N ASP A 341 -16.36 -9.52 -9.79
CA ASP A 341 -16.65 -8.81 -8.56
C ASP A 341 -17.89 -9.39 -7.88
N GLU A 342 -18.07 -10.70 -8.03
CA GLU A 342 -19.26 -11.36 -7.49
C GLU A 342 -19.17 -11.52 -5.98
N ILE A 343 -18.07 -11.03 -5.41
CA ILE A 343 -17.85 -11.07 -3.99
C ILE A 343 -17.10 -9.79 -3.61
N PRO A 344 -17.52 -9.12 -2.52
CA PRO A 344 -16.88 -7.90 -2.01
C PRO A 344 -15.35 -8.04 -1.95
N SER A 345 -14.63 -6.95 -2.23
CA SER A 345 -13.18 -6.99 -2.35
C SER A 345 -12.47 -7.22 -1.01
N ILE A 346 -11.16 -7.44 -1.10
CA ILE A 346 -10.33 -7.77 0.07
C ILE A 346 -10.52 -6.85 1.29
N GLY A 347 -10.41 -5.52 1.15
CA GLY A 347 -10.19 -4.80 -0.09
C GLY A 347 -9.63 -3.40 0.09
N TYR A 348 -8.86 -2.96 -0.90
CA TYR A 348 -8.25 -1.63 -0.89
C TYR A 348 -8.10 -1.15 -2.32
N ASP A 349 -8.52 0.08 -2.61
CA ASP A 349 -8.51 0.57 -3.98
C ASP A 349 -8.27 2.07 -4.06
N PRO A 350 -7.02 2.45 -4.37
CA PRO A 350 -6.58 3.86 -4.42
C PRO A 350 -7.10 4.60 -5.64
N HIS A 351 -7.75 3.88 -6.56
CA HIS A 351 -8.29 4.50 -7.77
C HIS A 351 -9.81 4.65 -7.67
N LEU A 352 -10.31 4.80 -6.46
CA LEU A 352 -11.74 4.82 -6.22
C LEU A 352 -12.35 6.14 -6.68
N ARG A 353 -11.60 7.22 -6.51
CA ARG A 353 -12.02 8.55 -6.91
C ARG A 353 -12.30 8.68 -8.41
N MET A 354 -11.62 7.86 -9.21
CA MET A 354 -11.66 7.98 -10.67
C MET A 354 -13.01 7.80 -11.32
N TYR A 355 -13.91 7.09 -10.65
CA TYR A 355 -15.22 6.84 -11.21
C TYR A 355 -15.95 8.17 -11.38
N ARG A 356 -15.82 9.05 -10.40
CA ARG A 356 -16.41 10.39 -10.52
C ARG A 356 -15.73 11.20 -11.63
N LEU A 357 -14.44 10.98 -11.83
CA LEU A 357 -13.71 11.68 -12.89
C LEU A 357 -14.11 11.26 -14.30
N LEU A 358 -14.71 10.07 -14.43
CA LEU A 358 -15.26 9.63 -15.72
C LEU A 358 -16.76 9.89 -15.78
N ASN A 359 -17.20 10.85 -14.98
CA ASN A 359 -18.59 11.26 -14.92
C ASN A 359 -19.54 10.15 -14.45
N LEU A 360 -18.98 9.11 -13.83
CA LEU A 360 -19.80 8.07 -13.22
C LEU A 360 -20.19 8.45 -11.79
N ASP A 361 -21.46 8.27 -11.46
CA ASP A 361 -21.94 8.59 -10.11
C ASP A 361 -21.39 7.62 -9.07
N ALA A 362 -21.06 6.40 -9.51
CA ALA A 362 -20.54 5.36 -8.63
C ALA A 362 -19.88 4.22 -9.42
N LYS A 363 -19.10 3.40 -8.73
CA LYS A 363 -18.44 2.22 -9.31
C LYS A 363 -19.43 1.14 -9.78
N PRO A 364 -19.39 0.80 -11.08
CA PRO A 364 -20.32 -0.19 -11.61
C PRO A 364 -19.85 -1.62 -11.35
N THR A 365 -20.68 -2.61 -11.64
CA THR A 365 -20.25 -4.00 -11.54
C THR A 365 -19.93 -4.50 -12.96
N ARG A 366 -19.28 -5.65 -13.07
CA ARG A 366 -18.99 -6.15 -14.40
C ARG A 366 -20.31 -6.60 -15.01
N LYS A 367 -21.21 -7.12 -14.17
CA LYS A 367 -22.52 -7.54 -14.66
C LYS A 367 -23.28 -6.34 -15.22
N GLU A 368 -23.26 -5.25 -14.48
CA GLU A 368 -23.91 -4.02 -14.92
C GLU A 368 -23.31 -3.52 -16.23
N MET A 369 -21.99 -3.39 -16.29
CA MET A 369 -21.31 -2.95 -17.52
C MET A 369 -21.64 -3.84 -18.71
N LEU A 370 -21.69 -5.14 -18.44
CA LEU A 370 -21.83 -6.13 -19.49
C LEU A 370 -23.26 -6.07 -20.00
N GLN A 371 -24.21 -5.80 -19.11
CA GLN A 371 -25.60 -5.63 -19.50
C GLN A 371 -25.79 -4.31 -20.25
N SER A 372 -25.13 -3.25 -19.80
CA SER A 372 -25.23 -1.95 -20.47
C SER A 372 -24.59 -2.01 -21.85
N ILE A 373 -23.85 -3.09 -22.11
CA ILE A 373 -23.29 -3.29 -23.44
C ILE A 373 -24.22 -4.17 -24.28
N ILE A 374 -24.82 -5.19 -23.66
CA ILE A 374 -25.71 -6.08 -24.39
C ILE A 374 -27.00 -5.38 -24.80
N GLU A 375 -27.48 -4.51 -23.94
CA GLU A 375 -28.75 -3.82 -24.15
C GLU A 375 -28.63 -2.70 -25.18
N ASP A 376 -27.44 -2.07 -25.24
CA ASP A 376 -27.23 -0.97 -26.18
C ASP A 376 -26.97 -1.49 -27.59
N GLU A 377 -28.03 -1.50 -28.40
CA GLU A 377 -27.99 -2.05 -29.75
C GLU A 377 -26.94 -1.42 -30.67
N SER A 378 -26.62 -0.15 -30.43
CA SER A 378 -25.62 0.53 -31.24
C SER A 378 -24.27 -0.16 -31.13
N ILE A 379 -24.03 -0.80 -29.98
CA ILE A 379 -22.79 -1.54 -29.75
C ILE A 379 -22.99 -3.01 -30.01
N TYR A 380 -23.95 -3.62 -29.32
CA TYR A 380 -24.16 -5.06 -29.39
C TYR A 380 -24.45 -5.53 -30.81
N GLY A 381 -25.03 -4.64 -31.61
CA GLY A 381 -25.32 -4.93 -33.01
C GLY A 381 -24.12 -5.28 -33.85
N LYS A 382 -23.02 -4.55 -33.67
CA LYS A 382 -21.85 -4.70 -34.53
C LYS A 382 -20.75 -5.58 -33.91
N VAL A 383 -21.13 -6.31 -32.85
CA VAL A 383 -20.24 -7.21 -32.14
C VAL A 383 -20.11 -8.56 -32.86
N ASP A 384 -18.88 -9.03 -33.04
CA ASP A 384 -18.63 -10.35 -33.62
C ASP A 384 -19.43 -11.46 -32.95
N GLU A 385 -19.89 -12.43 -33.74
CA GLU A 385 -20.72 -13.52 -33.23
C GLU A 385 -19.98 -14.39 -32.23
N GLU A 386 -18.70 -14.67 -32.50
CA GLU A 386 -17.88 -15.52 -31.65
C GLU A 386 -17.92 -15.06 -30.20
N LEU A 387 -17.93 -13.75 -30.00
CA LEU A 387 -18.00 -13.16 -28.65
C LEU A 387 -19.34 -13.38 -28.00
N LYS A 388 -20.41 -13.37 -28.80
CA LYS A 388 -21.74 -13.63 -28.28
C LYS A 388 -21.85 -15.08 -27.83
N GLU A 389 -21.27 -15.98 -28.63
CA GLU A 389 -21.25 -17.39 -28.29
C GLU A 389 -20.44 -17.59 -27.01
N LEU A 390 -19.27 -16.95 -26.96
CA LEU A 390 -18.41 -16.97 -25.78
C LEU A 390 -19.19 -16.56 -24.54
N TYR A 391 -19.93 -15.47 -24.68
CA TYR A 391 -20.76 -14.94 -23.61
C TYR A 391 -21.78 -15.96 -23.17
N ASP A 392 -22.35 -16.70 -24.11
CA ASP A 392 -23.29 -17.75 -23.74
C ASP A 392 -22.59 -18.83 -22.92
N ILE A 393 -21.43 -19.24 -23.41
CA ILE A 393 -20.64 -20.35 -22.88
C ILE A 393 -20.11 -20.12 -21.47
N ILE A 394 -19.79 -18.87 -21.15
CA ILE A 394 -19.15 -18.55 -19.90
C ILE A 394 -20.11 -17.86 -18.93
N GLU A 395 -20.89 -16.93 -19.45
CA GLU A 395 -21.78 -16.14 -18.61
C GLU A 395 -23.22 -16.65 -18.54
N VAL A 396 -23.75 -17.20 -19.64
CA VAL A 396 -25.15 -17.64 -19.65
C VAL A 396 -25.29 -19.08 -19.16
N ASN A 397 -24.96 -20.02 -20.03
CA ASN A 397 -25.06 -21.42 -19.69
C ASN A 397 -23.69 -22.03 -19.56
N PHE A 398 -23.14 -21.93 -18.37
CA PHE A 398 -21.82 -22.43 -18.07
C PHE A 398 -21.94 -23.87 -17.61
N ASP A 399 -21.30 -24.77 -18.35
CA ASP A 399 -21.30 -26.17 -17.96
C ASP A 399 -19.86 -26.66 -18.05
N VAL A 400 -19.29 -26.97 -16.89
CA VAL A 400 -17.87 -27.31 -16.77
C VAL A 400 -17.54 -28.56 -17.55
N ASP A 401 -18.50 -29.46 -17.62
CA ASP A 401 -18.32 -30.74 -18.26
C ASP A 401 -18.21 -30.60 -19.77
N THR A 402 -18.43 -29.38 -20.27
CA THR A 402 -18.43 -29.14 -21.71
C THR A 402 -17.63 -27.90 -22.13
N VAL A 403 -17.15 -27.11 -21.17
CA VAL A 403 -16.53 -25.83 -21.49
C VAL A 403 -15.22 -25.95 -22.27
N LYS A 404 -14.42 -26.95 -21.93
CA LYS A 404 -13.17 -27.16 -22.64
C LYS A 404 -13.47 -27.36 -24.11
N GLN A 405 -14.54 -28.10 -24.39
CA GLN A 405 -14.92 -28.39 -25.76
C GLN A 405 -15.42 -27.13 -26.48
N GLN A 406 -16.37 -26.43 -25.85
CA GLN A 406 -16.92 -25.20 -26.42
C GLN A 406 -15.81 -24.24 -26.79
N LEU A 407 -14.93 -24.00 -25.83
CA LEU A 407 -13.78 -23.14 -26.03
C LEU A 407 -12.84 -23.67 -27.10
N GLU A 408 -12.71 -24.98 -27.18
CA GLU A 408 -11.78 -25.57 -28.14
C GLU A 408 -12.30 -25.31 -29.55
N ASN A 409 -13.62 -25.31 -29.72
CA ASN A 409 -14.24 -25.07 -31.02
C ASN A 409 -14.40 -23.60 -31.37
N LEU A 410 -14.37 -22.76 -30.34
CA LEU A 410 -14.59 -21.33 -30.55
C LEU A 410 -13.29 -20.55 -30.67
N LEU A 411 -12.23 -21.06 -30.05
CA LEU A 411 -10.97 -20.35 -29.98
C LEU A 411 -10.19 -20.37 -31.29
N VAL A 412 -10.48 -21.34 -32.14
CA VAL A 412 -9.84 -21.39 -33.45
C VAL A 412 -10.27 -20.17 -34.26
N LYS A 413 -11.53 -19.80 -34.10
CA LYS A 413 -12.09 -18.66 -34.80
C LYS A 413 -11.71 -17.37 -34.07
N LEU A 414 -11.74 -17.41 -32.73
CA LEU A 414 -11.41 -16.24 -31.92
C LEU A 414 -9.96 -15.78 -31.99
N SER A 415 -9.03 -16.72 -32.15
CA SER A 415 -7.61 -16.40 -32.15
C SER A 415 -7.26 -15.49 -33.31
N SER A 416 -7.97 -15.65 -34.42
CA SER A 416 -7.68 -14.88 -35.63
C SER A 416 -8.04 -13.41 -35.45
N LYS A 417 -8.95 -13.14 -34.51
CA LYS A 417 -9.38 -11.77 -34.24
C LYS A 417 -8.25 -10.95 -33.66
N THR A 418 -8.04 -9.77 -34.22
CA THR A 418 -6.94 -8.89 -33.82
C THR A 418 -6.98 -8.50 -32.34
N TYR A 419 -8.18 -8.18 -31.86
CA TYR A 419 -8.35 -7.62 -30.53
C TYR A 419 -8.16 -8.67 -29.44
N PHE A 420 -8.57 -9.90 -29.75
CA PHE A 420 -8.56 -11.00 -28.79
C PHE A 420 -7.20 -11.31 -28.18
N SER A 421 -6.14 -11.01 -28.93
CA SER A 421 -4.78 -11.31 -28.48
C SER A 421 -4.44 -10.68 -27.13
N GLN A 422 -4.88 -9.45 -26.92
CA GLN A 422 -4.45 -8.68 -25.76
C GLN A 422 -5.30 -8.85 -24.50
N TYR A 423 -6.31 -9.71 -24.57
CA TYR A 423 -7.19 -9.92 -23.42
C TYR A 423 -7.16 -11.37 -22.97
N ILE A 424 -6.20 -12.13 -23.51
CA ILE A 424 -6.15 -13.57 -23.27
C ILE A 424 -6.01 -13.91 -21.78
N ALA A 425 -5.09 -13.22 -21.12
CA ALA A 425 -4.83 -13.44 -19.70
C ALA A 425 -6.05 -13.21 -18.80
N PRO A 426 -6.62 -11.98 -18.82
CA PRO A 426 -7.73 -11.71 -17.88
C PRO A 426 -8.92 -12.63 -18.16
N LEU A 427 -9.17 -12.90 -19.44
CA LEU A 427 -10.25 -13.81 -19.81
C LEU A 427 -10.01 -15.16 -19.18
N ARG A 428 -8.81 -15.70 -19.39
CA ARG A 428 -8.44 -16.98 -18.81
C ARG A 428 -8.67 -17.01 -17.32
N ASP A 429 -8.29 -15.92 -16.66
CA ASP A 429 -8.48 -15.77 -15.23
C ASP A 429 -9.95 -15.92 -14.88
N VAL A 430 -10.80 -15.23 -15.65
CA VAL A 430 -12.24 -15.26 -15.42
C VAL A 430 -12.84 -16.66 -15.56
N ILE A 431 -12.54 -17.27 -16.69
CA ILE A 431 -13.02 -18.62 -16.99
C ILE A 431 -12.58 -19.59 -15.92
N MET A 432 -11.31 -19.53 -15.56
CA MET A 432 -10.79 -20.45 -14.56
C MET A 432 -11.40 -20.22 -13.18
N ARG A 433 -11.65 -18.95 -12.84
CA ARG A 433 -12.34 -18.65 -11.59
C ARG A 433 -13.70 -19.34 -11.61
N ARG A 434 -14.43 -19.17 -12.70
CA ARG A 434 -15.74 -19.82 -12.82
C ARG A 434 -15.66 -21.34 -12.72
N VAL A 435 -14.62 -21.91 -13.34
CA VAL A 435 -14.40 -23.35 -13.33
C VAL A 435 -14.13 -23.86 -11.91
N PHE A 436 -13.31 -23.14 -11.16
CA PHE A 436 -13.05 -23.49 -9.78
C PHE A 436 -14.29 -23.37 -8.91
N VAL A 437 -15.09 -22.33 -9.11
CA VAL A 437 -16.33 -22.17 -8.34
C VAL A 437 -17.28 -23.35 -8.59
N ALA A 438 -17.51 -23.61 -9.86
CA ALA A 438 -18.43 -24.67 -10.27
C ALA A 438 -17.92 -26.03 -9.82
N ALA A 439 -16.60 -26.21 -9.86
CA ALA A 439 -15.99 -27.45 -9.41
C ALA A 439 -16.22 -27.59 -7.92
N SER A 440 -16.19 -26.47 -7.21
CA SER A 440 -16.48 -26.45 -5.78
C SER A 440 -17.91 -26.95 -5.58
N GLN A 441 -18.78 -26.66 -6.53
CA GLN A 441 -20.15 -27.17 -6.46
C GLN A 441 -20.26 -28.66 -6.83
N LYS A 442 -19.34 -29.15 -7.65
CA LYS A 442 -19.45 -30.52 -8.21
C LYS A 442 -18.84 -31.61 -7.33
N PHE A 443 -17.77 -31.30 -6.62
CA PHE A 443 -17.00 -32.32 -5.89
C PHE A 443 -17.06 -32.12 -4.38
N THR A 444 -16.57 -33.12 -3.64
CA THR A 444 -16.40 -32.98 -2.20
C THR A 444 -14.96 -33.24 -1.86
N THR A 445 -14.45 -34.32 -2.43
CA THR A 445 -13.04 -34.67 -2.35
C THR A 445 -12.64 -35.21 -3.70
N VAL A 446 -12.01 -34.34 -4.47
CA VAL A 446 -11.60 -34.67 -5.83
C VAL A 446 -10.07 -34.85 -5.88
N SER A 447 -9.61 -35.78 -6.69
CA SER A 447 -8.18 -35.97 -6.90
C SER A 447 -7.56 -34.71 -7.49
N GLN A 448 -6.33 -34.36 -7.09
CA GLN A 448 -5.66 -33.19 -7.67
C GLN A 448 -5.53 -33.37 -9.17
N SER A 449 -5.27 -34.61 -9.59
CA SER A 449 -5.14 -34.94 -11.00
C SER A 449 -6.43 -34.60 -11.72
N GLU A 450 -7.55 -35.02 -11.13
CA GLU A 450 -8.85 -34.79 -11.74
C GLU A 450 -9.21 -33.30 -11.79
N LEU A 451 -9.09 -32.63 -10.65
CA LEU A 451 -9.43 -31.21 -10.53
C LEU A 451 -8.59 -30.35 -11.47
N TYR A 452 -7.28 -30.53 -11.44
CA TYR A 452 -6.39 -29.67 -12.21
C TYR A 452 -6.54 -29.86 -13.71
N LYS A 453 -6.72 -31.10 -14.15
CA LYS A 453 -6.94 -31.34 -15.57
C LYS A 453 -8.29 -30.79 -15.99
N LEU A 454 -9.24 -30.78 -15.05
CA LEU A 454 -10.57 -30.26 -15.30
C LEU A 454 -10.51 -28.74 -15.39
N ALA A 455 -9.46 -28.15 -14.85
CA ALA A 455 -9.31 -26.70 -14.86
C ALA A 455 -8.27 -26.24 -15.90
N THR A 456 -7.82 -27.17 -16.73
CA THR A 456 -6.88 -26.86 -17.79
C THR A 456 -7.59 -26.45 -19.06
N LEU A 457 -7.67 -25.15 -19.30
CA LEU A 457 -8.30 -24.66 -20.52
C LEU A 457 -7.44 -25.00 -21.74
N PRO A 458 -8.04 -24.96 -22.94
CA PRO A 458 -7.30 -25.18 -24.18
C PRO A 458 -6.53 -23.94 -24.59
N ALA A 459 -5.51 -24.09 -25.43
CA ALA A 459 -4.72 -22.97 -25.90
C ALA A 459 -5.60 -21.92 -26.59
N PRO A 460 -5.31 -20.63 -26.36
CA PRO A 460 -4.16 -20.11 -25.62
C PRO A 460 -4.44 -19.83 -24.14
N LEU A 461 -5.42 -20.52 -23.58
CA LEU A 461 -5.76 -20.31 -22.18
C LEU A 461 -5.16 -21.41 -21.31
N ASP A 462 -4.32 -22.24 -21.92
CA ASP A 462 -3.70 -23.37 -21.22
C ASP A 462 -2.76 -22.94 -20.11
N LEU A 463 -2.68 -23.78 -19.07
CA LEU A 463 -1.80 -23.53 -17.94
C LEU A 463 -1.09 -24.79 -17.46
N SER A 464 0.16 -24.61 -17.01
CA SER A 464 0.91 -25.69 -16.40
C SER A 464 0.18 -26.11 -15.12
N ALA A 465 0.33 -27.37 -14.73
CA ALA A 465 -0.35 -27.86 -13.53
C ALA A 465 -0.08 -27.04 -12.26
N TRP A 466 1.14 -26.54 -12.08
CA TRP A 466 1.44 -25.78 -10.86
C TRP A 466 0.81 -24.40 -10.86
N ASP A 467 0.75 -23.76 -12.02
CA ASP A 467 0.08 -22.47 -12.11
C ASP A 467 -1.42 -22.66 -11.87
N ILE A 468 -1.92 -23.85 -12.17
CA ILE A 468 -3.31 -24.17 -11.92
C ILE A 468 -3.62 -24.25 -10.42
N GLU A 469 -2.80 -24.98 -9.65
CA GLU A 469 -2.97 -25.01 -8.20
C GLU A 469 -2.82 -23.60 -7.63
N LYS A 470 -1.91 -22.84 -8.23
CA LYS A 470 -1.68 -21.45 -7.86
C LYS A 470 -3.01 -20.66 -7.96
N SER A 471 -3.74 -20.86 -9.06
CA SER A 471 -5.05 -20.21 -9.25
C SER A 471 -6.10 -20.69 -8.24
N LEU A 472 -6.07 -21.99 -7.94
CA LEU A 472 -7.02 -22.59 -7.01
C LEU A 472 -6.93 -21.96 -5.62
N LEU A 473 -5.70 -21.72 -5.18
CA LEU A 473 -5.43 -21.15 -3.87
C LEU A 473 -5.81 -19.67 -3.84
N GLN A 474 -5.60 -18.98 -4.96
CA GLN A 474 -5.93 -17.57 -5.05
C GLN A 474 -7.43 -17.37 -4.90
N ALA A 475 -8.19 -18.27 -5.54
CA ALA A 475 -9.64 -18.26 -5.44
C ALA A 475 -10.09 -18.49 -4.01
N ALA A 476 -9.32 -19.30 -3.29
CA ALA A 476 -9.61 -19.58 -1.89
C ALA A 476 -9.34 -18.36 -1.02
N VAL A 477 -8.28 -17.64 -1.34
CA VAL A 477 -7.92 -16.45 -0.58
C VAL A 477 -8.96 -15.36 -0.78
N GLU A 478 -9.49 -15.25 -1.99
CA GLU A 478 -10.53 -14.27 -2.26
C GLU A 478 -11.93 -14.81 -1.90
N ASP A 479 -11.94 -15.98 -1.28
CA ASP A 479 -13.17 -16.58 -0.75
C ASP A 479 -14.23 -16.86 -1.81
N TYR A 480 -13.81 -17.29 -2.99
CA TYR A 480 -14.76 -17.72 -4.01
C TYR A 480 -15.03 -19.20 -3.79
N VAL A 481 -14.31 -19.75 -2.80
CA VAL A 481 -14.35 -21.16 -2.49
C VAL A 481 -13.51 -21.37 -1.23
N SER A 482 -13.93 -22.27 -0.35
CA SER A 482 -13.05 -22.66 0.74
C SER A 482 -12.57 -24.09 0.45
N ILE A 483 -11.27 -24.31 0.62
CA ILE A 483 -10.69 -25.61 0.32
C ILE A 483 -9.68 -26.04 1.39
N THR A 484 -9.40 -27.34 1.41
CA THR A 484 -8.26 -27.88 2.12
C THR A 484 -7.55 -28.81 1.17
N ILE A 485 -6.28 -28.50 0.87
CA ILE A 485 -5.51 -29.32 -0.06
C ILE A 485 -4.57 -30.27 0.65
N ASP A 486 -4.79 -31.57 0.46
CA ASP A 486 -3.92 -32.58 1.04
C ASP A 486 -2.88 -33.02 0.01
N HIS A 487 -1.67 -32.50 0.13
CA HIS A 487 -0.60 -32.79 -0.83
C HIS A 487 -0.07 -34.20 -0.62
N GLU A 488 -0.32 -34.72 0.58
CA GLU A 488 0.03 -36.08 0.96
C GLU A 488 -0.64 -37.08 0.03
N SER A 489 -1.96 -36.93 -0.11
CA SER A 489 -2.79 -37.84 -0.90
C SER A 489 -2.98 -37.33 -2.33
N ALA A 490 -2.49 -36.13 -2.60
CA ALA A 490 -2.72 -35.45 -3.87
C ALA A 490 -4.22 -35.33 -4.13
N LYS A 491 -4.94 -34.82 -3.14
CA LYS A 491 -6.38 -34.64 -3.21
C LYS A 491 -6.77 -33.26 -2.68
N VAL A 492 -7.93 -32.77 -3.12
CA VAL A 492 -8.45 -31.48 -2.67
C VAL A 492 -9.85 -31.71 -2.14
N THR A 493 -10.12 -31.15 -0.97
CA THR A 493 -11.43 -31.27 -0.32
C THR A 493 -12.07 -29.90 -0.12
N PHE A 494 -13.34 -29.73 -0.52
CA PHE A 494 -13.97 -28.44 -0.32
C PHE A 494 -14.71 -28.40 1.04
N ALA A 495 -13.96 -28.00 2.07
CA ALA A 495 -14.49 -27.84 3.43
C ALA A 495 -14.09 -26.50 4.04
N PRO B 8 16.38 -49.09 -17.38
CA PRO B 8 16.85 -47.99 -16.54
C PRO B 8 16.60 -48.24 -15.06
N PHE B 9 17.14 -49.33 -14.52
CA PHE B 9 16.89 -49.62 -13.10
C PHE B 9 18.02 -49.04 -12.24
N ARG B 10 19.13 -48.67 -12.86
CA ARG B 10 20.28 -48.15 -12.13
C ARG B 10 20.55 -46.72 -12.59
N PRO B 11 20.90 -45.83 -11.65
CA PRO B 11 21.16 -44.41 -11.91
C PRO B 11 22.42 -44.16 -12.71
N GLU B 12 23.46 -44.93 -12.43
CA GLU B 12 24.75 -44.82 -13.11
C GLU B 12 24.57 -45.00 -14.62
N ASN B 13 23.80 -46.05 -14.96
CA ASN B 13 23.48 -46.37 -16.34
C ASN B 13 22.74 -45.26 -17.08
N ALA B 14 21.83 -44.59 -16.38
CA ALA B 14 21.03 -43.55 -16.99
C ALA B 14 21.93 -42.42 -17.44
N ILE B 15 22.80 -42.01 -16.53
CA ILE B 15 23.77 -40.95 -16.78
C ILE B 15 24.77 -41.33 -17.86
N LYS B 16 25.29 -42.55 -17.81
CA LYS B 16 26.22 -43.02 -18.83
C LYS B 16 25.56 -42.91 -20.21
N ARG B 17 24.36 -43.48 -20.33
CA ARG B 17 23.61 -43.46 -21.59
C ARG B 17 23.31 -42.04 -22.05
N ALA B 18 23.15 -41.13 -21.10
CA ALA B 18 22.98 -39.73 -21.45
C ALA B 18 24.25 -39.21 -22.13
N ASP B 19 25.39 -39.46 -21.51
CA ASP B 19 26.67 -39.07 -22.08
C ASP B 19 26.90 -39.71 -23.46
N GLU B 20 26.46 -40.95 -23.60
CA GLU B 20 26.58 -41.70 -24.85
C GLU B 20 25.72 -41.03 -25.92
N LEU B 21 24.51 -40.64 -25.54
CA LEU B 21 23.60 -40.00 -26.47
C LEU B 21 24.07 -38.62 -26.88
N ILE B 22 24.86 -37.99 -26.02
CA ILE B 22 25.40 -36.67 -26.33
C ILE B 22 26.64 -36.82 -27.22
N SER B 23 27.36 -37.91 -27.05
CA SER B 23 28.56 -38.17 -27.85
C SER B 23 28.19 -38.37 -29.32
N VAL B 24 26.98 -38.87 -29.56
CA VAL B 24 26.46 -39.05 -30.90
C VAL B 24 25.78 -37.76 -31.36
N GLY B 25 25.72 -36.78 -30.46
CA GLY B 25 25.19 -35.47 -30.82
C GLY B 25 23.69 -35.34 -30.70
N GLU B 26 23.04 -36.38 -30.18
CA GLU B 26 21.60 -36.35 -29.93
C GLU B 26 21.29 -35.81 -28.54
N LYS B 27 21.70 -34.56 -28.31
CA LYS B 27 21.57 -33.90 -27.01
C LYS B 27 20.15 -33.89 -26.47
N GLN B 28 19.20 -33.50 -27.31
CA GLN B 28 17.82 -33.42 -26.86
C GLN B 28 17.27 -34.79 -26.47
N ALA B 29 17.64 -35.84 -27.21
CA ALA B 29 17.18 -37.18 -26.88
C ALA B 29 17.80 -37.64 -25.56
N ALA B 30 18.98 -37.13 -25.26
CA ALA B 30 19.65 -37.41 -24.00
C ALA B 30 18.91 -36.73 -22.85
N LEU B 31 18.57 -35.46 -23.03
CA LEU B 31 17.82 -34.73 -22.01
C LEU B 31 16.47 -35.34 -21.74
N GLN B 32 15.75 -35.66 -22.80
CA GLN B 32 14.41 -36.22 -22.66
C GLN B 32 14.49 -37.58 -21.98
N SER B 33 15.60 -38.28 -22.17
CA SER B 33 15.81 -39.59 -21.57
C SER B 33 15.93 -39.49 -20.05
N LEU B 34 16.69 -38.50 -19.60
CA LEU B 34 16.88 -38.28 -18.17
C LEU B 34 15.58 -37.84 -17.51
N HIS B 35 14.81 -37.02 -18.21
CA HIS B 35 13.51 -36.59 -17.73
C HIS B 35 12.67 -37.82 -17.41
N ASP B 36 12.69 -38.79 -18.32
CA ASP B 36 11.95 -40.04 -18.11
C ASP B 36 12.37 -40.72 -16.82
N PHE B 37 13.67 -40.70 -16.54
CA PHE B 37 14.19 -41.38 -15.37
C PHE B 37 13.75 -40.75 -14.06
N ILE B 38 13.91 -39.43 -13.97
CA ILE B 38 13.66 -38.75 -12.70
C ILE B 38 12.20 -38.51 -12.43
N THR B 39 11.38 -38.60 -13.47
CA THR B 39 9.94 -38.43 -13.30
C THR B 39 9.20 -39.76 -13.34
N ALA B 40 9.96 -40.85 -13.22
CA ALA B 40 9.38 -42.18 -13.21
C ALA B 40 8.62 -42.43 -11.91
N ARG B 41 7.58 -43.25 -11.97
CA ARG B 41 6.74 -43.49 -10.80
C ARG B 41 7.48 -44.27 -9.73
N ARG B 42 8.51 -45.01 -10.12
CA ARG B 42 9.26 -45.82 -9.17
C ARG B 42 10.14 -44.95 -8.26
N ILE B 43 10.27 -43.67 -8.59
CA ILE B 43 11.13 -42.76 -7.85
C ILE B 43 10.50 -42.43 -6.50
N ARG B 44 9.20 -42.66 -6.41
CA ARG B 44 8.48 -42.39 -5.17
C ARG B 44 9.07 -43.23 -4.04
N TRP B 45 9.70 -44.33 -4.41
CA TRP B 45 10.19 -45.28 -3.41
C TRP B 45 11.71 -45.28 -3.33
N ALA B 46 12.35 -44.75 -4.35
CA ALA B 46 13.81 -44.66 -4.40
C ALA B 46 14.37 -43.79 -3.28
N THR B 47 15.59 -44.09 -2.84
CA THR B 47 16.28 -43.24 -1.88
C THR B 47 16.66 -41.94 -2.57
N PRO B 48 16.15 -40.80 -2.06
CA PRO B 48 16.34 -39.53 -2.79
C PRO B 48 17.81 -39.25 -3.02
N SER B 49 18.63 -39.57 -2.02
CA SER B 49 20.05 -39.30 -2.06
C SER B 49 20.69 -39.94 -3.29
N THR B 50 20.18 -41.10 -3.69
CA THR B 50 20.82 -41.86 -4.74
C THR B 50 20.21 -41.67 -6.14
N VAL B 51 19.30 -40.72 -6.26
CA VAL B 51 18.66 -40.40 -7.55
C VAL B 51 19.02 -38.98 -7.92
N GLU B 52 19.23 -38.18 -6.89
CA GLU B 52 19.67 -36.78 -7.01
C GLU B 52 20.77 -36.50 -8.05
N PRO B 53 21.79 -37.37 -8.17
CA PRO B 53 22.78 -37.09 -9.21
C PRO B 53 22.22 -37.12 -10.64
N VAL B 54 21.19 -37.93 -10.88
CA VAL B 54 20.58 -37.95 -12.18
C VAL B 54 19.88 -36.62 -12.46
N VAL B 55 19.24 -36.08 -11.42
CA VAL B 55 18.54 -34.81 -11.56
C VAL B 55 19.55 -33.70 -11.84
N PHE B 56 20.69 -33.78 -11.18
CA PHE B 56 21.77 -32.84 -11.43
C PHE B 56 22.15 -32.88 -12.90
N LYS B 57 22.31 -34.09 -13.43
CA LYS B 57 22.66 -34.29 -14.84
C LYS B 57 21.57 -33.73 -15.74
N PHE B 58 20.32 -33.99 -15.36
CA PHE B 58 19.16 -33.51 -16.11
C PHE B 58 19.16 -31.99 -16.16
N LEU B 59 19.57 -31.37 -15.06
CA LEU B 59 19.62 -29.91 -14.96
C LEU B 59 20.75 -29.34 -15.79
N GLU B 60 21.91 -29.99 -15.73
CA GLU B 60 23.08 -29.53 -16.47
C GLU B 60 22.76 -29.45 -17.95
N ILE B 61 22.22 -30.54 -18.48
CA ILE B 61 21.81 -30.60 -19.87
C ILE B 61 20.69 -29.61 -20.21
N GLY B 62 19.68 -29.57 -19.34
CA GLY B 62 18.54 -28.70 -19.57
C GLY B 62 18.94 -27.25 -19.64
N VAL B 63 19.92 -26.88 -18.84
CA VAL B 63 20.41 -25.50 -18.84
C VAL B 63 21.14 -25.18 -20.13
N GLU B 64 22.01 -26.09 -20.58
CA GLU B 64 22.74 -25.89 -21.82
C GLU B 64 21.82 -25.73 -23.02
N LEU B 65 20.78 -26.55 -23.05
CA LEU B 65 19.80 -26.51 -24.14
C LEU B 65 18.74 -25.43 -23.94
N LYS B 66 18.81 -24.71 -22.83
CA LYS B 66 17.84 -23.66 -22.52
C LYS B 66 16.40 -24.17 -22.60
N LYS B 67 16.21 -25.44 -22.23
CA LYS B 67 14.89 -26.05 -22.23
C LYS B 67 14.15 -25.81 -20.91
N GLY B 68 13.82 -24.55 -20.66
CA GLY B 68 13.20 -24.15 -19.42
C GLY B 68 11.89 -24.86 -19.07
N LYS B 69 11.05 -25.07 -20.07
CA LYS B 69 9.76 -25.70 -19.82
C LYS B 69 9.95 -27.08 -19.26
N LEU B 70 10.78 -27.89 -19.94
CA LEU B 70 11.07 -29.24 -19.51
C LEU B 70 11.71 -29.27 -18.12
N LEU B 71 12.58 -28.31 -17.86
CA LEU B 71 13.22 -28.16 -16.56
C LEU B 71 12.22 -27.94 -15.43
N LYS B 72 11.28 -27.00 -15.62
CA LYS B 72 10.28 -26.73 -14.59
C LYS B 72 9.47 -27.99 -14.35
N ASP B 73 9.09 -28.64 -15.43
CA ASP B 73 8.28 -29.84 -15.31
C ASP B 73 9.06 -30.97 -14.65
N GLY B 74 10.35 -31.08 -14.98
CA GLY B 74 11.20 -32.08 -14.36
C GLY B 74 11.24 -31.89 -12.86
N LEU B 75 11.59 -30.68 -12.43
CA LEU B 75 11.68 -30.36 -11.01
C LEU B 75 10.36 -30.55 -10.26
N HIS B 76 9.27 -29.99 -10.78
CA HIS B 76 7.97 -30.13 -10.11
C HIS B 76 7.56 -31.59 -10.01
N GLN B 77 7.65 -32.30 -11.12
CA GLN B 77 7.24 -33.70 -11.16
C GLN B 77 8.12 -34.55 -10.25
N TYR B 78 9.41 -34.23 -10.20
CA TYR B 78 10.31 -34.94 -9.29
C TYR B 78 9.94 -34.64 -7.85
N LYS B 79 9.66 -33.38 -7.56
CA LYS B 79 9.28 -32.98 -6.20
C LYS B 79 8.01 -33.70 -5.73
N LYS B 80 7.00 -33.79 -6.59
CA LYS B 80 5.74 -34.45 -6.23
C LYS B 80 5.97 -35.91 -5.87
N LEU B 81 6.97 -36.53 -6.48
CA LEU B 81 7.25 -37.94 -6.27
C LEU B 81 8.06 -38.17 -5.01
N ILE B 82 8.91 -37.21 -4.68
CA ILE B 82 9.97 -37.46 -3.72
C ILE B 82 9.70 -36.82 -2.34
N GLN B 83 8.77 -35.87 -2.31
CA GLN B 83 8.51 -35.09 -1.09
C GLN B 83 7.85 -35.87 0.05
N GLY B 84 7.75 -37.19 -0.07
CA GLY B 84 7.11 -37.98 0.95
C GLY B 84 7.95 -38.01 2.21
N SER B 85 9.26 -38.04 2.02
CA SER B 85 10.22 -38.14 3.10
C SER B 85 10.84 -36.79 3.38
N THR B 86 11.53 -36.65 4.52
CA THR B 86 12.27 -35.44 4.82
C THR B 86 13.50 -35.30 3.92
N GLU B 87 14.23 -36.40 3.78
CA GLU B 87 15.39 -36.46 2.91
C GLU B 87 14.96 -36.11 1.50
N GLY B 88 13.72 -36.45 1.17
CA GLY B 88 13.13 -36.11 -0.11
C GLY B 88 13.07 -34.62 -0.34
N LEU B 89 12.46 -33.90 0.60
CA LEU B 89 12.39 -32.43 0.49
C LEU B 89 13.78 -31.81 0.51
N VAL B 90 14.69 -32.39 1.30
CA VAL B 90 16.05 -31.89 1.33
C VAL B 90 16.64 -31.95 -0.08
N SER B 91 16.44 -33.09 -0.73
CA SER B 91 16.88 -33.29 -2.10
C SER B 91 16.23 -32.29 -3.05
N VAL B 92 14.94 -32.01 -2.83
CA VAL B 92 14.24 -31.00 -3.63
C VAL B 92 14.98 -29.66 -3.51
N GLY B 93 15.24 -29.23 -2.28
CA GLY B 93 15.97 -27.99 -2.06
C GLY B 93 17.34 -28.00 -2.71
N ALA B 94 17.96 -29.18 -2.73
CA ALA B 94 19.32 -29.32 -3.24
C ALA B 94 19.37 -29.22 -4.76
N VAL B 95 18.35 -29.77 -5.43
CA VAL B 95 18.29 -29.68 -6.88
C VAL B 95 17.81 -28.29 -7.27
N ALA B 96 17.05 -27.66 -6.39
CA ALA B 96 16.66 -26.28 -6.59
C ALA B 96 17.92 -25.41 -6.62
N ARG B 97 18.72 -25.59 -5.58
CA ARG B 97 19.98 -24.89 -5.45
C ARG B 97 20.87 -25.16 -6.65
N LYS B 98 20.97 -26.44 -7.05
CA LYS B 98 21.76 -26.83 -8.20
C LYS B 98 21.34 -26.08 -9.47
N PHE B 99 20.04 -26.12 -9.77
CA PHE B 99 19.47 -25.44 -10.92
C PHE B 99 19.88 -23.96 -10.93
N ILE B 100 19.63 -23.29 -9.80
CA ILE B 100 19.98 -21.88 -9.69
C ILE B 100 21.46 -21.64 -9.92
N ASP B 101 22.32 -22.47 -9.35
CA ASP B 101 23.76 -22.25 -9.49
C ASP B 101 24.20 -22.45 -10.95
N LEU B 102 23.56 -23.39 -11.64
CA LEU B 102 23.87 -23.65 -13.06
C LEU B 102 23.49 -22.49 -13.96
N VAL B 103 22.28 -22.00 -13.83
CA VAL B 103 21.86 -20.88 -14.67
C VAL B 103 22.66 -19.62 -14.30
N GLU B 104 22.97 -19.51 -13.02
CA GLU B 104 23.72 -18.38 -12.49
C GLU B 104 25.15 -18.38 -13.03
N SER B 105 25.69 -19.57 -13.34
CA SER B 105 27.00 -19.66 -14.00
C SER B 105 26.93 -19.41 -15.51
N LYS B 106 25.84 -19.83 -16.15
CA LYS B 106 25.71 -19.52 -17.58
C LYS B 106 25.66 -18.02 -17.80
N ILE B 107 25.01 -17.30 -16.90
CA ILE B 107 25.05 -15.83 -16.98
C ILE B 107 26.47 -15.30 -16.93
N ALA B 108 27.29 -15.86 -16.04
CA ALA B 108 28.69 -15.47 -15.95
C ALA B 108 29.40 -15.68 -17.27
N SER B 109 29.19 -16.85 -17.87
CA SER B 109 29.84 -17.16 -19.14
C SER B 109 29.43 -16.24 -20.29
N GLU B 110 28.12 -16.08 -20.49
CA GLU B 110 27.64 -15.26 -21.60
C GLU B 110 27.98 -13.78 -21.42
N GLN B 111 27.88 -13.29 -20.19
CA GLN B 111 28.26 -11.91 -19.88
C GLN B 111 29.76 -11.65 -20.06
N THR B 112 30.58 -12.56 -19.53
CA THR B 112 32.03 -12.38 -19.65
C THR B 112 32.52 -12.52 -21.10
N ARG B 113 31.87 -13.37 -21.90
CA ARG B 113 32.27 -13.48 -23.31
C ARG B 113 31.76 -12.33 -24.18
N ALA B 114 30.50 -11.93 -23.98
CA ALA B 114 29.94 -10.80 -24.74
C ALA B 114 30.58 -9.48 -24.32
N ILE B 154 21.99 -12.77 -25.97
CA ILE B 154 22.39 -12.53 -24.59
C ILE B 154 21.20 -12.07 -23.74
N THR B 155 20.24 -11.41 -24.40
CA THR B 155 18.98 -11.03 -23.78
C THR B 155 18.20 -12.27 -23.36
N SER B 156 18.11 -13.23 -24.28
CA SER B 156 17.39 -14.46 -24.02
C SER B 156 18.03 -15.26 -22.89
N TRP B 157 19.32 -15.01 -22.63
CA TRP B 157 20.00 -15.61 -21.49
C TRP B 157 19.62 -14.93 -20.16
N LEU B 158 19.49 -13.62 -20.19
CA LEU B 158 18.92 -12.91 -19.03
C LEU B 158 17.49 -13.37 -18.77
N ARG B 159 16.65 -13.39 -19.82
CA ARG B 159 15.28 -13.82 -19.62
C ARG B 159 15.21 -15.27 -19.16
N PHE B 160 16.11 -16.10 -19.67
CA PHE B 160 16.17 -17.51 -19.23
C PHE B 160 16.45 -17.56 -17.73
N THR B 161 17.42 -16.76 -17.31
CA THR B 161 17.75 -16.67 -15.89
C THR B 161 16.59 -16.20 -15.02
N TRP B 162 15.92 -15.14 -15.46
CA TRP B 162 14.78 -14.62 -14.72
C TRP B 162 13.74 -15.71 -14.59
N GLU B 163 13.41 -16.32 -15.71
CA GLU B 163 12.38 -17.36 -15.75
C GLU B 163 12.72 -18.51 -14.81
N SER B 164 14.02 -18.76 -14.67
CA SER B 164 14.52 -19.82 -13.79
C SER B 164 14.35 -19.48 -12.32
N TYR B 165 14.80 -18.28 -11.94
CA TYR B 165 14.58 -17.76 -10.59
C TYR B 165 13.10 -17.87 -10.24
N ARG B 166 12.25 -17.40 -11.16
CA ARG B 166 10.81 -17.40 -10.96
C ARG B 166 10.28 -18.79 -10.69
N ALA B 167 10.66 -19.74 -11.55
CA ALA B 167 10.21 -21.13 -11.42
C ALA B 167 10.63 -21.79 -10.10
N VAL B 168 11.88 -21.55 -9.70
CA VAL B 168 12.38 -22.08 -8.44
C VAL B 168 11.62 -21.48 -7.25
N LEU B 169 11.34 -20.18 -7.32
CA LEU B 169 10.55 -19.52 -6.28
C LEU B 169 9.14 -20.07 -6.16
N ASP B 170 8.49 -20.32 -7.29
CA ASP B 170 7.14 -20.90 -7.28
C ASP B 170 7.18 -22.38 -6.92
N LEU B 171 8.37 -22.97 -6.96
CA LEU B 171 8.51 -24.38 -6.61
C LEU B 171 8.68 -24.51 -5.12
N LEU B 172 9.51 -23.64 -4.55
CA LEU B 172 9.85 -23.68 -3.13
C LEU B 172 8.86 -22.94 -2.23
N ARG B 173 7.88 -22.28 -2.84
CA ARG B 173 6.94 -21.41 -2.13
C ARG B 173 6.21 -22.16 -1.03
N ASN B 174 6.09 -21.51 0.12
CA ASN B 174 5.29 -22.01 1.24
C ASN B 174 5.56 -23.44 1.69
N ASN B 175 6.82 -23.74 1.98
CA ASN B 175 7.15 -25.06 2.51
C ASN B 175 8.13 -24.93 3.66
N ALA B 176 7.67 -25.37 4.84
CA ALA B 176 8.43 -25.30 6.06
C ALA B 176 9.85 -25.80 5.91
N LEU B 177 10.01 -26.90 5.18
CA LEU B 177 11.31 -27.53 5.01
C LEU B 177 12.13 -26.86 3.90
N LEU B 178 11.48 -26.08 3.06
CA LEU B 178 12.17 -25.42 1.98
C LEU B 178 12.33 -23.91 2.22
N GLU B 179 12.01 -23.45 3.43
CA GLU B 179 12.01 -22.02 3.73
C GLU B 179 13.38 -21.37 3.61
N ILE B 180 14.41 -22.04 4.10
CA ILE B 180 15.73 -21.44 4.07
C ILE B 180 16.21 -21.33 2.63
N THR B 181 16.01 -22.40 1.86
CA THR B 181 16.41 -22.41 0.46
C THR B 181 15.63 -21.39 -0.37
N TYR B 182 14.33 -21.32 -0.14
CA TYR B 182 13.48 -20.31 -0.77
C TYR B 182 13.95 -18.91 -0.45
N SER B 183 14.26 -18.66 0.83
CA SER B 183 14.72 -17.33 1.23
C SER B 183 16.01 -16.94 0.52
N GLY B 184 16.86 -17.93 0.27
CA GLY B 184 18.12 -17.71 -0.41
C GLY B 184 17.95 -17.28 -1.85
N VAL B 185 17.08 -17.99 -2.57
CA VAL B 185 16.82 -17.72 -3.97
C VAL B 185 16.18 -16.34 -4.13
N VAL B 186 15.36 -15.95 -3.15
CA VAL B 186 14.75 -14.62 -3.17
C VAL B 186 15.83 -13.54 -3.19
N LYS B 187 16.80 -13.66 -2.28
CA LYS B 187 17.88 -12.68 -2.20
C LYS B 187 18.67 -12.65 -3.51
N LYS B 188 18.89 -13.84 -4.07
CA LYS B 188 19.63 -13.97 -5.31
C LYS B 188 18.87 -13.32 -6.44
N THR B 189 17.55 -13.51 -6.41
CA THR B 189 16.66 -12.98 -7.45
C THR B 189 16.63 -11.46 -7.43
N MET B 190 16.62 -10.91 -6.23
CA MET B 190 16.60 -9.46 -6.09
C MET B 190 17.93 -8.84 -6.49
N HIS B 191 19.01 -9.53 -6.19
CA HIS B 191 20.30 -9.01 -6.55
C HIS B 191 20.40 -8.98 -8.07
N PHE B 192 19.73 -9.94 -8.70
CA PHE B 192 19.75 -10.04 -10.15
C PHE B 192 19.06 -8.84 -10.76
N CYS B 193 17.91 -8.48 -10.19
CA CYS B 193 17.13 -7.35 -10.68
C CYS B 193 17.88 -6.04 -10.55
N LEU B 194 18.59 -5.88 -9.43
CA LEU B 194 19.33 -4.65 -9.20
C LEU B 194 20.51 -4.55 -10.14
N LYS B 195 21.17 -5.68 -10.32
CA LYS B 195 22.40 -5.72 -11.08
C LYS B 195 22.16 -5.54 -12.58
N TYR B 196 20.98 -5.92 -13.04
CA TYR B 196 20.68 -5.86 -14.47
C TYR B 196 19.52 -4.93 -14.76
N GLN B 197 19.23 -4.05 -13.81
CA GLN B 197 18.19 -3.02 -13.94
C GLN B 197 16.86 -3.57 -14.44
N ARG B 198 16.54 -4.80 -14.06
CA ARG B 198 15.33 -5.45 -14.56
C ARG B 198 14.12 -4.97 -13.78
N LYS B 199 13.78 -3.70 -13.98
CA LYS B 199 12.74 -3.05 -13.19
C LYS B 199 11.36 -3.70 -13.38
N ASN B 200 11.03 -4.02 -14.63
CA ASN B 200 9.75 -4.62 -14.93
C ASN B 200 9.57 -5.98 -14.25
N GLU B 201 10.64 -6.76 -14.25
CA GLU B 201 10.60 -8.07 -13.62
C GLU B 201 10.61 -7.94 -12.11
N PHE B 202 11.36 -6.97 -11.59
CA PHE B 202 11.41 -6.73 -10.15
C PHE B 202 10.04 -6.45 -9.58
N LYS B 203 9.27 -5.59 -10.25
CA LYS B 203 7.90 -5.31 -9.84
C LYS B 203 7.08 -6.59 -9.82
N ARG B 204 7.28 -7.45 -10.82
CA ARG B 204 6.53 -8.69 -10.90
C ARG B 204 6.99 -9.64 -9.82
N LEU B 205 8.29 -9.61 -9.53
CA LEU B 205 8.84 -10.43 -8.45
C LEU B 205 8.14 -10.11 -7.15
N ALA B 206 8.02 -8.82 -6.88
CA ALA B 206 7.42 -8.32 -5.65
C ALA B 206 5.99 -8.83 -5.50
N GLU B 207 5.26 -8.74 -6.60
CA GLU B 207 3.87 -9.17 -6.62
C GLU B 207 3.77 -10.66 -6.36
N MET B 208 4.74 -11.42 -6.88
CA MET B 208 4.78 -12.85 -6.66
C MET B 208 4.92 -13.13 -5.17
N LEU B 209 5.78 -12.36 -4.53
CA LEU B 209 6.04 -12.52 -3.11
C LEU B 209 4.80 -12.22 -2.30
N ARG B 210 3.98 -11.29 -2.78
CA ARG B 210 2.75 -10.95 -2.09
C ARG B 210 1.79 -12.12 -2.15
N GLN B 211 1.64 -12.70 -3.35
CA GLN B 211 0.73 -13.81 -3.53
C GLN B 211 1.15 -14.97 -2.66
N HIS B 212 2.45 -15.18 -2.56
CA HIS B 212 2.98 -16.26 -1.77
C HIS B 212 2.59 -16.11 -0.31
N LEU B 213 2.69 -14.89 0.19
CA LEU B 213 2.41 -14.62 1.60
C LEU B 213 0.92 -14.69 1.91
N ASP B 214 0.08 -14.30 0.95
CA ASP B 214 -1.36 -14.41 1.12
C ASP B 214 -1.78 -15.86 1.28
N ALA B 215 -1.10 -16.73 0.53
CA ALA B 215 -1.37 -18.15 0.61
C ALA B 215 -0.89 -18.69 1.93
N ALA B 216 0.20 -18.12 2.44
CA ALA B 216 0.74 -18.53 3.73
C ALA B 216 -0.28 -18.25 4.82
N ASN B 217 -0.82 -17.04 4.81
CA ASN B 217 -1.84 -16.65 5.76
C ASN B 217 -3.10 -17.50 5.69
N TYR B 218 -3.48 -17.89 4.49
CA TYR B 218 -4.70 -18.68 4.31
C TYR B 218 -4.48 -20.08 4.85
N GLN B 219 -3.22 -20.51 4.84
CA GLN B 219 -2.89 -21.88 5.18
C GLN B 219 -2.61 -22.02 6.65
N GLN B 220 -2.51 -20.88 7.33
CA GLN B 220 -2.18 -20.87 8.74
C GLN B 220 -3.13 -21.71 9.57
N SER B 221 -4.41 -21.47 9.37
CA SER B 221 -5.45 -22.21 10.07
C SER B 221 -5.93 -23.38 9.22
N LYS B 222 -4.98 -24.26 8.84
CA LYS B 222 -5.27 -25.40 7.98
C LYS B 222 -4.66 -26.73 8.41
N SER B 223 -3.69 -26.68 9.32
CA SER B 223 -3.12 -27.90 9.91
C SER B 223 -2.58 -28.97 8.96
N GLY B 224 -2.28 -28.59 7.72
CA GLY B 224 -1.61 -29.49 6.81
C GLY B 224 -0.16 -29.60 7.25
N ASN B 225 0.49 -30.73 6.98
CA ASN B 225 1.90 -30.89 7.34
C ASN B 225 2.84 -30.16 6.37
N ASN B 226 4.00 -29.75 6.87
CA ASN B 226 4.98 -28.94 6.11
C ASN B 226 4.51 -27.56 5.71
N LEU B 227 3.53 -27.05 6.44
CA LEU B 227 3.02 -25.70 6.19
C LEU B 227 3.81 -24.67 6.97
N VAL B 228 3.95 -23.49 6.37
CA VAL B 228 4.68 -22.39 6.98
C VAL B 228 4.03 -21.94 8.27
N ASP B 229 4.82 -21.73 9.31
CA ASP B 229 4.28 -21.23 10.57
C ASP B 229 4.65 -19.76 10.75
N LEU B 230 3.70 -18.87 10.47
CA LEU B 230 3.91 -17.43 10.65
C LEU B 230 3.94 -17.05 12.14
N SER B 231 3.73 -18.03 13.00
CA SER B 231 3.89 -17.89 14.43
C SER B 231 5.37 -17.97 14.82
N ASP B 232 6.12 -18.80 14.11
CA ASP B 232 7.55 -19.04 14.37
C ASP B 232 8.44 -17.85 14.02
N ALA B 233 9.38 -17.52 14.90
CA ALA B 233 10.20 -16.32 14.73
C ALA B 233 11.21 -16.39 13.60
N ASP B 234 11.79 -17.57 13.40
CA ASP B 234 12.78 -17.78 12.36
C ASP B 234 12.14 -17.60 11.00
N THR B 235 10.96 -18.19 10.86
CA THR B 235 10.18 -18.07 9.63
C THR B 235 9.90 -16.62 9.29
N LEU B 236 9.50 -15.83 10.30
CA LEU B 236 9.22 -14.42 10.07
C LEU B 236 10.48 -13.63 9.79
N GLN B 237 11.55 -13.93 10.53
CA GLN B 237 12.78 -13.18 10.38
C GLN B 237 13.28 -13.29 8.94
N ARG B 238 13.06 -14.46 8.34
CA ARG B 238 13.46 -14.68 6.96
C ARG B 238 12.59 -13.88 6.00
N TYR B 239 11.27 -13.97 6.18
CA TYR B 239 10.33 -13.23 5.38
C TYR B 239 10.56 -11.73 5.47
N LEU B 240 10.79 -11.26 6.70
CA LEU B 240 10.99 -9.84 6.94
C LEU B 240 12.29 -9.39 6.29
N ASP B 241 13.30 -10.24 6.37
CA ASP B 241 14.59 -9.96 5.76
C ASP B 241 14.43 -9.75 4.26
N GLN B 242 13.56 -10.53 3.64
CA GLN B 242 13.32 -10.43 2.20
C GLN B 242 12.65 -9.12 1.84
N ARG B 243 11.59 -8.79 2.57
CA ARG B 243 10.87 -7.56 2.32
C ARG B 243 11.76 -6.34 2.56
N PHE B 244 12.64 -6.42 3.56
CA PHE B 244 13.59 -5.33 3.81
C PHE B 244 14.42 -5.06 2.57
N GLN B 245 14.81 -6.14 1.90
CA GLN B 245 15.67 -6.04 0.72
C GLN B 245 14.85 -5.53 -0.43
N GLN B 246 13.58 -5.95 -0.47
CA GLN B 246 12.64 -5.47 -1.47
C GLN B 246 12.55 -3.94 -1.42
N VAL B 247 12.48 -3.37 -0.22
CA VAL B 247 12.49 -1.92 -0.08
C VAL B 247 13.82 -1.34 -0.58
N ASP B 248 14.93 -1.97 -0.24
CA ASP B 248 16.23 -1.44 -0.64
C ASP B 248 16.40 -1.37 -2.15
N VAL B 249 16.10 -2.48 -2.83
CA VAL B 249 16.23 -2.53 -4.28
C VAL B 249 15.30 -1.51 -4.93
N SER B 250 14.08 -1.39 -4.39
CA SER B 250 13.10 -0.43 -4.88
C SER B 250 13.67 0.97 -4.92
N VAL B 251 14.33 1.36 -3.84
CA VAL B 251 14.92 2.69 -3.77
C VAL B 251 16.07 2.83 -4.76
N LYS B 252 16.88 1.78 -4.88
CA LYS B 252 18.04 1.83 -5.76
C LYS B 252 17.64 1.85 -7.23
N LEU B 253 16.49 1.26 -7.53
CA LEU B 253 15.97 1.26 -8.90
C LEU B 253 15.07 2.46 -9.14
N GLU B 254 15.01 3.35 -8.14
CA GLU B 254 14.20 4.54 -8.22
C GLU B 254 12.73 4.26 -8.53
N LEU B 255 12.27 3.06 -8.19
CA LEU B 255 10.85 2.72 -8.35
C LEU B 255 10.11 3.14 -7.09
N TRP B 256 9.88 4.44 -6.94
CA TRP B 256 9.37 4.98 -5.67
C TRP B 256 7.98 4.51 -5.26
N HIS B 257 7.08 4.34 -6.22
CA HIS B 257 5.74 3.85 -5.89
C HIS B 257 5.85 2.44 -5.37
N GLU B 258 6.75 1.66 -5.96
CA GLU B 258 6.94 0.29 -5.52
C GLU B 258 7.60 0.30 -4.16
N ALA B 259 8.53 1.23 -3.95
CA ALA B 259 9.18 1.39 -2.67
C ALA B 259 8.13 1.58 -1.57
N TYR B 260 7.21 2.51 -1.81
CA TYR B 260 6.18 2.83 -0.84
C TYR B 260 5.31 1.62 -0.52
N ARG B 261 4.96 0.83 -1.54
CA ARG B 261 4.19 -0.40 -1.32
C ARG B 261 4.96 -1.40 -0.47
N SER B 262 6.28 -1.44 -0.68
CA SER B 262 7.12 -2.41 0.01
C SER B 262 7.35 -1.98 1.44
N ILE B 263 7.18 -0.69 1.72
CA ILE B 263 7.34 -0.19 3.08
C ILE B 263 6.22 -0.70 3.97
N GLU B 264 4.99 -0.67 3.47
CA GLU B 264 3.89 -1.25 4.21
C GLU B 264 4.01 -2.77 4.29
N ASP B 265 4.55 -3.38 3.24
CA ASP B 265 4.81 -4.82 3.26
C ASP B 265 5.70 -5.13 4.44
N VAL B 266 6.76 -4.34 4.58
CA VAL B 266 7.72 -4.46 5.68
C VAL B 266 7.02 -4.20 7.02
N PHE B 267 6.23 -3.13 7.06
CA PHE B 267 5.52 -2.74 8.27
C PHE B 267 4.65 -3.85 8.81
N HIS B 268 3.83 -4.44 7.94
CA HIS B 268 2.90 -5.48 8.37
C HIS B 268 3.62 -6.70 8.92
N LEU B 269 4.82 -6.95 8.43
CA LEU B 269 5.60 -8.07 8.94
C LEU B 269 6.25 -7.74 10.28
N MET B 270 6.67 -6.49 10.46
CA MET B 270 7.22 -6.09 11.74
C MET B 270 6.22 -6.17 12.89
N LYS B 271 4.94 -5.93 12.59
CA LYS B 271 3.92 -5.97 13.64
C LYS B 271 3.76 -7.41 14.13
N ILE B 272 3.73 -8.34 13.19
CA ILE B 272 3.66 -9.77 13.44
C ILE B 272 4.96 -10.30 14.07
N SER B 273 6.05 -9.55 13.86
CA SER B 273 7.40 -9.94 14.28
C SER B 273 7.64 -9.96 15.77
N LYS B 274 8.17 -11.09 16.27
CA LYS B 274 8.53 -11.20 17.68
C LYS B 274 9.98 -10.84 17.97
N ARG B 275 10.90 -11.47 17.25
CA ARG B 275 12.33 -11.20 17.37
C ARG B 275 12.74 -9.92 16.65
N ALA B 276 13.59 -9.11 17.28
CA ALA B 276 14.03 -7.86 16.66
C ALA B 276 14.95 -8.12 15.47
N PRO B 277 14.97 -7.20 14.49
CA PRO B 277 15.86 -7.43 13.35
C PRO B 277 17.27 -7.04 13.73
N LYS B 278 18.24 -7.40 12.88
CA LYS B 278 19.61 -6.98 13.11
C LYS B 278 19.60 -5.46 12.99
N PRO B 279 20.20 -4.77 13.97
CA PRO B 279 20.20 -3.30 13.91
C PRO B 279 20.92 -2.77 12.68
N SER B 280 21.83 -3.57 12.14
CA SER B 280 22.50 -3.20 10.90
C SER B 280 21.47 -3.04 9.80
N THR B 281 20.71 -4.09 9.55
CA THR B 281 19.76 -4.14 8.44
C THR B 281 18.58 -3.22 8.69
N LEU B 282 18.35 -2.92 9.96
CA LEU B 282 17.23 -2.07 10.35
C LEU B 282 17.53 -0.59 10.11
N ALA B 283 18.75 -0.19 10.45
CA ALA B 283 19.21 1.18 10.21
C ALA B 283 19.27 1.49 8.72
N ASN B 284 19.61 0.48 7.92
CA ASN B 284 19.61 0.67 6.47
C ASN B 284 18.19 0.96 6.03
N TYR B 285 17.25 0.19 6.59
CA TYR B 285 15.84 0.38 6.29
C TYR B 285 15.39 1.83 6.51
N TYR B 286 15.69 2.38 7.68
CA TYR B 286 15.30 3.76 7.99
C TYR B 286 16.01 4.75 7.08
N GLU B 287 17.24 4.43 6.71
CA GLU B 287 18.01 5.31 5.86
C GLU B 287 17.39 5.33 4.46
N ASN B 288 16.62 4.29 4.14
CA ASN B 288 15.86 4.22 2.89
C ASN B 288 14.58 5.03 2.95
N LEU B 289 13.94 4.99 4.12
CA LEU B 289 12.69 5.73 4.30
C LEU B 289 12.94 7.22 4.16
N VAL B 290 14.12 7.68 4.57
CA VAL B 290 14.42 9.10 4.44
C VAL B 290 14.49 9.51 2.97
N LYS B 291 14.96 8.62 2.10
CA LYS B 291 15.04 8.93 0.69
C LYS B 291 13.64 8.91 0.07
N VAL B 292 12.91 7.85 0.35
CA VAL B 292 11.56 7.68 -0.18
C VAL B 292 10.71 8.91 0.13
N PHE B 293 10.72 9.31 1.39
CA PHE B 293 9.88 10.41 1.86
C PHE B 293 10.37 11.79 1.43
N PHE B 294 11.65 11.89 1.05
CA PHE B 294 12.14 13.13 0.49
C PHE B 294 11.58 13.25 -0.92
N VAL B 295 11.61 12.14 -1.65
CA VAL B 295 11.05 12.08 -2.99
C VAL B 295 9.52 12.19 -2.94
N SER B 296 8.92 11.73 -1.84
CA SER B 296 7.47 11.66 -1.71
C SER B 296 6.91 13.03 -1.46
N GLY B 297 7.73 13.90 -0.91
CA GLY B 297 7.27 15.24 -0.53
C GLY B 297 6.54 15.22 0.79
N ASP B 298 6.74 14.16 1.56
CA ASP B 298 6.20 14.08 2.90
C ASP B 298 7.32 14.39 3.91
N PRO B 299 7.47 15.67 4.28
CA PRO B 299 8.64 16.12 5.02
C PRO B 299 8.59 15.70 6.49
N LEU B 300 7.39 15.49 7.02
CA LEU B 300 7.27 15.07 8.41
C LEU B 300 7.74 13.64 8.59
N LEU B 301 7.39 12.79 7.63
CA LEU B 301 7.84 11.41 7.65
C LEU B 301 9.34 11.33 7.43
N HIS B 302 9.83 12.21 6.56
CA HIS B 302 11.25 12.29 6.26
C HIS B 302 12.07 12.51 7.52
N THR B 303 11.69 13.51 8.30
CA THR B 303 12.39 13.83 9.54
C THR B 303 12.25 12.70 10.57
N THR B 304 11.07 12.07 10.62
CA THR B 304 10.85 10.97 11.54
C THR B 304 11.82 9.83 11.26
N ALA B 305 11.91 9.45 9.99
CA ALA B 305 12.82 8.40 9.56
C ALA B 305 14.27 8.71 9.90
N TRP B 306 14.66 9.97 9.71
CA TRP B 306 15.98 10.43 10.10
C TRP B 306 16.23 10.20 11.58
N LYS B 307 15.23 10.51 12.39
CA LYS B 307 15.38 10.42 13.83
C LYS B 307 15.51 8.97 14.23
N LYS B 308 14.70 8.11 13.62
CA LYS B 308 14.75 6.68 13.90
C LYS B 308 16.11 6.13 13.57
N PHE B 309 16.72 6.65 12.53
CA PHE B 309 18.05 6.21 12.13
C PHE B 309 19.10 6.75 13.07
N TYR B 310 18.93 7.99 13.53
CA TYR B 310 19.89 8.61 14.43
C TYR B 310 19.91 7.90 15.77
N LYS B 311 18.73 7.62 16.30
CA LYS B 311 18.58 6.94 17.58
C LYS B 311 19.23 5.56 17.52
N LEU B 312 19.20 4.98 16.33
CA LEU B 312 19.72 3.63 16.12
C LEU B 312 21.21 3.65 15.78
N TYR B 313 21.66 4.75 15.18
CA TYR B 313 23.07 4.87 14.81
C TYR B 313 23.89 5.40 15.98
N SER B 314 23.21 5.90 16.99
CA SER B 314 23.90 6.43 18.15
C SER B 314 24.30 5.30 19.09
N THR B 315 24.13 4.07 18.61
CA THR B 315 24.56 2.88 19.35
C THR B 315 25.48 2.04 18.47
N ASN B 316 26.23 2.70 17.60
CA ASN B 316 27.19 2.04 16.73
C ASN B 316 28.60 2.20 17.29
N PRO B 317 29.41 1.15 17.19
CA PRO B 317 30.75 1.25 17.76
C PRO B 317 31.68 2.09 16.90
N ARG B 318 31.42 2.18 15.60
CA ARG B 318 32.29 2.96 14.73
C ARG B 318 31.57 4.19 14.21
N ALA B 319 31.20 5.06 15.14
CA ALA B 319 30.39 6.23 14.81
C ALA B 319 31.11 7.49 15.24
N THR B 320 31.71 8.18 14.27
CA THR B 320 32.50 9.37 14.57
C THR B 320 31.62 10.50 15.11
N GLU B 321 32.24 11.38 15.89
CA GLU B 321 31.53 12.54 16.40
C GLU B 321 31.18 13.47 15.24
N GLU B 322 31.99 13.41 14.19
CA GLU B 322 31.80 14.25 13.02
C GLU B 322 30.50 13.92 12.29
N GLU B 323 30.07 12.67 12.40
CA GLU B 323 28.80 12.25 11.81
C GLU B 323 27.64 12.75 12.66
N PHE B 324 27.71 12.53 13.96
CA PHE B 324 26.72 13.07 14.89
C PHE B 324 26.52 14.56 14.68
N LYS B 325 27.59 15.26 14.32
CA LYS B 325 27.50 16.68 13.99
C LYS B 325 26.53 16.87 12.83
N THR B 326 26.86 16.28 11.69
CA THR B 326 26.10 16.49 10.45
C THR B 326 24.69 15.87 10.46
N TYR B 327 24.54 14.69 11.03
CA TYR B 327 23.22 14.05 11.06
C TYR B 327 22.23 14.86 11.89
N SER B 328 22.64 15.24 13.11
CA SER B 328 21.77 16.01 14.00
C SER B 328 21.36 17.32 13.35
N SER B 329 22.31 17.95 12.70
CA SER B 329 22.05 19.20 12.00
C SER B 329 21.03 18.96 10.90
N THR B 330 21.29 17.97 10.05
CA THR B 330 20.36 17.58 9.01
C THR B 330 18.93 17.40 9.53
N ILE B 331 18.80 16.59 10.59
CA ILE B 331 17.50 16.31 11.21
C ILE B 331 16.81 17.59 11.61
N PHE B 332 17.56 18.49 12.23
CA PHE B 332 17.01 19.75 12.72
C PHE B 332 16.62 20.66 11.55
N LEU B 333 17.50 20.77 10.56
CA LEU B 333 17.26 21.62 9.40
C LEU B 333 16.05 21.14 8.63
N SER B 334 15.90 19.83 8.51
CA SER B 334 14.76 19.27 7.79
C SER B 334 13.44 19.57 8.50
N ALA B 335 13.51 19.85 9.80
CA ALA B 335 12.32 20.14 10.57
C ALA B 335 11.94 21.63 10.52
N ILE B 336 12.94 22.49 10.39
CA ILE B 336 12.70 23.92 10.24
C ILE B 336 12.20 24.14 8.82
N SER B 337 12.69 23.29 7.94
CA SER B 337 12.46 23.41 6.51
C SER B 337 11.08 22.85 6.12
N THR B 338 10.34 22.37 7.11
CA THR B 338 9.05 21.75 6.87
C THR B 338 7.95 22.78 6.58
N GLN B 339 7.11 22.46 5.59
CA GLN B 339 5.97 23.30 5.24
C GLN B 339 5.13 23.68 6.45
N LEU B 340 4.73 24.94 6.51
CA LEU B 340 3.90 25.43 7.61
C LEU B 340 2.51 24.79 7.58
N ASP B 341 2.17 24.09 8.67
CA ASP B 341 0.80 23.59 8.85
C ASP B 341 0.00 24.44 9.84
N GLU B 342 0.30 25.74 9.87
CA GLU B 342 -0.35 26.67 10.80
C GLU B 342 -1.76 27.02 10.37
N ILE B 343 -2.20 26.40 9.28
CA ILE B 343 -3.51 26.65 8.71
C ILE B 343 -4.08 25.36 8.14
N PRO B 344 -5.39 25.10 8.41
CA PRO B 344 -6.11 23.94 7.90
C PRO B 344 -5.80 23.68 6.43
N SER B 345 -5.81 22.41 6.03
CA SER B 345 -5.37 22.04 4.69
C SER B 345 -6.57 21.84 3.80
N ILE B 346 -6.30 21.59 2.52
CA ILE B 346 -7.33 21.49 1.48
C ILE B 346 -8.59 20.65 1.81
N GLY B 347 -8.53 19.57 2.61
CA GLY B 347 -7.34 18.87 3.08
C GLY B 347 -7.32 17.40 2.72
N TYR B 348 -6.28 16.95 2.02
CA TYR B 348 -6.20 15.53 1.70
C TYR B 348 -4.74 15.04 1.58
N ASP B 349 -4.47 13.89 2.19
CA ASP B 349 -3.14 13.30 2.27
C ASP B 349 -3.27 11.79 2.25
N PRO B 350 -3.05 11.18 1.08
CA PRO B 350 -3.24 9.75 0.84
C PRO B 350 -2.16 8.89 1.51
N HIS B 351 -1.16 9.54 2.08
CA HIS B 351 -0.09 8.81 2.77
C HIS B 351 -0.31 8.90 4.28
N LEU B 352 -1.58 9.00 4.67
CA LEU B 352 -1.94 9.24 6.06
C LEU B 352 -1.76 8.00 6.92
N ARG B 353 -2.00 6.85 6.30
CA ARG B 353 -1.86 5.57 7.00
C ARG B 353 -0.43 5.40 7.53
N MET B 354 0.50 6.00 6.80
CA MET B 354 1.91 5.78 7.07
C MET B 354 2.36 6.32 8.43
N TYR B 355 1.69 7.35 8.92
CA TYR B 355 2.04 7.91 10.22
C TYR B 355 1.75 6.89 11.32
N ARG B 356 0.60 6.23 11.21
CA ARG B 356 0.25 5.15 12.12
C ARG B 356 1.20 3.99 11.91
N LEU B 357 1.64 3.84 10.67
CA LEU B 357 2.58 2.78 10.32
C LEU B 357 3.97 2.94 10.94
N LEU B 358 4.34 4.16 11.32
CA LEU B 358 5.65 4.37 11.94
C LEU B 358 5.61 4.41 13.46
N ASN B 359 4.60 3.77 14.06
CA ASN B 359 4.44 3.77 15.52
C ASN B 359 4.22 5.15 16.13
N LEU B 360 3.83 6.09 15.29
CA LEU B 360 3.46 7.41 15.75
C LEU B 360 2.02 7.34 16.21
N ASP B 361 1.72 7.92 17.35
CA ASP B 361 0.37 7.84 17.90
C ASP B 361 -0.61 8.60 17.01
N ALA B 362 -0.11 9.63 16.33
CA ALA B 362 -0.92 10.43 15.41
C ALA B 362 -0.03 11.31 14.53
N LYS B 363 -0.60 11.82 13.44
CA LYS B 363 0.15 12.73 12.57
C LYS B 363 0.50 14.04 13.26
N PRO B 364 1.80 14.33 13.38
CA PRO B 364 2.27 15.52 14.10
C PRO B 364 2.23 16.83 13.29
N THR B 365 2.50 17.94 13.98
CA THR B 365 2.66 19.24 13.37
C THR B 365 4.15 19.51 13.28
N ARG B 366 4.57 20.51 12.51
CA ARG B 366 6.01 20.80 12.41
C ARG B 366 6.51 21.37 13.71
N LYS B 367 5.66 22.11 14.40
CA LYS B 367 6.03 22.68 15.70
C LYS B 367 6.31 21.53 16.67
N GLU B 368 5.43 20.53 16.67
CA GLU B 368 5.60 19.37 17.55
C GLU B 368 6.93 18.66 17.26
N MET B 369 7.16 18.33 15.99
CA MET B 369 8.37 17.63 15.56
C MET B 369 9.62 18.39 15.97
N LEU B 370 9.54 19.71 15.82
CA LEU B 370 10.68 20.57 16.00
C LEU B 370 10.96 20.67 17.49
N GLN B 371 9.89 20.59 18.28
CA GLN B 371 10.02 20.59 19.73
C GLN B 371 10.65 19.29 20.18
N SER B 372 10.21 18.18 19.59
CA SER B 372 10.73 16.87 19.95
C SER B 372 12.21 16.72 19.55
N ILE B 373 12.68 17.64 18.71
CA ILE B 373 14.09 17.62 18.37
C ILE B 373 14.87 18.52 19.32
N ILE B 374 14.26 19.65 19.70
CA ILE B 374 14.95 20.56 20.62
C ILE B 374 15.09 19.97 22.02
N GLU B 375 14.10 19.20 22.44
CA GLU B 375 14.09 18.63 23.79
C GLU B 375 15.00 17.41 23.92
N ASP B 376 15.16 16.68 22.82
CA ASP B 376 15.99 15.48 22.83
C ASP B 376 17.46 15.85 22.77
N GLU B 377 18.10 15.90 23.94
CA GLU B 377 19.49 16.33 24.06
C GLU B 377 20.49 15.48 23.27
N SER B 378 20.16 14.22 23.06
CA SER B 378 21.04 13.32 22.29
C SER B 378 21.21 13.80 20.85
N ILE B 379 20.20 14.49 20.33
CA ILE B 379 20.26 15.02 18.97
C ILE B 379 20.68 16.48 19.02
N TYR B 380 19.93 17.26 19.81
CA TYR B 380 20.14 18.70 19.86
C TYR B 380 21.55 19.07 20.32
N GLY B 381 22.17 18.18 21.09
CA GLY B 381 23.52 18.41 21.55
C GLY B 381 24.53 18.59 20.44
N LYS B 382 24.42 17.76 19.41
CA LYS B 382 25.42 17.74 18.34
C LYS B 382 24.98 18.53 17.12
N VAL B 383 23.98 19.38 17.30
CA VAL B 383 23.47 20.21 16.21
C VAL B 383 24.39 21.39 16.02
N ASP B 384 24.80 21.64 14.77
CA ASP B 384 25.59 22.83 14.44
C ASP B 384 24.92 24.07 14.99
N GLU B 385 25.71 25.01 15.48
CA GLU B 385 25.19 26.19 16.16
C GLU B 385 24.35 27.10 15.27
N GLU B 386 24.82 27.28 14.03
CA GLU B 386 24.16 28.15 13.05
C GLU B 386 22.69 27.82 12.91
N LEU B 387 22.35 26.55 12.99
CA LEU B 387 20.97 26.09 12.88
C LEU B 387 20.13 26.51 14.09
N LYS B 388 20.77 26.52 15.25
CA LYS B 388 20.10 26.93 16.48
C LYS B 388 19.77 28.41 16.36
N GLU B 389 20.74 29.14 15.80
CA GLU B 389 20.53 30.57 15.57
C GLU B 389 19.40 30.81 14.56
N LEU B 390 19.43 30.07 13.46
CA LEU B 390 18.40 30.12 12.43
C LEU B 390 17.03 29.91 13.05
N TYR B 391 16.93 28.89 13.89
CA TYR B 391 15.69 28.59 14.60
C TYR B 391 15.26 29.79 15.42
N ASP B 392 16.22 30.47 16.04
CA ASP B 392 15.85 31.67 16.80
C ASP B 392 15.28 32.75 15.88
N ILE B 393 15.97 32.96 14.75
CA ILE B 393 15.68 34.04 13.80
C ILE B 393 14.30 33.88 13.17
N ILE B 394 13.88 32.64 12.99
CA ILE B 394 12.66 32.36 12.24
C ILE B 394 11.50 31.92 13.13
N GLU B 395 11.80 31.07 14.10
CA GLU B 395 10.75 30.52 14.96
C GLU B 395 10.58 31.29 16.28
N VAL B 396 11.67 31.81 16.83
CA VAL B 396 11.56 32.48 18.12
C VAL B 396 11.19 33.94 17.97
N ASN B 397 12.19 34.76 17.62
CA ASN B 397 11.94 36.20 17.45
C ASN B 397 12.09 36.61 16.00
N PHE B 398 11.00 36.49 15.26
CA PHE B 398 10.99 36.83 13.85
C PHE B 398 10.56 38.27 13.64
N ASP B 399 11.47 39.06 13.06
CA ASP B 399 11.18 40.45 12.72
C ASP B 399 11.65 40.78 11.32
N VAL B 400 10.71 41.13 10.45
CA VAL B 400 10.99 41.34 9.04
C VAL B 400 12.02 42.44 8.80
N ASP B 401 12.04 43.42 9.70
CA ASP B 401 12.93 44.56 9.53
C ASP B 401 14.39 44.20 9.78
N THR B 402 14.64 42.98 10.27
CA THR B 402 16.00 42.56 10.58
C THR B 402 16.33 41.15 10.11
N VAL B 403 15.35 40.43 9.59
CA VAL B 403 15.57 39.03 9.24
C VAL B 403 16.55 38.88 8.10
N LYS B 404 16.44 39.75 7.10
CA LYS B 404 17.31 39.71 5.93
C LYS B 404 18.78 39.86 6.32
N GLN B 405 19.06 40.75 7.27
CA GLN B 405 20.43 40.98 7.69
C GLN B 405 20.98 39.76 8.42
N GLN B 406 20.22 39.30 9.42
CA GLN B 406 20.58 38.11 10.19
C GLN B 406 20.89 36.92 9.27
N LEU B 407 19.98 36.66 8.34
CA LEU B 407 20.20 35.58 7.37
C LEU B 407 21.43 35.85 6.53
N GLU B 408 21.70 37.10 6.18
CA GLU B 408 22.86 37.36 5.34
C GLU B 408 24.16 37.04 6.08
N ASN B 409 24.17 37.29 7.39
CA ASN B 409 25.36 37.05 8.18
C ASN B 409 25.49 35.60 8.61
N LEU B 410 24.38 34.86 8.56
CA LEU B 410 24.37 33.48 9.02
C LEU B 410 24.62 32.52 7.85
N LEU B 411 24.28 32.97 6.65
CA LEU B 411 24.37 32.13 5.46
C LEU B 411 25.78 31.94 4.94
N VAL B 412 26.69 32.83 5.32
CA VAL B 412 28.08 32.66 4.92
C VAL B 412 28.65 31.39 5.57
N LYS B 413 28.25 31.16 6.81
CA LYS B 413 28.66 29.98 7.56
C LYS B 413 27.80 28.78 7.16
N LEU B 414 26.51 29.02 6.97
CA LEU B 414 25.60 27.93 6.59
C LEU B 414 25.89 27.34 5.21
N SER B 415 26.44 28.14 4.31
CA SER B 415 26.70 27.71 2.95
C SER B 415 27.72 26.59 2.90
N SER B 416 28.67 26.62 3.83
CA SER B 416 29.76 25.65 3.83
C SER B 416 29.31 24.26 4.26
N LYS B 417 28.20 24.20 4.99
CA LYS B 417 27.68 22.94 5.51
C LYS B 417 27.19 22.04 4.38
N THR B 418 27.58 20.77 4.42
CA THR B 418 27.24 19.81 3.37
C THR B 418 25.74 19.66 3.15
N TYR B 419 25.00 19.57 4.24
CA TYR B 419 23.58 19.23 4.21
C TYR B 419 22.71 20.39 3.74
N PHE B 420 23.12 21.59 4.10
CA PHE B 420 22.32 22.79 3.87
C PHE B 420 21.91 22.98 2.42
N SER B 421 22.72 22.46 1.51
CA SER B 421 22.45 22.59 0.08
C SER B 421 21.09 22.04 -0.30
N GLN B 422 20.68 20.92 0.31
CA GLN B 422 19.49 20.23 -0.20
C GLN B 422 18.18 20.68 0.43
N TYR B 423 18.24 21.66 1.31
CA TYR B 423 17.04 22.17 1.95
C TYR B 423 16.81 23.64 1.65
N ILE B 424 17.60 24.19 0.74
CA ILE B 424 17.55 25.62 0.44
C ILE B 424 16.16 26.01 0.00
N ALA B 425 15.59 25.22 -0.91
CA ALA B 425 14.26 25.51 -1.41
C ALA B 425 13.17 25.56 -0.33
N PRO B 426 12.96 24.44 0.40
CA PRO B 426 11.85 24.49 1.36
C PRO B 426 12.07 25.54 2.45
N LEU B 427 13.32 25.70 2.88
CA LEU B 427 13.65 26.70 3.89
C LEU B 427 13.24 28.08 3.40
N ARG B 428 13.70 28.41 2.20
CA ARG B 428 13.37 29.68 1.57
C ARG B 428 11.84 29.88 1.53
N ASP B 429 11.13 28.84 1.16
CA ASP B 429 9.67 28.89 1.15
C ASP B 429 9.08 29.23 2.51
N VAL B 430 9.57 28.58 3.56
CA VAL B 430 9.08 28.85 4.92
C VAL B 430 9.32 30.30 5.32
N ILE B 431 10.56 30.75 5.16
CA ILE B 431 10.93 32.13 5.49
C ILE B 431 10.07 33.15 4.74
N MET B 432 9.94 32.98 3.44
CA MET B 432 9.15 33.91 2.65
C MET B 432 7.67 33.89 3.01
N ARG B 433 7.16 32.69 3.33
CA ARG B 433 5.78 32.57 3.78
C ARG B 433 5.59 33.41 5.03
N ARG B 434 6.51 33.27 5.98
CA ARG B 434 6.45 34.07 7.20
C ARG B 434 6.52 35.58 6.93
N VAL B 435 7.38 35.97 5.99
CA VAL B 435 7.50 37.37 5.63
C VAL B 435 6.19 37.90 5.03
N PHE B 436 5.56 37.13 4.17
CA PHE B 436 4.29 37.54 3.57
C PHE B 436 3.19 37.67 4.63
N VAL B 437 3.15 36.73 5.57
CA VAL B 437 2.17 36.81 6.65
C VAL B 437 2.39 38.06 7.49
N ALA B 438 3.64 38.29 7.89
CA ALA B 438 3.97 39.42 8.74
C ALA B 438 3.70 40.75 8.03
N ALA B 439 3.97 40.79 6.73
CA ALA B 439 3.69 41.99 5.95
C ALA B 439 2.19 42.18 5.87
N SER B 440 1.45 41.08 5.79
CA SER B 440 0.01 41.12 5.80
C SER B 440 -0.50 41.74 7.10
N GLN B 441 0.23 41.51 8.18
CA GLN B 441 -0.14 42.11 9.45
C GLN B 441 0.28 43.57 9.58
N LYS B 442 1.37 43.94 8.90
CA LYS B 442 1.96 45.26 9.10
C LYS B 442 1.30 46.31 8.22
N PHE B 443 0.84 45.88 7.04
CA PHE B 443 0.34 46.81 6.02
C PHE B 443 -1.13 46.62 5.73
N THR B 444 -1.68 47.56 4.95
CA THR B 444 -3.04 47.44 4.44
C THR B 444 -2.97 47.48 2.92
N THR B 445 -2.21 48.45 2.41
CA THR B 445 -1.88 48.50 0.99
C THR B 445 -0.45 48.98 0.79
N VAL B 446 0.44 48.03 0.53
CA VAL B 446 1.85 48.33 0.35
C VAL B 446 2.22 48.24 -1.13
N SER B 447 3.15 49.10 -1.55
CA SER B 447 3.63 49.12 -2.92
C SER B 447 4.26 47.80 -3.31
N GLN B 448 4.06 47.39 -4.56
CA GLN B 448 4.65 46.17 -5.07
C GLN B 448 6.17 46.25 -5.00
N SER B 449 6.73 47.42 -5.25
CA SER B 449 8.17 47.63 -5.18
C SER B 449 8.67 47.37 -3.77
N GLU B 450 7.96 47.93 -2.80
CA GLU B 450 8.34 47.84 -1.39
C GLU B 450 8.19 46.41 -0.87
N LEU B 451 7.04 45.79 -1.13
CA LEU B 451 6.77 44.43 -0.66
C LEU B 451 7.78 43.44 -1.18
N TYR B 452 8.02 43.48 -2.49
CA TYR B 452 8.92 42.50 -3.11
C TYR B 452 10.34 42.73 -2.64
N LYS B 453 10.72 43.99 -2.45
CA LYS B 453 12.05 44.32 -1.94
C LYS B 453 12.21 43.86 -0.49
N LEU B 454 11.10 43.84 0.24
CA LEU B 454 11.09 43.41 1.63
C LEU B 454 11.16 41.88 1.77
N ALA B 455 10.72 41.17 0.73
CA ALA B 455 10.67 39.71 0.72
C ALA B 455 11.76 39.09 -0.14
N THR B 456 12.73 39.90 -0.56
CA THR B 456 13.85 39.38 -1.32
C THR B 456 14.96 38.97 -0.36
N LEU B 457 15.03 37.68 -0.07
CA LEU B 457 16.05 37.12 0.81
C LEU B 457 17.45 37.16 0.17
N PRO B 458 18.50 37.05 1.01
CA PRO B 458 19.87 37.01 0.47
C PRO B 458 20.23 35.63 -0.07
N ALA B 459 21.19 35.57 -1.00
CA ALA B 459 21.60 34.31 -1.60
C ALA B 459 22.05 33.32 -0.53
N PRO B 460 21.70 32.03 -0.73
CA PRO B 460 21.05 31.50 -1.92
C PRO B 460 19.52 31.43 -1.81
N LEU B 461 18.94 32.27 -0.97
CA LEU B 461 17.50 32.28 -0.80
C LEU B 461 16.87 33.37 -1.65
N ASP B 462 17.71 34.01 -2.46
CA ASP B 462 17.28 35.10 -3.33
C ASP B 462 16.28 34.64 -4.36
N LEU B 463 15.36 35.52 -4.72
CA LEU B 463 14.35 35.23 -5.72
C LEU B 463 14.10 36.39 -6.68
N SER B 464 13.77 36.02 -7.92
CA SER B 464 13.41 36.97 -8.95
C SER B 464 12.14 37.70 -8.55
N ALA B 465 11.98 38.93 -9.03
CA ALA B 465 10.81 39.74 -8.69
C ALA B 465 9.50 39.01 -9.02
N TRP B 466 9.49 38.30 -10.13
CA TRP B 466 8.29 37.57 -10.56
C TRP B 466 8.07 36.31 -9.74
N ASP B 467 9.16 35.68 -9.32
CA ASP B 467 9.06 34.50 -8.44
C ASP B 467 8.50 34.90 -7.08
N ILE B 468 8.76 36.13 -6.68
CA ILE B 468 8.24 36.64 -5.42
C ILE B 468 6.72 36.82 -5.51
N GLU B 469 6.25 37.37 -6.63
CA GLU B 469 4.81 37.47 -6.87
C GLU B 469 4.13 36.10 -6.88
N LYS B 470 4.80 35.14 -7.49
CA LYS B 470 4.32 33.76 -7.54
C LYS B 470 4.09 33.23 -6.13
N SER B 471 5.09 33.46 -5.28
CA SER B 471 5.05 32.99 -3.90
C SER B 471 3.91 33.63 -3.12
N LEU B 472 3.73 34.92 -3.36
CA LEU B 472 2.70 35.70 -2.68
C LEU B 472 1.31 35.16 -3.02
N LEU B 473 1.11 34.79 -4.27
CA LEU B 473 -0.18 34.27 -4.71
C LEU B 473 -0.39 32.87 -4.16
N GLN B 474 0.69 32.11 -4.09
CA GLN B 474 0.62 30.74 -3.59
C GLN B 474 0.21 30.77 -2.13
N ALA B 475 0.78 31.73 -1.39
CA ALA B 475 0.43 31.94 0.01
C ALA B 475 -1.03 32.32 0.14
N ALA B 476 -1.53 33.05 -0.87
CA ALA B 476 -2.92 33.46 -0.89
C ALA B 476 -3.87 32.30 -1.18
N VAL B 477 -3.48 31.42 -2.10
CA VAL B 477 -4.32 30.29 -2.47
C VAL B 477 -4.43 29.30 -1.32
N GLU B 478 -3.34 29.14 -0.58
CA GLU B 478 -3.32 28.26 0.59
C GLU B 478 -3.87 28.98 1.82
N ASP B 479 -4.38 30.19 1.59
CA ASP B 479 -5.05 30.99 2.62
C ASP B 479 -4.18 31.38 3.81
N TYR B 480 -2.91 31.67 3.57
CA TYR B 480 -2.04 32.20 4.62
C TYR B 480 -2.10 33.71 4.64
N VAL B 481 -2.86 34.26 3.70
CA VAL B 481 -2.96 35.69 3.50
C VAL B 481 -4.03 35.93 2.45
N SER B 482 -4.82 36.98 2.62
CA SER B 482 -5.72 37.39 1.55
C SER B 482 -5.18 38.67 0.94
N ILE B 483 -5.14 38.70 -0.39
CA ILE B 483 -4.60 39.84 -1.11
C ILE B 483 -5.45 40.20 -2.31
N THR B 484 -5.31 41.44 -2.76
CA THR B 484 -5.77 41.88 -4.06
C THR B 484 -4.62 42.64 -4.68
N ILE B 485 -4.15 42.13 -5.81
CA ILE B 485 -3.02 42.74 -6.48
C ILE B 485 -3.47 43.59 -7.65
N ASP B 486 -3.22 44.89 -7.55
CA ASP B 486 -3.55 45.82 -8.62
C ASP B 486 -2.31 46.10 -9.46
N HIS B 487 -2.23 45.48 -10.63
CA HIS B 487 -1.02 45.59 -11.45
C HIS B 487 -0.87 46.98 -12.07
N GLU B 488 -1.97 47.71 -12.19
CA GLU B 488 -1.94 49.06 -12.74
C GLU B 488 -1.11 50.04 -11.90
N SER B 489 -1.40 50.09 -10.61
CA SER B 489 -0.76 51.05 -9.71
C SER B 489 0.48 50.47 -9.03
N ALA B 490 0.73 49.19 -9.29
CA ALA B 490 1.82 48.44 -8.64
C ALA B 490 1.72 48.44 -7.12
N LYS B 491 0.54 48.08 -6.60
CA LYS B 491 0.31 48.02 -5.16
C LYS B 491 -0.41 46.72 -4.80
N VAL B 492 -0.26 46.29 -3.55
CA VAL B 492 -0.91 45.07 -3.07
C VAL B 492 -1.73 45.40 -1.84
N THR B 493 -2.96 44.89 -1.78
CA THR B 493 -3.83 45.18 -0.63
C THR B 493 -4.22 43.93 0.16
N PHE B 494 -3.96 43.96 1.47
CA PHE B 494 -4.28 42.82 2.33
C PHE B 494 -5.64 42.95 2.98
N ALA B 495 -6.69 42.94 2.18
CA ALA B 495 -8.04 42.97 2.72
C ALA B 495 -8.43 41.57 3.20
N PHE C 9 -49.65 -9.15 -10.73
CA PHE C 9 -50.88 -8.46 -10.37
C PHE C 9 -51.04 -8.33 -8.87
N ARG C 10 -51.32 -9.46 -8.23
CA ARG C 10 -51.55 -9.56 -6.80
C ARG C 10 -50.54 -10.50 -6.17
N PRO C 11 -50.18 -10.23 -4.91
CA PRO C 11 -49.19 -11.07 -4.22
C PRO C 11 -49.71 -12.49 -4.02
N GLU C 12 -51.00 -12.57 -3.70
CA GLU C 12 -51.67 -13.85 -3.48
C GLU C 12 -51.56 -14.75 -4.69
N ASN C 13 -51.79 -14.21 -5.89
CA ASN C 13 -51.67 -14.99 -7.11
C ASN C 13 -50.26 -15.57 -7.29
N ALA C 14 -49.26 -14.76 -6.93
CA ALA C 14 -47.87 -15.17 -7.05
C ALA C 14 -47.57 -16.32 -6.09
N ILE C 15 -47.98 -16.15 -4.84
CA ILE C 15 -47.78 -17.17 -3.81
C ILE C 15 -48.50 -18.48 -4.15
N LYS C 16 -49.74 -18.34 -4.61
CA LYS C 16 -50.56 -19.47 -5.02
C LYS C 16 -49.89 -20.24 -6.15
N ARG C 17 -49.51 -19.53 -7.21
CA ARG C 17 -48.86 -20.14 -8.35
C ARG C 17 -47.54 -20.80 -7.97
N ALA C 18 -46.86 -20.22 -6.98
CA ALA C 18 -45.63 -20.82 -6.47
C ALA C 18 -45.93 -22.16 -5.78
N ASP C 19 -46.90 -22.15 -4.88
CA ASP C 19 -47.30 -23.36 -4.16
C ASP C 19 -47.74 -24.48 -5.11
N GLU C 20 -48.45 -24.08 -6.17
CA GLU C 20 -48.90 -25.04 -7.19
C GLU C 20 -47.73 -25.59 -7.99
N LEU C 21 -46.80 -24.72 -8.35
CA LEU C 21 -45.63 -25.13 -9.12
C LEU C 21 -44.72 -26.03 -8.28
N ILE C 22 -44.82 -25.90 -6.95
CA ILE C 22 -44.09 -26.77 -6.04
C ILE C 22 -44.82 -28.10 -5.89
N SER C 23 -46.14 -28.04 -5.98
CA SER C 23 -46.97 -29.24 -5.86
C SER C 23 -46.72 -30.22 -7.00
N VAL C 24 -46.31 -29.71 -8.16
CA VAL C 24 -46.01 -30.54 -9.31
C VAL C 24 -44.55 -31.02 -9.25
N GLY C 25 -43.82 -30.52 -8.27
CA GLY C 25 -42.44 -30.96 -8.05
C GLY C 25 -41.45 -30.19 -8.90
N GLU C 26 -41.96 -29.21 -9.64
CA GLU C 26 -41.10 -28.33 -10.43
C GLU C 26 -40.71 -27.11 -9.59
N LYS C 27 -40.05 -27.37 -8.47
CA LYS C 27 -39.67 -26.36 -7.48
C LYS C 27 -38.83 -25.20 -8.04
N GLN C 28 -37.82 -25.51 -8.83
CA GLN C 28 -36.93 -24.49 -9.37
C GLN C 28 -37.66 -23.47 -10.23
N ALA C 29 -38.65 -23.92 -10.99
CA ALA C 29 -39.48 -23.01 -11.77
C ALA C 29 -40.35 -22.15 -10.86
N ALA C 30 -40.72 -22.70 -9.71
CA ALA C 30 -41.53 -21.98 -8.72
C ALA C 30 -40.73 -20.86 -8.06
N LEU C 31 -39.49 -21.18 -7.68
CA LEU C 31 -38.57 -20.20 -7.11
C LEU C 31 -38.33 -19.10 -8.13
N GLN C 32 -38.08 -19.50 -9.37
CA GLN C 32 -37.81 -18.56 -10.47
C GLN C 32 -39.01 -17.67 -10.73
N SER C 33 -40.21 -18.20 -10.45
CA SER C 33 -41.45 -17.47 -10.63
C SER C 33 -41.58 -16.31 -9.65
N LEU C 34 -41.26 -16.58 -8.39
CA LEU C 34 -41.33 -15.58 -7.34
C LEU C 34 -40.30 -14.48 -7.55
N HIS C 35 -39.12 -14.86 -8.03
CA HIS C 35 -38.06 -13.91 -8.36
C HIS C 35 -38.59 -12.84 -9.31
N ASP C 36 -39.31 -13.29 -10.33
CA ASP C 36 -39.89 -12.41 -11.33
C ASP C 36 -40.82 -11.36 -10.71
N PHE C 37 -41.62 -11.76 -9.73
CA PHE C 37 -42.60 -10.85 -9.12
C PHE C 37 -41.93 -9.73 -8.34
N ILE C 38 -40.96 -10.09 -7.49
CA ILE C 38 -40.33 -9.13 -6.59
C ILE C 38 -39.24 -8.27 -7.25
N THR C 39 -38.76 -8.70 -8.42
CA THR C 39 -37.77 -7.93 -9.14
C THR C 39 -38.40 -7.16 -10.30
N ALA C 40 -39.72 -7.07 -10.28
CA ALA C 40 -40.46 -6.35 -11.31
C ALA C 40 -40.25 -4.84 -11.14
N ARG C 41 -40.26 -4.13 -12.26
CA ARG C 41 -40.03 -2.69 -12.26
C ARG C 41 -41.20 -1.98 -11.60
N ARG C 42 -42.35 -2.62 -11.63
CA ARG C 42 -43.60 -2.08 -11.08
C ARG C 42 -43.61 -2.10 -9.55
N ILE C 43 -42.64 -2.80 -8.95
CA ILE C 43 -42.58 -2.94 -7.50
C ILE C 43 -42.04 -1.64 -6.89
N ARG C 44 -41.40 -0.83 -7.73
CA ARG C 44 -40.81 0.44 -7.30
C ARG C 44 -41.89 1.37 -6.74
N TRP C 45 -43.13 1.15 -7.17
CA TRP C 45 -44.24 2.03 -6.79
C TRP C 45 -45.21 1.33 -5.83
N ALA C 46 -45.15 0.00 -5.80
CA ALA C 46 -45.98 -0.79 -4.90
C ALA C 46 -45.65 -0.48 -3.45
N THR C 47 -46.62 -0.64 -2.56
CA THR C 47 -46.38 -0.50 -1.14
C THR C 47 -45.47 -1.63 -0.69
N PRO C 48 -44.32 -1.27 -0.09
CA PRO C 48 -43.33 -2.28 0.29
C PRO C 48 -43.95 -3.30 1.23
N SER C 49 -44.81 -2.80 2.11
CA SER C 49 -45.47 -3.62 3.11
C SER C 49 -46.25 -4.78 2.49
N THR C 50 -46.83 -4.53 1.32
CA THR C 50 -47.73 -5.49 0.69
C THR C 50 -47.06 -6.37 -0.36
N VAL C 51 -45.74 -6.31 -0.44
CA VAL C 51 -44.98 -7.14 -1.37
C VAL C 51 -44.08 -8.06 -0.58
N GLU C 52 -43.67 -7.57 0.60
CA GLU C 52 -42.83 -8.30 1.54
C GLU C 52 -43.17 -9.78 1.81
N PRO C 53 -44.47 -10.13 1.96
CA PRO C 53 -44.79 -11.55 2.13
C PRO C 53 -44.41 -12.42 0.93
N VAL C 54 -44.39 -11.85 -0.27
CA VAL C 54 -43.95 -12.58 -1.45
C VAL C 54 -42.45 -12.86 -1.37
N VAL C 55 -41.71 -11.87 -0.87
CA VAL C 55 -40.27 -11.98 -0.75
C VAL C 55 -39.90 -13.07 0.26
N PHE C 56 -40.68 -13.14 1.34
CA PHE C 56 -40.48 -14.17 2.35
C PHE C 56 -40.59 -15.56 1.75
N LYS C 57 -41.62 -15.76 0.92
CA LYS C 57 -41.83 -17.05 0.29
C LYS C 57 -40.64 -17.38 -0.60
N PHE C 58 -40.14 -16.35 -1.29
CA PHE C 58 -38.97 -16.49 -2.15
C PHE C 58 -37.74 -16.92 -1.35
N LEU C 59 -37.64 -16.41 -0.12
CA LEU C 59 -36.52 -16.72 0.75
C LEU C 59 -36.63 -18.16 1.24
N GLU C 60 -37.85 -18.55 1.58
CA GLU C 60 -38.12 -19.89 2.09
C GLU C 60 -37.71 -20.97 1.10
N ILE C 61 -38.22 -20.85 -0.12
CA ILE C 61 -37.93 -21.80 -1.18
C ILE C 61 -36.46 -21.78 -1.56
N GLY C 62 -35.90 -20.58 -1.69
CA GLY C 62 -34.52 -20.43 -2.09
C GLY C 62 -33.53 -21.05 -1.12
N VAL C 63 -33.84 -20.98 0.17
CA VAL C 63 -32.99 -21.59 1.19
C VAL C 63 -33.07 -23.12 1.11
N GLU C 64 -34.28 -23.65 0.96
CA GLU C 64 -34.48 -25.09 0.81
C GLU C 64 -33.74 -25.64 -0.42
N LEU C 65 -33.78 -24.89 -1.51
CA LEU C 65 -33.10 -25.28 -2.75
C LEU C 65 -31.62 -24.91 -2.75
N LYS C 66 -31.16 -24.30 -1.65
CA LYS C 66 -29.76 -23.90 -1.50
C LYS C 66 -29.25 -23.03 -2.67
N LYS C 67 -30.16 -22.25 -3.25
CA LYS C 67 -29.84 -21.36 -4.36
C LYS C 67 -29.35 -19.99 -3.90
N GLY C 68 -28.17 -19.97 -3.28
CA GLY C 68 -27.62 -18.75 -2.72
C GLY C 68 -27.44 -17.60 -3.71
N LYS C 69 -26.99 -17.93 -4.92
CA LYS C 69 -26.75 -16.92 -5.94
C LYS C 69 -28.02 -16.16 -6.32
N LEU C 70 -29.08 -16.90 -6.62
CA LEU C 70 -30.35 -16.28 -7.00
C LEU C 70 -30.90 -15.44 -5.84
N LEU C 71 -30.74 -15.96 -4.62
CA LEU C 71 -31.18 -15.25 -3.42
C LEU C 71 -30.49 -13.89 -3.29
N LYS C 72 -29.17 -13.89 -3.43
CA LYS C 72 -28.38 -12.66 -3.30
C LYS C 72 -28.81 -11.62 -4.34
N ASP C 73 -28.99 -12.06 -5.58
CA ASP C 73 -29.37 -11.17 -6.65
C ASP C 73 -30.78 -10.63 -6.42
N GLY C 74 -31.64 -11.49 -5.87
CA GLY C 74 -33.00 -11.10 -5.53
C GLY C 74 -33.06 -9.96 -4.55
N LEU C 75 -32.35 -10.12 -3.43
CA LEU C 75 -32.35 -9.12 -2.37
C LEU C 75 -31.81 -7.77 -2.83
N HIS C 76 -30.65 -7.77 -3.50
CA HIS C 76 -30.06 -6.54 -3.99
C HIS C 76 -31.00 -5.80 -4.96
N GLN C 77 -31.56 -6.56 -5.90
CA GLN C 77 -32.45 -5.98 -6.90
C GLN C 77 -33.71 -5.43 -6.26
N TYR C 78 -34.23 -6.13 -5.26
CA TYR C 78 -35.41 -5.67 -4.55
C TYR C 78 -35.10 -4.38 -3.81
N LYS C 79 -33.93 -4.33 -3.20
CA LYS C 79 -33.49 -3.15 -2.46
C LYS C 79 -33.43 -1.93 -3.36
N LYS C 80 -32.89 -2.09 -4.57
CA LYS C 80 -32.76 -0.99 -5.52
C LYS C 80 -34.11 -0.39 -5.92
N LEU C 81 -35.14 -1.23 -5.92
CA LEU C 81 -36.46 -0.79 -6.33
C LEU C 81 -37.20 -0.08 -5.20
N ILE C 82 -36.94 -0.49 -3.96
CA ILE C 82 -37.80 -0.12 -2.86
C ILE C 82 -37.18 0.92 -1.93
N GLN C 83 -35.88 1.12 -2.05
CA GLN C 83 -35.14 2.01 -1.13
C GLN C 83 -35.48 3.49 -1.25
N GLY C 84 -36.52 3.83 -2.03
CA GLY C 84 -36.90 5.22 -2.19
C GLY C 84 -37.57 5.76 -0.95
N SER C 85 -38.37 4.91 -0.31
CA SER C 85 -39.12 5.33 0.87
C SER C 85 -38.44 4.80 2.12
N THR C 86 -38.83 5.33 3.27
CA THR C 86 -38.31 4.84 4.55
C THR C 86 -38.85 3.43 4.82
N GLU C 87 -40.16 3.27 4.61
CA GLU C 87 -40.81 1.97 4.76
C GLU C 87 -40.16 0.94 3.84
N GLY C 88 -39.64 1.41 2.71
CA GLY C 88 -38.92 0.55 1.78
C GLY C 88 -37.68 -0.05 2.42
N LEU C 89 -36.84 0.80 2.99
CA LEU C 89 -35.63 0.37 3.68
C LEU C 89 -35.98 -0.54 4.85
N VAL C 90 -37.08 -0.21 5.54
CA VAL C 90 -37.55 -1.05 6.64
C VAL C 90 -37.84 -2.46 6.13
N SER C 91 -38.54 -2.54 5.00
CA SER C 91 -38.84 -3.81 4.36
C SER C 91 -37.56 -4.56 3.98
N VAL C 92 -36.56 -3.81 3.51
CA VAL C 92 -35.26 -4.37 3.19
C VAL C 92 -34.66 -5.06 4.42
N GLY C 93 -34.58 -4.32 5.52
CA GLY C 93 -34.04 -4.86 6.76
C GLY C 93 -34.82 -6.07 7.24
N ALA C 94 -36.12 -6.05 7.00
CA ALA C 94 -37.00 -7.11 7.47
C ALA C 94 -36.82 -8.40 6.66
N VAL C 95 -36.60 -8.25 5.35
CA VAL C 95 -36.40 -9.44 4.52
C VAL C 95 -34.99 -9.98 4.73
N ALA C 96 -34.05 -9.10 5.06
CA ALA C 96 -32.71 -9.54 5.44
C ALA C 96 -32.81 -10.38 6.71
N ARG C 97 -33.50 -9.85 7.72
CA ARG C 97 -33.71 -10.54 8.98
C ARG C 97 -34.35 -11.92 8.76
N LYS C 98 -35.40 -11.95 7.94
CA LYS C 98 -36.09 -13.20 7.61
C LYS C 98 -35.10 -14.22 7.03
N PHE C 99 -34.34 -13.78 6.02
CA PHE C 99 -33.34 -14.63 5.38
C PHE C 99 -32.39 -15.24 6.40
N ILE C 100 -31.82 -14.39 7.24
CA ILE C 100 -30.87 -14.85 8.24
C ILE C 100 -31.50 -15.89 9.17
N ASP C 101 -32.75 -15.67 9.60
CA ASP C 101 -33.37 -16.63 10.51
C ASP C 101 -33.60 -17.95 9.80
N LEU C 102 -33.91 -17.87 8.51
CA LEU C 102 -34.13 -19.07 7.73
C LEU C 102 -32.87 -19.92 7.60
N VAL C 103 -31.76 -19.31 7.20
CA VAL C 103 -30.54 -20.09 7.03
C VAL C 103 -30.05 -20.60 8.38
N GLU C 104 -30.27 -19.78 9.40
CA GLU C 104 -29.84 -20.12 10.75
C GLU C 104 -30.61 -21.32 11.33
N SER C 105 -31.87 -21.48 10.93
CA SER C 105 -32.65 -22.66 11.32
C SER C 105 -32.34 -23.86 10.44
N LYS C 106 -32.03 -23.57 9.18
CA LYS C 106 -31.64 -24.61 8.24
C LYS C 106 -30.37 -25.34 8.69
N ILE C 107 -29.43 -24.59 9.27
CA ILE C 107 -28.26 -25.21 9.88
C ILE C 107 -28.62 -26.23 10.96
N ALA C 108 -29.55 -25.84 11.84
CA ALA C 108 -30.02 -26.71 12.90
C ALA C 108 -30.65 -27.99 12.37
N SER C 109 -31.51 -27.84 11.36
CA SER C 109 -32.17 -28.98 10.74
C SER C 109 -31.16 -29.96 10.12
N GLU C 110 -30.22 -29.44 9.33
CA GLU C 110 -29.21 -30.29 8.70
C GLU C 110 -28.29 -30.95 9.73
N GLN C 111 -28.00 -30.22 10.81
CA GLN C 111 -27.17 -30.73 11.89
C GLN C 111 -27.84 -31.94 12.56
N THR C 112 -29.12 -31.81 12.87
CA THR C 112 -29.87 -32.91 13.48
C THR C 112 -29.99 -34.07 12.49
N ARG C 113 -29.98 -33.73 11.20
CA ARG C 113 -30.05 -34.74 10.15
C ARG C 113 -28.78 -35.58 10.08
N ALA C 114 -27.62 -34.94 10.26
CA ALA C 114 -26.36 -35.66 10.31
C ALA C 114 -26.30 -36.55 11.54
N ASP C 115 -26.50 -35.92 12.70
CA ASP C 115 -26.45 -36.62 13.97
C ASP C 115 -27.40 -37.83 14.00
N GLU C 116 -28.52 -37.73 13.29
CA GLU C 116 -29.45 -38.85 13.19
C GLU C 116 -29.10 -39.89 12.11
N LEU C 117 -28.46 -39.44 11.04
CA LEU C 117 -28.11 -40.37 9.95
C LEU C 117 -26.94 -41.27 10.31
N GLN C 118 -26.06 -40.80 11.20
CA GLN C 118 -24.90 -41.63 11.59
C GLN C 118 -25.25 -42.96 12.27
N LYS C 119 -26.34 -42.96 13.04
CA LYS C 119 -26.74 -44.12 13.85
C LYS C 119 -27.02 -45.38 13.04
N GLN C 120 -27.96 -45.31 12.11
CA GLN C 120 -28.35 -46.47 11.31
C GLN C 120 -27.19 -47.00 10.47
N GLU C 121 -26.22 -46.13 10.16
CA GLU C 121 -25.02 -46.54 9.45
C GLU C 121 -24.06 -47.30 10.36
N ILE C 122 -23.95 -46.84 11.61
CA ILE C 122 -23.13 -47.58 12.58
C ILE C 122 -23.72 -48.96 12.91
N ASP C 123 -24.98 -48.99 13.32
CA ASP C 123 -25.63 -50.26 13.68
C ASP C 123 -25.92 -51.10 12.45
N ALA C 153 -22.98 -32.49 1.81
CA ALA C 153 -22.93 -32.80 3.24
C ALA C 153 -23.43 -31.63 4.09
N ILE C 154 -23.03 -31.64 5.36
CA ILE C 154 -23.36 -30.59 6.31
C ILE C 154 -22.40 -29.43 6.14
N THR C 155 -21.23 -29.77 5.62
CA THR C 155 -20.18 -28.82 5.31
C THR C 155 -20.68 -27.79 4.32
N SER C 156 -21.32 -28.24 3.25
CA SER C 156 -21.83 -27.34 2.22
C SER C 156 -22.93 -26.43 2.74
N TRP C 157 -23.61 -26.87 3.80
CA TRP C 157 -24.62 -26.04 4.46
C TRP C 157 -23.99 -24.96 5.31
N LEU C 158 -22.90 -25.33 5.98
CA LEU C 158 -22.08 -24.38 6.72
C LEU C 158 -21.54 -23.28 5.79
N ARG C 159 -20.98 -23.73 4.68
CA ARG C 159 -20.45 -22.84 3.67
C ARG C 159 -21.54 -21.94 3.10
N PHE C 160 -22.72 -22.52 2.92
CA PHE C 160 -23.89 -21.78 2.45
C PHE C 160 -24.28 -20.66 3.40
N THR C 161 -24.39 -20.98 4.68
CA THR C 161 -24.73 -19.96 5.67
C THR C 161 -23.67 -18.87 5.75
N TRP C 162 -22.39 -19.24 5.68
CA TRP C 162 -21.36 -18.21 5.67
C TRP C 162 -21.60 -17.27 4.48
N GLU C 163 -21.81 -17.84 3.30
CA GLU C 163 -22.03 -17.03 2.12
C GLU C 163 -23.25 -16.12 2.29
N SER C 164 -24.25 -16.61 3.03
CA SER C 164 -25.47 -15.86 3.28
C SER C 164 -25.28 -14.68 4.23
N TYR C 165 -24.67 -14.93 5.40
CA TYR C 165 -24.26 -13.88 6.33
C TYR C 165 -23.47 -12.81 5.60
N ARG C 166 -22.51 -13.27 4.80
CA ARG C 166 -21.64 -12.38 4.02
C ARG C 166 -22.44 -11.51 3.09
N ALA C 167 -23.36 -12.15 2.35
CA ALA C 167 -24.20 -11.45 1.38
C ALA C 167 -25.06 -10.38 2.06
N VAL C 168 -25.66 -10.75 3.18
CA VAL C 168 -26.51 -9.85 3.94
C VAL C 168 -25.70 -8.66 4.47
N LEU C 169 -24.50 -8.94 4.97
CA LEU C 169 -23.61 -7.88 5.44
C LEU C 169 -23.25 -6.94 4.31
N ASP C 170 -23.04 -7.48 3.12
CA ASP C 170 -22.75 -6.64 1.96
C ASP C 170 -23.99 -5.90 1.48
N LEU C 171 -25.15 -6.33 1.96
CA LEU C 171 -26.38 -5.68 1.56
C LEU C 171 -26.72 -4.50 2.49
N LEU C 172 -26.52 -4.71 3.78
CA LEU C 172 -26.87 -3.74 4.81
C LEU C 172 -25.76 -2.72 5.05
N ARG C 173 -24.64 -2.90 4.35
CA ARG C 173 -23.43 -2.12 4.55
C ARG C 173 -23.62 -0.62 4.34
N ASN C 174 -23.05 0.17 5.24
CA ASN C 174 -23.00 1.63 5.11
C ASN C 174 -24.34 2.26 4.80
N ASN C 175 -25.33 1.95 5.63
CA ASN C 175 -26.67 2.52 5.48
C ASN C 175 -27.22 2.94 6.83
N ALA C 176 -27.43 4.25 6.99
CA ALA C 176 -27.92 4.83 8.24
C ALA C 176 -29.16 4.16 8.82
N LEU C 177 -30.10 3.81 7.96
CA LEU C 177 -31.37 3.25 8.40
C LEU C 177 -31.32 1.75 8.67
N LEU C 178 -30.28 1.10 8.17
CA LEU C 178 -30.13 -0.34 8.34
C LEU C 178 -29.04 -0.68 9.36
N GLU C 179 -28.55 0.32 10.07
CA GLU C 179 -27.42 0.13 10.98
C GLU C 179 -27.75 -0.86 12.08
N ILE C 180 -28.97 -0.78 12.59
CA ILE C 180 -29.39 -1.64 13.69
C ILE C 180 -29.48 -3.10 13.25
N THR C 181 -30.08 -3.34 12.09
CA THR C 181 -30.20 -4.68 11.54
C THR C 181 -28.83 -5.25 11.20
N TYR C 182 -27.98 -4.41 10.63
CA TYR C 182 -26.61 -4.76 10.28
C TYR C 182 -25.85 -5.22 11.52
N SER C 183 -25.95 -4.46 12.61
CA SER C 183 -25.27 -4.79 13.85
C SER C 183 -25.74 -6.13 14.40
N GLY C 184 -26.98 -6.46 14.11
CA GLY C 184 -27.55 -7.72 14.53
C GLY C 184 -26.88 -8.86 13.80
N VAL C 185 -26.76 -8.71 12.48
CA VAL C 185 -26.16 -9.76 11.65
C VAL C 185 -24.68 -9.94 11.96
N VAL C 186 -24.01 -8.84 12.26
CA VAL C 186 -22.60 -8.90 12.60
C VAL C 186 -22.37 -9.79 13.82
N LYS C 187 -23.15 -9.58 14.87
CA LYS C 187 -23.01 -10.41 16.07
C LYS C 187 -23.34 -11.86 15.74
N LYS C 188 -24.35 -12.05 14.91
CA LYS C 188 -24.76 -13.40 14.50
C LYS C 188 -23.66 -14.06 13.69
N THR C 189 -23.01 -13.27 12.84
CA THR C 189 -21.94 -13.77 11.98
C THR C 189 -20.73 -14.16 12.84
N MET C 190 -20.45 -13.35 13.86
CA MET C 190 -19.33 -13.65 14.72
C MET C 190 -19.59 -14.86 15.59
N HIS C 191 -20.82 -15.01 16.04
CA HIS C 191 -21.14 -16.14 16.89
C HIS C 191 -21.02 -17.44 16.09
N PHE C 192 -21.31 -17.35 14.81
CA PHE C 192 -21.24 -18.50 13.93
C PHE C 192 -19.80 -18.95 13.71
N CYS C 193 -18.92 -17.99 13.48
CA CYS C 193 -17.50 -18.28 13.25
C CYS C 193 -16.88 -18.97 14.46
N LEU C 194 -17.27 -18.54 15.65
CA LEU C 194 -16.76 -19.14 16.88
C LEU C 194 -17.28 -20.56 17.09
N LYS C 195 -18.55 -20.77 16.79
CA LYS C 195 -19.21 -22.04 17.07
C LYS C 195 -18.71 -23.13 16.14
N TYR C 196 -18.27 -22.73 14.95
CA TYR C 196 -17.84 -23.70 13.96
C TYR C 196 -16.37 -23.52 13.56
N GLN C 197 -15.61 -22.86 14.43
CA GLN C 197 -14.17 -22.68 14.24
C GLN C 197 -13.77 -22.21 12.85
N ARG C 198 -14.61 -21.37 12.26
CA ARG C 198 -14.41 -20.89 10.90
C ARG C 198 -13.42 -19.74 10.85
N LYS C 199 -12.15 -20.07 11.12
CA LYS C 199 -11.11 -19.07 11.30
C LYS C 199 -10.81 -18.25 10.05
N ASN C 200 -10.70 -18.90 8.89
CA ASN C 200 -10.45 -18.14 7.66
C ASN C 200 -11.56 -17.17 7.35
N GLU C 201 -12.79 -17.63 7.55
CA GLU C 201 -13.93 -16.78 7.27
C GLU C 201 -14.00 -15.64 8.30
N PHE C 202 -13.74 -15.94 9.56
CA PHE C 202 -13.72 -14.90 10.58
C PHE C 202 -12.68 -13.83 10.27
N LYS C 203 -11.48 -14.28 9.90
CA LYS C 203 -10.38 -13.40 9.54
C LYS C 203 -10.85 -12.48 8.43
N ARG C 204 -11.62 -13.04 7.50
CA ARG C 204 -12.15 -12.28 6.37
C ARG C 204 -13.26 -11.36 6.80
N LEU C 205 -14.08 -11.84 7.74
CA LEU C 205 -15.18 -11.03 8.27
C LEU C 205 -14.62 -9.76 8.90
N ALA C 206 -13.60 -9.93 9.74
CA ALA C 206 -13.00 -8.82 10.45
C ALA C 206 -12.46 -7.78 9.47
N GLU C 207 -11.78 -8.26 8.44
CA GLU C 207 -11.18 -7.34 7.47
C GLU C 207 -12.28 -6.61 6.70
N MET C 208 -13.34 -7.34 6.40
CA MET C 208 -14.47 -6.78 5.66
C MET C 208 -15.12 -5.67 6.51
N LEU C 209 -15.21 -5.89 7.82
CA LEU C 209 -15.76 -4.89 8.73
C LEU C 209 -14.89 -3.64 8.76
N ARG C 210 -13.58 -3.83 8.63
CA ARG C 210 -12.65 -2.69 8.61
C ARG C 210 -12.87 -1.87 7.36
N GLN C 211 -13.03 -2.54 6.23
CA GLN C 211 -13.25 -1.84 4.97
C GLN C 211 -14.54 -1.04 5.05
N HIS C 212 -15.54 -1.59 5.72
CA HIS C 212 -16.81 -0.92 5.91
C HIS C 212 -16.65 0.39 6.68
N LEU C 213 -15.84 0.35 7.73
CA LEU C 213 -15.66 1.54 8.56
C LEU C 213 -14.83 2.61 7.88
N ASP C 214 -13.85 2.21 7.07
CA ASP C 214 -13.07 3.18 6.30
C ASP C 214 -13.93 3.90 5.27
N ALA C 215 -14.89 3.18 4.69
CA ALA C 215 -15.77 3.78 3.70
C ALA C 215 -16.65 4.82 4.37
N ALA C 216 -17.02 4.56 5.62
CA ALA C 216 -17.80 5.49 6.41
C ALA C 216 -17.01 6.78 6.62
N ASN C 217 -15.74 6.66 6.98
CA ASN C 217 -14.88 7.82 7.19
C ASN C 217 -14.74 8.69 5.94
N TYR C 218 -14.68 8.05 4.79
CA TYR C 218 -14.54 8.74 3.51
C TYR C 218 -15.82 9.46 3.06
N GLN C 219 -16.96 8.91 3.46
CA GLN C 219 -18.24 9.42 3.00
C GLN C 219 -18.84 10.47 3.93
N GLN C 220 -18.19 10.67 5.09
CA GLN C 220 -18.66 11.65 6.07
C GLN C 220 -18.78 13.05 5.47
N SER C 221 -17.77 13.45 4.72
CA SER C 221 -17.78 14.76 4.08
C SER C 221 -18.37 14.68 2.67
N LYS C 222 -19.58 14.15 2.57
CA LYS C 222 -20.27 14.02 1.30
C LYS C 222 -21.73 14.43 1.45
N SER C 223 -22.19 14.45 2.70
CA SER C 223 -23.53 14.93 3.06
C SER C 223 -24.67 14.27 2.26
N GLY C 224 -24.41 13.09 1.71
CA GLY C 224 -25.43 12.33 1.02
C GLY C 224 -26.42 11.72 2.00
N ASN C 225 -27.64 11.50 1.54
CA ASN C 225 -28.67 10.92 2.40
C ASN C 225 -28.45 9.42 2.61
N ASN C 226 -28.91 8.93 3.77
CA ASN C 226 -28.75 7.53 4.16
C ASN C 226 -27.31 7.09 4.33
N LEU C 227 -26.41 8.05 4.54
CA LEU C 227 -25.02 7.74 4.80
C LEU C 227 -24.78 7.63 6.30
N VAL C 228 -23.87 6.74 6.69
CA VAL C 228 -23.53 6.54 8.10
C VAL C 228 -22.89 7.78 8.73
N ASP C 229 -23.39 8.16 9.91
CA ASP C 229 -22.82 9.31 10.62
C ASP C 229 -21.97 8.87 11.81
N LEU C 230 -20.66 8.86 11.63
CA LEU C 230 -19.74 8.48 12.70
C LEU C 230 -19.64 9.54 13.79
N SER C 231 -20.38 10.64 13.61
CA SER C 231 -20.53 11.66 14.63
C SER C 231 -21.57 11.23 15.64
N ASP C 232 -22.55 10.46 15.17
CA ASP C 232 -23.65 10.00 16.02
C ASP C 232 -23.22 9.00 17.08
N ALA C 233 -23.67 9.21 18.31
CA ALA C 233 -23.23 8.40 19.44
C ALA C 233 -23.80 7.00 19.39
N ASP C 234 -25.02 6.88 18.86
CA ASP C 234 -25.67 5.57 18.76
C ASP C 234 -24.89 4.70 17.80
N THR C 235 -24.51 5.27 16.67
CA THR C 235 -23.71 4.56 15.67
C THR C 235 -22.41 4.06 16.26
N LEU C 236 -21.74 4.91 17.04
CA LEU C 236 -20.45 4.53 17.61
C LEU C 236 -20.56 3.41 18.63
N GLN C 237 -21.57 3.50 19.49
CA GLN C 237 -21.76 2.51 20.53
C GLN C 237 -21.98 1.12 19.96
N ARG C 238 -22.70 1.05 18.84
CA ARG C 238 -22.97 -0.23 18.17
C ARG C 238 -21.70 -0.80 17.54
N TYR C 239 -20.98 0.04 16.80
CA TYR C 239 -19.73 -0.35 16.18
C TYR C 239 -18.73 -0.84 17.24
N LEU C 240 -18.69 -0.13 18.36
CA LEU C 240 -17.76 -0.47 19.43
C LEU C 240 -18.09 -1.84 20.02
N ASP C 241 -19.37 -2.15 20.14
CA ASP C 241 -19.79 -3.44 20.66
C ASP C 241 -19.28 -4.57 19.78
N GLN C 242 -19.31 -4.33 18.47
CA GLN C 242 -18.90 -5.35 17.52
C GLN C 242 -17.40 -5.62 17.64
N ARG C 243 -16.61 -4.56 17.68
CA ARG C 243 -15.16 -4.72 17.79
C ARG C 243 -14.78 -5.38 19.11
N PHE C 244 -15.49 -5.03 20.18
CA PHE C 244 -15.28 -5.67 21.49
C PHE C 244 -15.46 -7.17 21.39
N GLN C 245 -16.47 -7.58 20.62
CA GLN C 245 -16.78 -8.98 20.43
C GLN C 245 -15.79 -9.59 19.45
N GLN C 246 -15.37 -8.78 18.47
CA GLN C 246 -14.37 -9.18 17.50
C GLN C 246 -13.11 -9.62 18.21
N VAL C 247 -12.71 -8.84 19.21
CA VAL C 247 -11.56 -9.21 20.04
C VAL C 247 -11.81 -10.51 20.80
N ASP C 248 -13.00 -10.65 21.37
CA ASP C 248 -13.30 -11.82 22.17
C ASP C 248 -13.24 -13.09 21.33
N VAL C 249 -13.88 -13.07 20.17
CA VAL C 249 -13.87 -14.24 19.29
C VAL C 249 -12.45 -14.56 18.82
N SER C 250 -11.69 -13.52 18.48
CA SER C 250 -10.32 -13.65 18.05
C SER C 250 -9.48 -14.43 19.05
N VAL C 251 -9.63 -14.08 20.32
CA VAL C 251 -8.89 -14.73 21.40
C VAL C 251 -9.34 -16.17 21.60
N LYS C 252 -10.63 -16.43 21.45
CA LYS C 252 -11.18 -17.76 21.65
C LYS C 252 -10.79 -18.71 20.52
N LEU C 253 -10.59 -18.14 19.33
CA LEU C 253 -10.16 -18.93 18.17
C LEU C 253 -8.64 -18.95 18.08
N GLU C 254 -8.00 -18.37 19.09
CA GLU C 254 -6.54 -18.31 19.16
C GLU C 254 -5.91 -17.66 17.93
N LEU C 255 -6.66 -16.79 17.26
CA LEU C 255 -6.10 -16.02 16.15
C LEU C 255 -5.47 -14.76 16.73
N TRP C 256 -4.29 -14.93 17.33
CA TRP C 256 -3.64 -13.87 18.09
C TRP C 256 -3.19 -12.67 17.25
N HIS C 257 -2.77 -12.89 16.01
CA HIS C 257 -2.38 -11.78 15.14
C HIS C 257 -3.59 -10.92 14.84
N GLU C 258 -4.73 -11.58 14.64
CA GLU C 258 -5.97 -10.88 14.36
C GLU C 258 -6.49 -10.18 15.61
N ALA C 259 -6.33 -10.84 16.75
CA ALA C 259 -6.75 -10.28 18.03
C ALA C 259 -6.12 -8.92 18.24
N TYR C 260 -4.81 -8.85 18.04
CA TYR C 260 -4.08 -7.59 18.20
C TYR C 260 -4.59 -6.53 17.22
N ARG C 261 -4.90 -6.91 15.98
CA ARG C 261 -5.45 -5.94 15.06
C ARG C 261 -6.80 -5.43 15.57
N SER C 262 -7.55 -6.31 16.20
CA SER C 262 -8.87 -5.98 16.67
C SER C 262 -8.79 -5.13 17.95
N ILE C 263 -7.68 -5.26 18.65
CA ILE C 263 -7.47 -4.47 19.85
C ILE C 263 -7.19 -3.00 19.53
N GLU C 264 -6.42 -2.73 18.50
CA GLU C 264 -6.24 -1.34 18.09
C GLU C 264 -7.55 -0.78 17.54
N ASP C 265 -8.31 -1.62 16.84
CA ASP C 265 -9.62 -1.21 16.34
C ASP C 265 -10.53 -0.73 17.46
N VAL C 266 -10.58 -1.49 18.54
CA VAL C 266 -11.41 -1.14 19.69
C VAL C 266 -11.00 0.19 20.29
N PHE C 267 -9.71 0.35 20.51
CA PHE C 267 -9.20 1.58 21.10
C PHE C 267 -9.55 2.78 20.24
N HIS C 268 -9.34 2.67 18.93
CA HIS C 268 -9.61 3.78 18.03
C HIS C 268 -11.06 4.21 18.09
N LEU C 269 -11.95 3.28 18.39
CA LEU C 269 -13.38 3.61 18.57
C LEU C 269 -13.68 4.18 19.94
N MET C 270 -13.00 3.69 20.97
CA MET C 270 -13.18 4.23 22.31
C MET C 270 -12.76 5.70 22.34
N LYS C 271 -11.80 6.03 21.47
CA LYS C 271 -11.29 7.38 21.35
C LYS C 271 -12.35 8.32 20.76
N ILE C 272 -12.97 7.90 19.66
CA ILE C 272 -14.00 8.71 19.01
C ILE C 272 -15.25 8.78 19.86
N SER C 273 -15.51 7.70 20.59
CA SER C 273 -16.70 7.63 21.41
C SER C 273 -16.53 8.50 22.66
N LYS C 274 -17.53 9.35 22.89
CA LYS C 274 -17.58 10.20 24.07
C LYS C 274 -18.34 9.41 25.11
N ARG C 275 -19.35 8.69 24.63
CA ARG C 275 -20.20 7.85 25.44
C ARG C 275 -19.42 6.61 25.89
N ALA C 276 -19.41 6.37 27.20
CA ALA C 276 -18.63 5.28 27.82
C ALA C 276 -19.18 3.88 27.61
N PRO C 277 -18.28 2.87 27.61
CA PRO C 277 -18.74 1.49 27.50
C PRO C 277 -19.13 0.89 28.84
N LYS C 278 -19.84 -0.23 28.80
CA LYS C 278 -20.28 -0.95 30.00
C LYS C 278 -19.10 -1.51 30.77
N PRO C 279 -19.10 -1.33 32.09
CA PRO C 279 -17.98 -1.80 32.93
C PRO C 279 -17.81 -3.31 32.85
N SER C 280 -18.89 -4.04 32.59
CA SER C 280 -18.82 -5.49 32.40
C SER C 280 -17.97 -5.80 31.17
N THR C 281 -18.29 -5.13 30.06
CA THR C 281 -17.65 -5.44 28.79
C THR C 281 -16.18 -5.02 28.80
N LEU C 282 -15.83 -4.09 29.68
CA LEU C 282 -14.44 -3.65 29.83
C LEU C 282 -13.63 -4.66 30.62
N ALA C 283 -14.24 -5.22 31.66
CA ALA C 283 -13.59 -6.25 32.46
C ALA C 283 -13.31 -7.45 31.58
N ASN C 284 -14.22 -7.74 30.66
CA ASN C 284 -13.97 -8.80 29.69
C ASN C 284 -12.86 -8.42 28.72
N TYR C 285 -12.94 -7.19 28.21
CA TYR C 285 -11.95 -6.68 27.29
C TYR C 285 -10.55 -6.78 27.87
N TYR C 286 -10.37 -6.26 29.08
CA TYR C 286 -9.07 -6.28 29.74
C TYR C 286 -8.63 -7.70 30.02
N GLU C 287 -9.58 -8.55 30.35
CA GLU C 287 -9.28 -9.93 30.69
C GLU C 287 -8.82 -10.66 29.41
N ASN C 288 -9.25 -10.15 28.26
CA ASN C 288 -8.79 -10.69 26.98
C ASN C 288 -7.41 -10.14 26.66
N LEU C 289 -7.17 -8.89 27.04
CA LEU C 289 -5.87 -8.29 26.76
C LEU C 289 -4.78 -9.04 27.50
N VAL C 290 -5.07 -9.56 28.70
CA VAL C 290 -4.05 -10.32 29.41
C VAL C 290 -3.67 -11.60 28.67
N LYS C 291 -4.63 -12.23 28.01
CA LYS C 291 -4.34 -13.45 27.25
C LYS C 291 -3.55 -13.11 26.00
N VAL C 292 -4.03 -12.11 25.26
CA VAL C 292 -3.34 -11.67 24.04
C VAL C 292 -1.88 -11.32 24.32
N PHE C 293 -1.64 -10.49 25.32
CA PHE C 293 -0.29 -9.99 25.58
C PHE C 293 0.70 -11.00 26.14
N PHE C 294 0.18 -12.09 26.70
CA PHE C 294 1.04 -13.16 27.16
C PHE C 294 1.57 -13.95 25.97
N VAL C 295 0.70 -14.24 25.02
CA VAL C 295 1.05 -14.93 23.80
C VAL C 295 1.93 -14.01 22.96
N SER C 296 1.73 -12.71 23.15
CA SER C 296 2.33 -11.67 22.34
C SER C 296 3.81 -11.46 22.65
N GLY C 297 4.24 -11.86 23.84
CA GLY C 297 5.62 -11.63 24.22
C GLY C 297 5.88 -10.21 24.68
N ASP C 298 4.78 -9.52 25.00
CA ASP C 298 4.80 -8.18 25.62
C ASP C 298 4.48 -8.32 27.11
N PRO C 299 5.50 -8.44 27.95
CA PRO C 299 5.23 -8.81 29.34
C PRO C 299 4.71 -7.65 30.17
N LEU C 300 5.11 -6.44 29.78
CA LEU C 300 4.70 -5.25 30.50
C LEU C 300 3.24 -4.93 30.26
N LEU C 301 2.79 -5.12 29.03
CA LEU C 301 1.41 -4.87 28.69
C LEU C 301 0.52 -5.89 29.41
N HIS C 302 1.01 -7.11 29.49
CA HIS C 302 0.33 -8.20 30.18
C HIS C 302 -0.03 -7.83 31.61
N THR C 303 0.96 -7.33 32.35
CA THR C 303 0.74 -6.95 33.73
C THR C 303 -0.19 -5.73 33.82
N THR C 304 -0.02 -4.77 32.91
CA THR C 304 -0.87 -3.58 32.93
C THR C 304 -2.33 -3.96 32.71
N ALA C 305 -2.60 -4.80 31.72
CA ALA C 305 -3.95 -5.27 31.47
C ALA C 305 -4.52 -5.99 32.71
N TRP C 306 -3.70 -6.77 33.40
CA TRP C 306 -4.12 -7.38 34.65
C TRP C 306 -4.53 -6.35 35.69
N LYS C 307 -3.74 -5.27 35.79
CA LYS C 307 -3.98 -4.23 36.78
C LYS C 307 -5.26 -3.50 36.44
N LYS C 308 -5.45 -3.21 35.16
CA LYS C 308 -6.66 -2.54 34.69
C LYS C 308 -7.90 -3.38 35.01
N PHE C 309 -7.75 -4.69 34.94
CA PHE C 309 -8.83 -5.60 35.28
C PHE C 309 -9.05 -5.72 36.77
N TYR C 310 -7.96 -5.73 37.53
CA TYR C 310 -8.05 -5.86 38.97
C TYR C 310 -8.74 -4.65 39.58
N LYS C 311 -8.37 -3.46 39.10
CA LYS C 311 -8.97 -2.22 39.57
C LYS C 311 -10.48 -2.20 39.30
N LEU C 312 -10.88 -2.90 38.24
CA LEU C 312 -12.26 -2.91 37.83
C LEU C 312 -13.07 -4.04 38.49
N TYR C 313 -12.40 -5.12 38.85
CA TYR C 313 -13.04 -6.27 39.46
C TYR C 313 -13.15 -6.10 40.97
N SER C 314 -12.45 -5.12 41.50
CA SER C 314 -12.50 -4.85 42.94
C SER C 314 -13.73 -4.02 43.28
N THR C 315 -14.61 -3.84 42.31
CA THR C 315 -15.85 -3.13 42.51
C THR C 315 -16.97 -4.06 42.05
N ASN C 316 -16.74 -5.35 42.23
CA ASN C 316 -17.75 -6.34 41.94
C ASN C 316 -18.38 -6.84 43.22
N PRO C 317 -19.71 -7.02 43.20
CA PRO C 317 -20.38 -7.48 44.42
C PRO C 317 -20.18 -8.96 44.67
N ARG C 318 -19.92 -9.74 43.62
CA ARG C 318 -19.74 -11.17 43.79
C ARG C 318 -18.29 -11.57 43.51
N ALA C 319 -17.38 -11.04 44.32
CA ALA C 319 -15.96 -11.24 44.15
C ALA C 319 -15.35 -11.80 45.43
N THR C 320 -15.08 -13.09 45.45
CA THR C 320 -14.57 -13.75 46.65
C THR C 320 -13.19 -13.22 47.03
N GLU C 321 -12.85 -13.30 48.31
CA GLU C 321 -11.52 -12.88 48.75
C GLU C 321 -10.46 -13.81 48.18
N GLU C 322 -10.85 -15.06 47.91
CA GLU C 322 -9.92 -16.06 47.39
C GLU C 322 -9.41 -15.67 45.99
N GLU C 323 -10.23 -14.93 45.26
CA GLU C 323 -9.83 -14.45 43.94
C GLU C 323 -8.82 -13.32 44.06
N PHE C 324 -9.13 -12.33 44.91
CA PHE C 324 -8.18 -11.26 45.20
C PHE C 324 -6.81 -11.79 45.60
N LYS C 325 -6.79 -12.90 46.33
CA LYS C 325 -5.53 -13.55 46.67
C LYS C 325 -4.82 -13.95 45.39
N THR C 326 -5.47 -14.79 44.60
CA THR C 326 -4.82 -15.36 43.43
C THR C 326 -4.52 -14.31 42.36
N TYR C 327 -5.42 -13.36 42.15
CA TYR C 327 -5.17 -12.33 41.13
C TYR C 327 -3.97 -11.45 41.49
N SER C 328 -3.96 -10.92 42.71
CA SER C 328 -2.87 -10.06 43.15
C SER C 328 -1.54 -10.78 43.04
N SER C 329 -1.55 -12.06 43.42
CA SER C 329 -0.35 -12.88 43.32
C SER C 329 0.07 -13.02 41.87
N THR C 330 -0.87 -13.44 41.03
CA THR C 330 -0.63 -13.53 39.59
C THR C 330 -0.01 -12.25 39.05
N ILE C 331 -0.64 -11.12 39.34
CA ILE C 331 -0.14 -9.82 38.90
C ILE C 331 1.30 -9.57 39.34
N PHE C 332 1.61 -9.89 40.59
CA PHE C 332 2.94 -9.68 41.14
C PHE C 332 3.95 -10.66 40.55
N LEU C 333 3.55 -11.93 40.40
CA LEU C 333 4.45 -12.93 39.82
C LEU C 333 4.82 -12.51 38.41
N SER C 334 3.84 -12.03 37.66
CA SER C 334 4.06 -11.62 36.27
C SER C 334 4.98 -10.40 36.18
N ALA C 335 5.10 -9.65 37.25
CA ALA C 335 5.95 -8.48 37.24
C ALA C 335 7.39 -8.84 37.59
N ILE C 336 7.58 -9.85 38.41
CA ILE C 336 8.92 -10.32 38.74
C ILE C 336 9.43 -11.05 37.52
N SER C 337 8.49 -11.70 36.85
CA SER C 337 8.76 -12.60 35.75
C SER C 337 9.03 -11.87 34.44
N THR C 338 9.01 -10.54 34.50
CA THR C 338 9.20 -9.73 33.29
C THR C 338 10.67 -9.66 32.92
N GLN C 339 10.97 -9.78 31.63
CA GLN C 339 12.33 -9.66 31.12
C GLN C 339 13.02 -8.39 31.64
N LEU C 340 14.29 -8.54 32.03
CA LEU C 340 15.12 -7.45 32.52
C LEU C 340 15.41 -6.36 31.48
N ASP C 341 15.04 -5.12 31.77
CA ASP C 341 15.43 -3.99 30.94
C ASP C 341 16.57 -3.21 31.57
N GLU C 342 17.40 -3.91 32.32
CA GLU C 342 18.50 -3.30 33.06
C GLU C 342 19.69 -2.93 32.16
N ILE C 343 19.56 -3.13 30.86
CA ILE C 343 20.62 -2.78 29.92
C ILE C 343 20.03 -2.27 28.62
N PRO C 344 20.58 -1.14 28.13
CA PRO C 344 20.16 -0.48 26.89
C PRO C 344 20.00 -1.45 25.74
N SER C 345 19.00 -1.22 24.91
CA SER C 345 18.69 -2.14 23.83
C SER C 345 18.09 -1.39 22.66
N ILE C 346 18.04 -2.07 21.53
CA ILE C 346 17.56 -1.50 20.28
C ILE C 346 16.21 -0.83 20.47
N GLY C 347 16.01 0.32 19.85
CA GLY C 347 14.68 0.90 19.79
C GLY C 347 13.85 0.04 18.85
N TYR C 348 13.24 -1.00 19.40
CA TYR C 348 12.36 -1.85 18.60
C TYR C 348 11.27 -2.49 19.42
N ASP C 349 10.03 -2.15 19.10
CA ASP C 349 8.88 -2.71 19.78
C ASP C 349 7.69 -2.38 18.91
N PRO C 350 7.25 -3.34 18.09
CA PRO C 350 6.17 -3.02 17.16
C PRO C 350 4.82 -2.85 17.85
N HIS C 351 4.76 -3.13 19.16
CA HIS C 351 3.53 -2.94 19.91
C HIS C 351 3.59 -1.72 20.83
N LEU C 352 4.32 -0.69 20.40
CA LEU C 352 4.61 0.44 21.26
C LEU C 352 3.43 1.36 21.53
N ARG C 353 2.56 1.53 20.53
CA ARG C 353 1.39 2.40 20.69
C ARG C 353 0.51 1.92 21.85
N MET C 354 0.57 0.63 22.14
CA MET C 354 -0.31 0.04 23.14
C MET C 354 -0.09 0.63 24.51
N TYR C 355 1.13 1.12 24.77
CA TYR C 355 1.42 1.72 26.05
C TYR C 355 0.65 3.02 26.23
N ARG C 356 0.65 3.86 25.20
CA ARG C 356 -0.12 5.09 25.23
C ARG C 356 -1.62 4.78 25.25
N LEU C 357 -2.02 3.72 24.56
CA LEU C 357 -3.43 3.32 24.50
C LEU C 357 -3.99 2.80 25.82
N LEU C 358 -3.11 2.36 26.72
CA LEU C 358 -3.55 1.92 28.05
C LEU C 358 -3.36 3.05 29.06
N ASN C 359 -3.38 4.27 28.55
CA ASN C 359 -3.26 5.48 29.38
C ASN C 359 -1.93 5.61 30.13
N LEU C 360 -0.92 4.86 29.69
CA LEU C 360 0.41 4.99 30.26
C LEU C 360 1.13 6.14 29.54
N ASP C 361 1.79 7.00 30.31
CA ASP C 361 2.43 8.19 29.75
C ASP C 361 3.60 7.84 28.84
N ALA C 362 4.24 6.71 29.14
CA ALA C 362 5.41 6.26 28.38
C ALA C 362 5.69 4.80 28.70
N LYS C 363 6.51 4.14 27.89
CA LYS C 363 6.86 2.75 28.17
C LYS C 363 7.62 2.67 29.50
N PRO C 364 7.06 1.91 30.45
CA PRO C 364 7.63 1.83 31.80
C PRO C 364 8.81 0.89 31.86
N THR C 365 9.51 0.87 32.99
CA THR C 365 10.59 -0.08 33.16
C THR C 365 10.07 -1.25 33.96
N ARG C 366 10.84 -2.33 34.02
CA ARG C 366 10.42 -3.49 34.77
C ARG C 366 10.41 -3.16 36.26
N LYS C 367 11.39 -2.34 36.66
CA LYS C 367 11.50 -1.86 38.03
C LYS C 367 10.28 -1.03 38.42
N GLU C 368 9.87 -0.15 37.52
CA GLU C 368 8.70 0.69 37.73
C GLU C 368 7.41 -0.10 37.92
N MET C 369 7.11 -0.98 36.95
CA MET C 369 5.91 -1.82 37.00
C MET C 369 5.92 -2.61 38.30
N LEU C 370 7.10 -3.08 38.67
CA LEU C 370 7.23 -3.96 39.81
C LEU C 370 6.99 -3.15 41.08
N GLN C 371 7.38 -1.89 41.02
CA GLN C 371 7.19 -0.93 42.12
C GLN C 371 5.74 -0.52 42.32
N SER C 372 5.05 -0.29 41.20
CA SER C 372 3.66 0.15 41.18
C SER C 372 2.70 -0.87 41.76
N ILE C 373 3.17 -2.09 41.97
CA ILE C 373 2.35 -3.10 42.60
C ILE C 373 2.63 -3.09 44.09
N ILE C 374 3.88 -2.85 44.45
CA ILE C 374 4.28 -2.83 45.86
C ILE C 374 3.68 -1.63 46.58
N GLU C 375 3.58 -0.49 45.89
CA GLU C 375 3.04 0.71 46.51
C GLU C 375 1.51 0.70 46.61
N ASP C 376 0.87 0.02 45.66
CA ASP C 376 -0.59 -0.10 45.65
C ASP C 376 -1.10 -1.17 46.62
N GLU C 377 -1.46 -0.75 47.82
CA GLU C 377 -1.88 -1.69 48.86
C GLU C 377 -3.08 -2.56 48.50
N SER C 378 -3.94 -2.05 47.62
CA SER C 378 -5.13 -2.80 47.18
C SER C 378 -4.74 -4.10 46.50
N ILE C 379 -3.55 -4.12 45.89
CA ILE C 379 -3.04 -5.32 45.26
C ILE C 379 -2.06 -6.02 46.18
N TYR C 380 -1.05 -5.29 46.63
CA TYR C 380 0.04 -5.87 47.40
C TYR C 380 -0.42 -6.53 48.69
N GLY C 381 -1.51 -6.02 49.27
CA GLY C 381 -2.06 -6.61 50.47
C GLY C 381 -2.44 -8.07 50.29
N LYS C 382 -3.03 -8.38 49.14
CA LYS C 382 -3.62 -9.69 48.94
C LYS C 382 -2.66 -10.63 48.20
N VAL C 383 -1.39 -10.24 48.12
CA VAL C 383 -0.38 -11.06 47.45
C VAL C 383 0.12 -12.15 48.38
N ASP C 384 0.16 -13.39 47.89
CA ASP C 384 0.73 -14.51 48.65
C ASP C 384 2.11 -14.17 49.20
N GLU C 385 2.41 -14.67 50.39
CA GLU C 385 3.68 -14.38 51.05
C GLU C 385 4.87 -14.92 50.28
N GLU C 386 4.71 -16.13 49.76
CA GLU C 386 5.76 -16.83 49.02
C GLU C 386 6.35 -15.95 47.92
N LEU C 387 5.49 -15.17 47.27
CA LEU C 387 5.94 -14.24 46.23
C LEU C 387 6.76 -13.09 46.80
N LYS C 388 6.41 -12.64 47.99
CA LYS C 388 7.17 -11.56 48.63
C LYS C 388 8.56 -12.07 49.02
N GLU C 389 8.60 -13.32 49.49
CA GLU C 389 9.87 -13.95 49.81
C GLU C 389 10.71 -14.07 48.55
N LEU C 390 10.08 -14.57 47.49
CA LEU C 390 10.71 -14.70 46.18
C LEU C 390 11.30 -13.37 45.74
N TYR C 391 10.52 -12.32 45.90
CA TYR C 391 10.94 -10.97 45.54
C TYR C 391 12.18 -10.55 46.33
N ASP C 392 12.22 -10.89 47.62
CA ASP C 392 13.43 -10.59 48.40
C ASP C 392 14.63 -11.36 47.85
N ILE C 393 14.39 -12.63 47.52
CA ILE C 393 15.42 -13.55 47.05
C ILE C 393 16.06 -13.10 45.71
N ILE C 394 15.26 -12.44 44.88
CA ILE C 394 15.70 -12.10 43.53
C ILE C 394 15.98 -10.61 43.29
N GLU C 395 15.12 -9.73 43.78
CA GLU C 395 15.22 -8.30 43.50
C GLU C 395 15.93 -7.48 44.56
N VAL C 396 15.79 -7.87 45.81
CA VAL C 396 16.37 -7.10 46.91
C VAL C 396 17.81 -7.52 47.16
N ASN C 397 17.97 -8.64 47.86
CA ASN C 397 19.29 -9.14 48.17
C ASN C 397 19.61 -10.45 47.46
N PHE C 398 20.14 -10.34 46.25
CA PHE C 398 20.44 -11.50 45.44
C PHE C 398 21.85 -11.96 45.75
N ASP C 399 21.99 -13.20 46.20
CA ASP C 399 23.29 -13.78 46.47
C ASP C 399 23.42 -15.16 45.84
N VAL C 400 24.35 -15.30 44.89
CA VAL C 400 24.50 -16.54 44.13
C VAL C 400 24.85 -17.70 45.02
N ASP C 401 25.58 -17.40 46.09
CA ASP C 401 26.07 -18.42 47.00
C ASP C 401 24.94 -19.04 47.83
N THR C 402 23.75 -18.44 47.76
CA THR C 402 22.62 -18.92 48.54
C THR C 402 21.29 -19.00 47.77
N VAL C 403 21.27 -18.51 46.54
CA VAL C 403 20.01 -18.40 45.80
C VAL C 403 19.40 -19.77 45.45
N LYS C 404 20.25 -20.71 45.05
CA LYS C 404 19.77 -22.04 44.70
C LYS C 404 19.07 -22.69 45.88
N GLN C 405 19.63 -22.49 47.07
CA GLN C 405 19.07 -23.08 48.28
C GLN C 405 17.73 -22.44 48.63
N GLN C 406 17.72 -21.10 48.67
CA GLN C 406 16.50 -20.35 48.95
C GLN C 406 15.36 -20.75 48.03
N LEU C 407 15.63 -20.76 46.72
CA LEU C 407 14.64 -21.20 45.74
C LEU C 407 14.25 -22.65 45.99
N GLU C 408 15.19 -23.46 46.45
CA GLU C 408 14.91 -24.87 46.68
C GLU C 408 13.89 -25.02 47.79
N ASN C 409 13.98 -24.17 48.80
CA ASN C 409 13.08 -24.25 49.94
C ASN C 409 11.76 -23.53 49.71
N LEU C 410 11.76 -22.64 48.72
CA LEU C 410 10.58 -21.84 48.45
C LEU C 410 9.70 -22.48 47.38
N LEU C 411 10.32 -23.28 46.50
CA LEU C 411 9.61 -23.83 45.36
C LEU C 411 8.65 -24.95 45.75
N VAL C 412 8.88 -25.56 46.91
CA VAL C 412 7.96 -26.58 47.40
C VAL C 412 6.60 -25.94 47.70
N LYS C 413 6.61 -24.73 48.24
CA LYS C 413 5.37 -24.03 48.54
C LYS C 413 4.84 -23.35 47.28
N LEU C 414 5.73 -22.79 46.47
CA LEU C 414 5.30 -22.10 45.26
C LEU C 414 4.67 -23.00 44.20
N SER C 415 5.10 -24.26 44.15
CA SER C 415 4.63 -25.18 43.13
C SER C 415 3.12 -25.44 43.23
N SER C 416 2.62 -25.44 44.45
CA SER C 416 1.21 -25.76 44.69
C SER C 416 0.28 -24.66 44.20
N LYS C 417 0.80 -23.45 44.08
CA LYS C 417 -0.01 -22.31 43.65
C LYS C 417 -0.45 -22.52 42.21
N THR C 418 -1.73 -22.32 41.94
CA THR C 418 -2.31 -22.58 40.63
C THR C 418 -1.65 -21.79 39.50
N TYR C 419 -1.39 -20.51 39.75
CA TYR C 419 -0.91 -19.58 38.74
C TYR C 419 0.57 -19.77 38.39
N PHE C 420 1.37 -20.14 39.39
CA PHE C 420 2.82 -20.24 39.28
C PHE C 420 3.24 -21.17 38.14
N SER C 421 2.38 -22.13 37.84
CA SER C 421 2.62 -23.09 36.78
C SER C 421 2.91 -22.41 35.45
N GLN C 422 2.21 -21.32 35.14
CA GLN C 422 2.31 -20.75 33.80
C GLN C 422 3.39 -19.70 33.62
N TYR C 423 4.16 -19.43 34.67
CA TYR C 423 5.20 -18.41 34.58
C TYR C 423 6.60 -18.96 34.80
N ILE C 424 6.73 -20.28 34.84
CA ILE C 424 8.00 -20.93 35.16
C ILE C 424 9.11 -20.49 34.21
N ALA C 425 8.82 -20.49 32.91
CA ALA C 425 9.82 -20.11 31.93
C ALA C 425 10.41 -18.71 32.12
N PRO C 426 9.58 -17.64 32.06
CA PRO C 426 10.16 -16.30 32.14
C PRO C 426 10.87 -16.06 33.49
N LEU C 427 10.29 -16.62 34.54
CA LEU C 427 10.87 -16.50 35.86
C LEU C 427 12.27 -17.08 35.84
N ARG C 428 12.36 -18.32 35.38
CA ARG C 428 13.63 -19.03 35.28
C ARG C 428 14.64 -18.21 34.49
N ASP C 429 14.16 -17.63 33.40
CA ASP C 429 14.99 -16.79 32.55
C ASP C 429 15.58 -15.62 33.33
N VAL C 430 14.73 -14.94 34.10
CA VAL C 430 15.19 -13.81 34.90
C VAL C 430 16.22 -14.23 35.95
N ILE C 431 15.86 -15.25 36.71
CA ILE C 431 16.76 -15.74 37.75
C ILE C 431 18.13 -16.09 37.19
N MET C 432 18.14 -16.85 36.09
CA MET C 432 19.40 -17.26 35.49
C MET C 432 20.19 -16.09 34.92
N ARG C 433 19.50 -15.09 34.37
CA ARG C 433 20.21 -13.89 33.93
C ARG C 433 20.94 -13.30 35.10
N ARG C 434 20.23 -13.18 36.22
CA ARG C 434 20.82 -12.63 37.43
C ARG C 434 22.01 -13.45 37.90
N VAL C 435 21.88 -14.77 37.83
CA VAL C 435 22.95 -15.67 38.24
C VAL C 435 24.20 -15.48 37.40
N PHE C 436 24.02 -15.40 36.08
CA PHE C 436 25.16 -15.19 35.20
C PHE C 436 25.80 -13.83 35.42
N VAL C 437 24.98 -12.80 35.63
CA VAL C 437 25.56 -11.48 35.89
C VAL C 437 26.41 -11.51 37.14
N ALA C 438 25.82 -12.07 38.20
CA ALA C 438 26.50 -12.11 39.48
C ALA C 438 27.75 -12.99 39.45
N ALA C 439 27.70 -14.09 38.70
CA ALA C 439 28.85 -14.97 38.55
C ALA C 439 29.93 -14.23 37.78
N SER C 440 29.49 -13.41 36.83
CA SER C 440 30.36 -12.55 36.06
C SER C 440 31.09 -11.61 37.02
N GLN C 441 30.39 -11.20 38.09
CA GLN C 441 31.01 -10.38 39.12
C GLN C 441 31.92 -11.17 40.07
N LYS C 442 31.65 -12.46 40.26
CA LYS C 442 32.34 -13.26 41.27
C LYS C 442 33.61 -13.87 40.77
N PHE C 443 33.61 -14.26 39.49
CA PHE C 443 34.72 -15.03 38.93
C PHE C 443 35.45 -14.19 37.92
N THR C 444 36.62 -14.65 37.55
CA THR C 444 37.36 -14.03 36.47
C THR C 444 37.64 -15.11 35.43
N THR C 445 38.02 -16.31 35.88
CA THR C 445 38.16 -17.46 34.99
C THR C 445 37.63 -18.74 35.63
N VAL C 446 36.40 -19.09 35.29
CA VAL C 446 35.74 -20.25 35.87
C VAL C 446 35.61 -21.41 34.88
N SER C 447 35.76 -22.63 35.38
CA SER C 447 35.53 -23.81 34.59
C SER C 447 34.07 -23.82 34.15
N GLN C 448 33.82 -24.25 32.92
CA GLN C 448 32.46 -24.36 32.37
C GLN C 448 31.60 -25.32 33.19
N SER C 449 32.21 -26.40 33.68
CA SER C 449 31.49 -27.39 34.48
C SER C 449 30.96 -26.71 35.72
N GLU C 450 31.83 -25.93 36.35
CA GLU C 450 31.50 -25.25 37.60
C GLU C 450 30.44 -24.20 37.36
N LEU C 451 30.65 -23.38 36.33
CA LEU C 451 29.74 -22.30 36.01
C LEU C 451 28.35 -22.87 35.76
N TYR C 452 28.27 -23.90 34.93
CA TYR C 452 26.97 -24.44 34.53
C TYR C 452 26.25 -25.11 35.70
N LYS C 453 27.00 -25.82 36.56
CA LYS C 453 26.39 -26.45 37.74
C LYS C 453 25.91 -25.39 38.75
N LEU C 454 26.59 -24.24 38.76
CA LEU C 454 26.24 -23.13 39.65
C LEU C 454 24.96 -22.46 39.18
N ALA C 455 24.66 -22.63 37.90
CA ALA C 455 23.50 -21.98 37.31
C ALA C 455 22.36 -22.96 37.11
N THR C 456 22.49 -24.15 37.69
CA THR C 456 21.42 -25.11 37.60
C THR C 456 20.46 -24.92 38.76
N LEU C 457 19.36 -24.24 38.48
CA LEU C 457 18.32 -23.97 39.46
C LEU C 457 17.60 -25.27 39.82
N PRO C 458 16.90 -25.29 40.97
CA PRO C 458 16.13 -26.50 41.30
C PRO C 458 14.80 -26.57 40.56
N ALA C 459 14.26 -27.77 40.40
CA ALA C 459 13.00 -27.98 39.70
C ALA C 459 11.90 -27.17 40.35
N PRO C 460 11.01 -26.59 39.53
CA PRO C 460 10.92 -26.80 38.09
C PRO C 460 11.66 -25.77 37.23
N LEU C 461 12.69 -25.14 37.78
CA LEU C 461 13.45 -24.17 37.00
C LEU C 461 14.73 -24.81 36.45
N ASP C 462 14.84 -26.13 36.62
CA ASP C 462 16.02 -26.86 36.19
C ASP C 462 16.21 -26.79 34.68
N LEU C 463 17.47 -26.80 34.27
CA LEU C 463 17.81 -26.76 32.85
C LEU C 463 18.92 -27.73 32.47
N SER C 464 18.84 -28.21 31.23
CA SER C 464 19.87 -29.08 30.69
C SER C 464 21.18 -28.31 30.66
N ALA C 465 22.29 -29.03 30.81
CA ALA C 465 23.60 -28.41 30.78
C ALA C 465 23.78 -27.65 29.47
N TRP C 466 23.21 -28.22 28.41
CA TRP C 466 23.28 -27.65 27.08
C TRP C 466 22.43 -26.40 26.98
N ASP C 467 21.28 -26.42 27.63
CA ASP C 467 20.39 -25.28 27.70
C ASP C 467 20.94 -24.15 28.57
N ILE C 468 21.75 -24.52 29.57
CA ILE C 468 22.40 -23.53 30.42
C ILE C 468 23.44 -22.73 29.65
N GLU C 469 24.24 -23.42 28.85
CA GLU C 469 25.21 -22.75 27.98
C GLU C 469 24.52 -21.78 27.02
N LYS C 470 23.34 -22.18 26.52
CA LYS C 470 22.57 -21.29 25.67
C LYS C 470 22.27 -20.00 26.41
N SER C 471 21.85 -20.14 27.66
CA SER C 471 21.50 -18.99 28.47
C SER C 471 22.69 -18.08 28.69
N LEU C 472 23.85 -18.68 28.94
CA LEU C 472 25.06 -17.90 29.18
C LEU C 472 25.37 -17.06 27.96
N LEU C 473 25.23 -17.67 26.80
CA LEU C 473 25.59 -17.02 25.56
C LEU C 473 24.60 -15.93 25.22
N GLN C 474 23.32 -16.17 25.51
CA GLN C 474 22.28 -15.19 25.22
C GLN C 474 22.47 -14.01 26.14
N ALA C 475 22.85 -14.30 27.39
CA ALA C 475 23.13 -13.26 28.37
C ALA C 475 24.29 -12.39 27.88
N ALA C 476 25.22 -13.03 27.17
CA ALA C 476 26.37 -12.33 26.59
C ALA C 476 25.98 -11.47 25.39
N VAL C 477 25.07 -11.97 24.56
CA VAL C 477 24.63 -11.25 23.37
C VAL C 477 23.82 -10.00 23.73
N GLU C 478 23.03 -10.08 24.79
CA GLU C 478 22.26 -8.93 25.26
C GLU C 478 23.12 -8.01 26.12
N ASP C 479 24.41 -8.31 26.14
CA ASP C 479 25.44 -7.53 26.80
C ASP C 479 25.27 -7.41 28.31
N TYR C 480 24.79 -8.49 28.93
CA TYR C 480 24.66 -8.53 30.38
C TYR C 480 25.96 -9.04 30.97
N VAL C 481 26.88 -9.37 30.08
CA VAL C 481 28.15 -9.96 30.44
C VAL C 481 28.98 -10.08 29.16
N SER C 482 30.30 -9.85 29.24
CA SER C 482 31.18 -10.18 28.12
C SER C 482 32.06 -11.37 28.50
N ILE C 483 32.23 -12.32 27.57
CA ILE C 483 32.99 -13.53 27.86
C ILE C 483 33.98 -13.93 26.77
N THR C 484 34.93 -14.78 27.19
CA THR C 484 35.84 -15.48 26.30
C THR C 484 35.83 -16.97 26.61
N ILE C 485 35.52 -17.77 25.62
CA ILE C 485 35.49 -19.22 25.83
C ILE C 485 36.74 -19.91 25.27
N ASP C 486 37.49 -20.54 26.17
CA ASP C 486 38.64 -21.34 25.78
C ASP C 486 38.21 -22.81 25.71
N HIS C 487 37.99 -23.31 24.50
CA HIS C 487 37.43 -24.65 24.33
C HIS C 487 38.40 -25.76 24.68
N GLU C 488 39.69 -25.44 24.66
CA GLU C 488 40.72 -26.40 25.07
C GLU C 488 40.56 -26.78 26.55
N SER C 489 40.45 -25.76 27.40
CA SER C 489 40.40 -25.95 28.85
C SER C 489 38.98 -26.06 29.39
N ALA C 490 37.98 -25.84 28.54
CA ALA C 490 36.58 -25.79 28.95
C ALA C 490 36.40 -24.74 30.03
N LYS C 491 36.86 -23.53 29.76
CA LYS C 491 36.78 -22.45 30.73
C LYS C 491 36.24 -21.17 30.13
N VAL C 492 35.68 -20.33 31.00
CA VAL C 492 35.08 -19.06 30.61
C VAL C 492 35.75 -17.95 31.39
N THR C 493 36.07 -16.87 30.69
CA THR C 493 36.66 -15.71 31.33
C THR C 493 35.77 -14.50 31.17
N PHE C 494 35.41 -13.90 32.30
CA PHE C 494 34.59 -12.70 32.29
C PHE C 494 35.56 -11.55 32.36
N ALA C 495 35.16 -10.39 31.86
CA ALA C 495 35.99 -9.19 31.99
C ALA C 495 35.26 -7.96 31.49
N LYS C 496 35.01 -6.98 32.35
CA LYS C 496 35.29 -7.05 33.79
C LYS C 496 34.35 -6.09 34.51
#